data_2JA9
# 
_entry.id   2JA9 
# 
_audit_conform.dict_name       mmcif_pdbx.dic 
_audit_conform.dict_version    5.391 
_audit_conform.dict_location   http://mmcif.pdb.org/dictionaries/ascii/mmcif_pdbx.dic 
# 
loop_
_database_2.database_id 
_database_2.database_code 
_database_2.pdbx_database_accession 
_database_2.pdbx_DOI 
PDB   2JA9         pdb_00002ja9 10.2210/pdb2ja9/pdb 
PDBE  EBI-30576    ?            ?                   
WWPDB D_1290030576 ?            ?                   
# 
loop_
_pdbx_audit_revision_history.ordinal 
_pdbx_audit_revision_history.data_content_type 
_pdbx_audit_revision_history.major_revision 
_pdbx_audit_revision_history.minor_revision 
_pdbx_audit_revision_history.revision_date 
1 'Structure model' 1 0 2006-12-13 
2 'Structure model' 1 1 2011-05-08 
3 'Structure model' 1 2 2011-07-13 
4 'Structure model' 1 3 2024-05-08 
# 
_pdbx_audit_revision_details.ordinal             1 
_pdbx_audit_revision_details.revision_ordinal    1 
_pdbx_audit_revision_details.data_content_type   'Structure model' 
_pdbx_audit_revision_details.provider            repository 
_pdbx_audit_revision_details.type                'Initial release' 
_pdbx_audit_revision_details.description         ? 
_pdbx_audit_revision_details.details             ? 
# 
loop_
_pdbx_audit_revision_group.ordinal 
_pdbx_audit_revision_group.revision_ordinal 
_pdbx_audit_revision_group.data_content_type 
_pdbx_audit_revision_group.group 
1 2 'Structure model' 'Version format compliance' 
2 3 'Structure model' 'Version format compliance' 
3 4 'Structure model' 'Data collection'           
4 4 'Structure model' 'Database references'       
5 4 'Structure model' Other                       
# 
loop_
_pdbx_audit_revision_category.ordinal 
_pdbx_audit_revision_category.revision_ordinal 
_pdbx_audit_revision_category.data_content_type 
_pdbx_audit_revision_category.category 
1 4 'Structure model' chem_comp_atom       
2 4 'Structure model' chem_comp_bond       
3 4 'Structure model' database_2           
4 4 'Structure model' pdbx_database_status 
# 
loop_
_pdbx_audit_revision_item.ordinal 
_pdbx_audit_revision_item.revision_ordinal 
_pdbx_audit_revision_item.data_content_type 
_pdbx_audit_revision_item.item 
1 4 'Structure model' '_database_2.pdbx_DOI'                 
2 4 'Structure model' '_database_2.pdbx_database_accession'  
3 4 'Structure model' '_pdbx_database_status.status_code_sf' 
# 
_pdbx_database_status.status_code                     REL 
_pdbx_database_status.entry_id                        2JA9 
_pdbx_database_status.deposit_site                    PDBE 
_pdbx_database_status.process_site                    PDBE 
_pdbx_database_status.SG_entry                        . 
_pdbx_database_status.recvd_initial_deposition_date   2006-11-24 
_pdbx_database_status.pdb_format_compatible           Y 
_pdbx_database_status.status_code_sf                  REL 
_pdbx_database_status.status_code_mr                  ? 
_pdbx_database_status.status_code_cs                  ? 
_pdbx_database_status.methods_development_category    ? 
_pdbx_database_status.status_code_nmr_data            ? 
# 
loop_
_audit_author.name 
_audit_author.pdbx_ordinal 
'Oddone, A.'    1 
'Lorentzen, E.' 2 
'Basquin, J.'   3 
'Gasch, A.'     4 
'Rybin, V.'     5 
'Conti, E.'     6 
'Sattler, M.'   7 
# 
_citation.id                        primary 
_citation.title                     'Structural and Biochemical Characterization of the Yeast Exosome Component Rrp40' 
_citation.journal_abbrev            'Embo Rep.' 
_citation.journal_volume            8 
_citation.page_first                63 
_citation.page_last                 ? 
_citation.year                      2007 
_citation.journal_id_ASTM           ? 
_citation.country                   UK 
_citation.journal_id_ISSN           1469-221X 
_citation.journal_id_CSD            ? 
_citation.book_publisher            ? 
_citation.pdbx_database_id_PubMed   17159918 
_citation.pdbx_database_id_DOI      10.1038/SJ.EMBOR.7400856 
# 
loop_
_citation_author.citation_id 
_citation_author.name 
_citation_author.ordinal 
_citation_author.identifier_ORCID 
primary 'Oddone, A.'    1 ? 
primary 'Lorentzen, E.' 2 ? 
primary 'Basquin, J.'   3 ? 
primary 'Gasch, A.'     4 ? 
primary 'Rybin, V.'     5 ? 
primary 'Conti, E.'     6 ? 
primary 'Sattler, M.'   7 ? 
# 
loop_
_entity.id 
_entity.type 
_entity.src_method 
_entity.pdbx_description 
_entity.formula_weight 
_entity.pdbx_number_of_molecules 
_entity.pdbx_ec 
_entity.pdbx_mutation 
_entity.pdbx_fragment 
_entity.details 
1 polymer man 'EXOSOME COMPLEX EXONUCLEASE RRP40' 19607.514 1  3.1.13.- ? 'RESIDUES 62-236' ? 
2 water   nat water                               18.015    96 ?        ? ?                 ? 
# 
_entity_name_com.entity_id   1 
_entity_name_com.name        'RRP40, RIBOSOMAL RNA-PROCESSING PROTEIN 40' 
# 
_entity_poly.entity_id                      1 
_entity_poly.type                           'polypeptide(L)' 
_entity_poly.nstd_linkage                   no 
_entity_poly.nstd_monomer                   no 
_entity_poly.pdbx_seq_one_letter_code       
;KRYIPSVNDFVIGVIIGTFSDSYKVSLQNFSSSVSLSYMAFPNASKKNRPTLQVGDLVYARVCTAEKELEAEIECFDSTT
GRDAGFGILEDGMIIDVNLNFARQLLFNNDFPLLKVLAAHTKFEVAIGLNGKIWVKCEELSNTLACYRTIMECCQKNDTA
AFKDIAKRQFKEILT
;
_entity_poly.pdbx_seq_one_letter_code_can   
;KRYIPSVNDFVIGVIIGTFSDSYKVSLQNFSSSVSLSYMAFPNASKKNRPTLQVGDLVYARVCTAEKELEAEIECFDSTT
GRDAGFGILEDGMIIDVNLNFARQLLFNNDFPLLKVLAAHTKFEVAIGLNGKIWVKCEELSNTLACYRTIMECCQKNDTA
AFKDIAKRQFKEILT
;
_entity_poly.pdbx_strand_id                 A 
_entity_poly.pdbx_target_identifier         ? 
# 
_pdbx_entity_nonpoly.entity_id   2 
_pdbx_entity_nonpoly.name        water 
_pdbx_entity_nonpoly.comp_id     HOH 
# 
loop_
_entity_poly_seq.entity_id 
_entity_poly_seq.num 
_entity_poly_seq.mon_id 
_entity_poly_seq.hetero 
1 1   LYS n 
1 2   ARG n 
1 3   TYR n 
1 4   ILE n 
1 5   PRO n 
1 6   SER n 
1 7   VAL n 
1 8   ASN n 
1 9   ASP n 
1 10  PHE n 
1 11  VAL n 
1 12  ILE n 
1 13  GLY n 
1 14  VAL n 
1 15  ILE n 
1 16  ILE n 
1 17  GLY n 
1 18  THR n 
1 19  PHE n 
1 20  SER n 
1 21  ASP n 
1 22  SER n 
1 23  TYR n 
1 24  LYS n 
1 25  VAL n 
1 26  SER n 
1 27  LEU n 
1 28  GLN n 
1 29  ASN n 
1 30  PHE n 
1 31  SER n 
1 32  SER n 
1 33  SER n 
1 34  VAL n 
1 35  SER n 
1 36  LEU n 
1 37  SER n 
1 38  TYR n 
1 39  MET n 
1 40  ALA n 
1 41  PHE n 
1 42  PRO n 
1 43  ASN n 
1 44  ALA n 
1 45  SER n 
1 46  LYS n 
1 47  LYS n 
1 48  ASN n 
1 49  ARG n 
1 50  PRO n 
1 51  THR n 
1 52  LEU n 
1 53  GLN n 
1 54  VAL n 
1 55  GLY n 
1 56  ASP n 
1 57  LEU n 
1 58  VAL n 
1 59  TYR n 
1 60  ALA n 
1 61  ARG n 
1 62  VAL n 
1 63  CYS n 
1 64  THR n 
1 65  ALA n 
1 66  GLU n 
1 67  LYS n 
1 68  GLU n 
1 69  LEU n 
1 70  GLU n 
1 71  ALA n 
1 72  GLU n 
1 73  ILE n 
1 74  GLU n 
1 75  CYS n 
1 76  PHE n 
1 77  ASP n 
1 78  SER n 
1 79  THR n 
1 80  THR n 
1 81  GLY n 
1 82  ARG n 
1 83  ASP n 
1 84  ALA n 
1 85  GLY n 
1 86  PHE n 
1 87  GLY n 
1 88  ILE n 
1 89  LEU n 
1 90  GLU n 
1 91  ASP n 
1 92  GLY n 
1 93  MET n 
1 94  ILE n 
1 95  ILE n 
1 96  ASP n 
1 97  VAL n 
1 98  ASN n 
1 99  LEU n 
1 100 ASN n 
1 101 PHE n 
1 102 ALA n 
1 103 ARG n 
1 104 GLN n 
1 105 LEU n 
1 106 LEU n 
1 107 PHE n 
1 108 ASN n 
1 109 ASN n 
1 110 ASP n 
1 111 PHE n 
1 112 PRO n 
1 113 LEU n 
1 114 LEU n 
1 115 LYS n 
1 116 VAL n 
1 117 LEU n 
1 118 ALA n 
1 119 ALA n 
1 120 HIS n 
1 121 THR n 
1 122 LYS n 
1 123 PHE n 
1 124 GLU n 
1 125 VAL n 
1 126 ALA n 
1 127 ILE n 
1 128 GLY n 
1 129 LEU n 
1 130 ASN n 
1 131 GLY n 
1 132 LYS n 
1 133 ILE n 
1 134 TRP n 
1 135 VAL n 
1 136 LYS n 
1 137 CYS n 
1 138 GLU n 
1 139 GLU n 
1 140 LEU n 
1 141 SER n 
1 142 ASN n 
1 143 THR n 
1 144 LEU n 
1 145 ALA n 
1 146 CYS n 
1 147 TYR n 
1 148 ARG n 
1 149 THR n 
1 150 ILE n 
1 151 MET n 
1 152 GLU n 
1 153 CYS n 
1 154 CYS n 
1 155 GLN n 
1 156 LYS n 
1 157 ASN n 
1 158 ASP n 
1 159 THR n 
1 160 ALA n 
1 161 ALA n 
1 162 PHE n 
1 163 LYS n 
1 164 ASP n 
1 165 ILE n 
1 166 ALA n 
1 167 LYS n 
1 168 ARG n 
1 169 GLN n 
1 170 PHE n 
1 171 LYS n 
1 172 GLU n 
1 173 ILE n 
1 174 LEU n 
1 175 THR n 
# 
_entity_src_gen.entity_id                          1 
_entity_src_gen.pdbx_src_id                        1 
_entity_src_gen.pdbx_alt_source_flag               sample 
_entity_src_gen.pdbx_seq_type                      ? 
_entity_src_gen.pdbx_beg_seq_num                   ? 
_entity_src_gen.pdbx_end_seq_num                   ? 
_entity_src_gen.gene_src_common_name               
;BAKERS' YEAST
;
_entity_src_gen.gene_src_genus                     ? 
_entity_src_gen.pdbx_gene_src_gene                 ? 
_entity_src_gen.gene_src_species                   ? 
_entity_src_gen.gene_src_strain                    ? 
_entity_src_gen.gene_src_tissue                    ? 
_entity_src_gen.gene_src_tissue_fraction           ? 
_entity_src_gen.gene_src_details                   ? 
_entity_src_gen.pdbx_gene_src_fragment             ? 
_entity_src_gen.pdbx_gene_src_scientific_name      'SACCHAROMYCES CEREVISIAE' 
_entity_src_gen.pdbx_gene_src_ncbi_taxonomy_id     4932 
_entity_src_gen.pdbx_gene_src_variant              ? 
_entity_src_gen.pdbx_gene_src_cell_line            ? 
_entity_src_gen.pdbx_gene_src_atcc                 ? 
_entity_src_gen.pdbx_gene_src_organ                ? 
_entity_src_gen.pdbx_gene_src_organelle            ? 
_entity_src_gen.pdbx_gene_src_cell                 ? 
_entity_src_gen.pdbx_gene_src_cellular_location    ? 
_entity_src_gen.host_org_common_name               ? 
_entity_src_gen.pdbx_host_org_scientific_name      'ESCHERICHIA COLI' 
_entity_src_gen.pdbx_host_org_ncbi_taxonomy_id     469008 
_entity_src_gen.host_org_genus                     ? 
_entity_src_gen.pdbx_host_org_gene                 ? 
_entity_src_gen.pdbx_host_org_organ                ? 
_entity_src_gen.host_org_species                   ? 
_entity_src_gen.pdbx_host_org_tissue               ? 
_entity_src_gen.pdbx_host_org_tissue_fraction      ? 
_entity_src_gen.pdbx_host_org_strain               'BL21(DE3)' 
_entity_src_gen.pdbx_host_org_variant              ? 
_entity_src_gen.pdbx_host_org_cell_line            ? 
_entity_src_gen.pdbx_host_org_atcc                 ? 
_entity_src_gen.pdbx_host_org_culture_collection   ? 
_entity_src_gen.pdbx_host_org_cell                 ? 
_entity_src_gen.pdbx_host_org_organelle            ? 
_entity_src_gen.pdbx_host_org_cellular_location    ? 
_entity_src_gen.pdbx_host_org_vector_type          ? 
_entity_src_gen.pdbx_host_org_vector               ? 
_entity_src_gen.host_org_details                   ? 
_entity_src_gen.expression_system_id               ? 
_entity_src_gen.plasmid_name                       ? 
_entity_src_gen.plasmid_details                    ? 
_entity_src_gen.pdbx_description                   ? 
# 
loop_
_chem_comp.id 
_chem_comp.type 
_chem_comp.mon_nstd_flag 
_chem_comp.name 
_chem_comp.pdbx_synonyms 
_chem_comp.formula 
_chem_comp.formula_weight 
ALA 'L-peptide linking' y ALANINE         ? 'C3 H7 N O2'     89.093  
ARG 'L-peptide linking' y ARGININE        ? 'C6 H15 N4 O2 1' 175.209 
ASN 'L-peptide linking' y ASPARAGINE      ? 'C4 H8 N2 O3'    132.118 
ASP 'L-peptide linking' y 'ASPARTIC ACID' ? 'C4 H7 N O4'     133.103 
CYS 'L-peptide linking' y CYSTEINE        ? 'C3 H7 N O2 S'   121.158 
GLN 'L-peptide linking' y GLUTAMINE       ? 'C5 H10 N2 O3'   146.144 
GLU 'L-peptide linking' y 'GLUTAMIC ACID' ? 'C5 H9 N O4'     147.129 
GLY 'peptide linking'   y GLYCINE         ? 'C2 H5 N O2'     75.067  
HIS 'L-peptide linking' y HISTIDINE       ? 'C6 H10 N3 O2 1' 156.162 
HOH non-polymer         . WATER           ? 'H2 O'           18.015  
ILE 'L-peptide linking' y ISOLEUCINE      ? 'C6 H13 N O2'    131.173 
LEU 'L-peptide linking' y LEUCINE         ? 'C6 H13 N O2'    131.173 
LYS 'L-peptide linking' y LYSINE          ? 'C6 H15 N2 O2 1' 147.195 
MET 'L-peptide linking' y METHIONINE      ? 'C5 H11 N O2 S'  149.211 
PHE 'L-peptide linking' y PHENYLALANINE   ? 'C9 H11 N O2'    165.189 
PRO 'L-peptide linking' y PROLINE         ? 'C5 H9 N O2'     115.130 
SER 'L-peptide linking' y SERINE          ? 'C3 H7 N O3'     105.093 
THR 'L-peptide linking' y THREONINE       ? 'C4 H9 N O3'     119.119 
TRP 'L-peptide linking' y TRYPTOPHAN      ? 'C11 H12 N2 O2'  204.225 
TYR 'L-peptide linking' y TYROSINE        ? 'C9 H11 N O3'    181.189 
VAL 'L-peptide linking' y VALINE          ? 'C5 H11 N O2'    117.146 
# 
loop_
_pdbx_poly_seq_scheme.asym_id 
_pdbx_poly_seq_scheme.entity_id 
_pdbx_poly_seq_scheme.seq_id 
_pdbx_poly_seq_scheme.mon_id 
_pdbx_poly_seq_scheme.ndb_seq_num 
_pdbx_poly_seq_scheme.pdb_seq_num 
_pdbx_poly_seq_scheme.auth_seq_num 
_pdbx_poly_seq_scheme.pdb_mon_id 
_pdbx_poly_seq_scheme.auth_mon_id 
_pdbx_poly_seq_scheme.pdb_strand_id 
_pdbx_poly_seq_scheme.pdb_ins_code 
_pdbx_poly_seq_scheme.hetero 
A 1 1   LYS 1   62  62  LYS LYS A . n 
A 1 2   ARG 2   63  63  ARG ARG A . n 
A 1 3   TYR 3   64  64  TYR TYR A . n 
A 1 4   ILE 4   65  65  ILE ILE A . n 
A 1 5   PRO 5   66  66  PRO PRO A . n 
A 1 6   SER 6   67  67  SER SER A . n 
A 1 7   VAL 7   68  68  VAL VAL A . n 
A 1 8   ASN 8   69  69  ASN ASN A . n 
A 1 9   ASP 9   70  70  ASP ASP A . n 
A 1 10  PHE 10  71  71  PHE PHE A . n 
A 1 11  VAL 11  72  72  VAL VAL A . n 
A 1 12  ILE 12  73  73  ILE ILE A . n 
A 1 13  GLY 13  74  74  GLY GLY A . n 
A 1 14  VAL 14  75  75  VAL VAL A . n 
A 1 15  ILE 15  76  76  ILE ILE A . n 
A 1 16  ILE 16  77  77  ILE ILE A . n 
A 1 17  GLY 17  78  78  GLY GLY A . n 
A 1 18  THR 18  79  79  THR THR A . n 
A 1 19  PHE 19  80  80  PHE PHE A . n 
A 1 20  SER 20  81  81  SER SER A . n 
A 1 21  ASP 21  82  82  ASP ASP A . n 
A 1 22  SER 22  83  83  SER SER A . n 
A 1 23  TYR 23  84  84  TYR TYR A . n 
A 1 24  LYS 24  85  85  LYS LYS A . n 
A 1 25  VAL 25  86  86  VAL VAL A . n 
A 1 26  SER 26  87  87  SER SER A . n 
A 1 27  LEU 27  88  88  LEU LEU A . n 
A 1 28  GLN 28  89  89  GLN GLN A . n 
A 1 29  ASN 29  90  90  ASN ASN A . n 
A 1 30  PHE 30  91  91  PHE PHE A . n 
A 1 31  SER 31  92  92  SER SER A . n 
A 1 32  SER 32  93  93  SER SER A . n 
A 1 33  SER 33  94  94  SER SER A . n 
A 1 34  VAL 34  95  95  VAL VAL A . n 
A 1 35  SER 35  96  96  SER SER A . n 
A 1 36  LEU 36  97  97  LEU LEU A . n 
A 1 37  SER 37  98  98  SER SER A . n 
A 1 38  TYR 38  99  99  TYR TYR A . n 
A 1 39  MET 39  100 100 MET MET A . n 
A 1 40  ALA 40  101 101 ALA ALA A . n 
A 1 41  PHE 41  102 102 PHE PHE A . n 
A 1 42  PRO 42  103 103 PRO PRO A . n 
A 1 43  ASN 43  104 104 ASN ASN A . n 
A 1 44  ALA 44  105 105 ALA ALA A . n 
A 1 45  SER 45  106 106 SER SER A . n 
A 1 46  LYS 46  107 107 LYS LYS A . n 
A 1 47  LYS 47  108 108 LYS LYS A . n 
A 1 48  ASN 48  109 109 ASN ASN A . n 
A 1 49  ARG 49  110 110 ARG ARG A . n 
A 1 50  PRO 50  111 111 PRO PRO A . n 
A 1 51  THR 51  112 112 THR THR A . n 
A 1 52  LEU 52  113 113 LEU LEU A . n 
A 1 53  GLN 53  114 114 GLN GLN A . n 
A 1 54  VAL 54  115 115 VAL VAL A . n 
A 1 55  GLY 55  116 116 GLY GLY A . n 
A 1 56  ASP 56  117 117 ASP ASP A . n 
A 1 57  LEU 57  118 118 LEU LEU A . n 
A 1 58  VAL 58  119 119 VAL VAL A . n 
A 1 59  TYR 59  120 120 TYR TYR A . n 
A 1 60  ALA 60  121 121 ALA ALA A . n 
A 1 61  ARG 61  122 122 ARG ARG A . n 
A 1 62  VAL 62  123 123 VAL VAL A . n 
A 1 63  CYS 63  124 124 CYS CYS A . n 
A 1 64  THR 64  125 125 THR THR A . n 
A 1 65  ALA 65  126 126 ALA ALA A . n 
A 1 66  GLU 66  127 127 GLU GLU A . n 
A 1 67  LYS 67  128 128 LYS LYS A . n 
A 1 68  GLU 68  129 129 GLU GLU A . n 
A 1 69  LEU 69  130 130 LEU LEU A . n 
A 1 70  GLU 70  131 131 GLU GLU A . n 
A 1 71  ALA 71  132 132 ALA ALA A . n 
A 1 72  GLU 72  133 133 GLU GLU A . n 
A 1 73  ILE 73  134 134 ILE ILE A . n 
A 1 74  GLU 74  135 135 GLU GLU A . n 
A 1 75  CYS 75  136 136 CYS CYS A . n 
A 1 76  PHE 76  137 137 PHE PHE A . n 
A 1 77  ASP 77  138 138 ASP ASP A . n 
A 1 78  SER 78  139 139 SER SER A . n 
A 1 79  THR 79  140 140 THR THR A . n 
A 1 80  THR 80  141 141 THR THR A . n 
A 1 81  GLY 81  142 142 GLY GLY A . n 
A 1 82  ARG 82  143 143 ARG ARG A . n 
A 1 83  ASP 83  144 144 ASP ASP A . n 
A 1 84  ALA 84  145 145 ALA ALA A . n 
A 1 85  GLY 85  146 146 GLY GLY A . n 
A 1 86  PHE 86  147 147 PHE PHE A . n 
A 1 87  GLY 87  148 148 GLY GLY A . n 
A 1 88  ILE 88  149 149 ILE ILE A . n 
A 1 89  LEU 89  150 150 LEU LEU A . n 
A 1 90  GLU 90  151 151 GLU GLU A . n 
A 1 91  ASP 91  152 152 ASP ASP A . n 
A 1 92  GLY 92  153 153 GLY GLY A . n 
A 1 93  MET 93  154 154 MET MET A . n 
A 1 94  ILE 94  155 155 ILE ILE A . n 
A 1 95  ILE 95  156 156 ILE ILE A . n 
A 1 96  ASP 96  157 157 ASP ASP A . n 
A 1 97  VAL 97  158 158 VAL VAL A . n 
A 1 98  ASN 98  159 159 ASN ASN A . n 
A 1 99  LEU 99  160 160 LEU LEU A . n 
A 1 100 ASN 100 161 161 ASN ASN A . n 
A 1 101 PHE 101 162 162 PHE PHE A . n 
A 1 102 ALA 102 163 163 ALA ALA A . n 
A 1 103 ARG 103 164 164 ARG ARG A . n 
A 1 104 GLN 104 165 165 GLN GLN A . n 
A 1 105 LEU 105 166 166 LEU LEU A . n 
A 1 106 LEU 106 167 167 LEU LEU A . n 
A 1 107 PHE 107 168 168 PHE PHE A . n 
A 1 108 ASN 108 169 169 ASN ASN A . n 
A 1 109 ASN 109 170 170 ASN ASN A . n 
A 1 110 ASP 110 171 171 ASP ASP A . n 
A 1 111 PHE 111 172 172 PHE PHE A . n 
A 1 112 PRO 112 173 173 PRO PRO A . n 
A 1 113 LEU 113 174 174 LEU LEU A . n 
A 1 114 LEU 114 175 175 LEU LEU A . n 
A 1 115 LYS 115 176 176 LYS LYS A . n 
A 1 116 VAL 116 177 177 VAL VAL A . n 
A 1 117 LEU 117 178 178 LEU LEU A . n 
A 1 118 ALA 118 179 179 ALA ALA A . n 
A 1 119 ALA 119 180 180 ALA ALA A . n 
A 1 120 HIS 120 181 181 HIS HIS A . n 
A 1 121 THR 121 182 182 THR THR A . n 
A 1 122 LYS 122 183 183 LYS LYS A . n 
A 1 123 PHE 123 184 184 PHE PHE A . n 
A 1 124 GLU 124 185 185 GLU GLU A . n 
A 1 125 VAL 125 186 186 VAL VAL A . n 
A 1 126 ALA 126 187 187 ALA ALA A . n 
A 1 127 ILE 127 188 188 ILE ILE A . n 
A 1 128 GLY 128 189 189 GLY GLY A . n 
A 1 129 LEU 129 190 190 LEU LEU A . n 
A 1 130 ASN 130 191 191 ASN ASN A . n 
A 1 131 GLY 131 192 192 GLY GLY A . n 
A 1 132 LYS 132 193 193 LYS LYS A . n 
A 1 133 ILE 133 194 194 ILE ILE A . n 
A 1 134 TRP 134 195 195 TRP TRP A . n 
A 1 135 VAL 135 196 196 VAL VAL A . n 
A 1 136 LYS 136 197 197 LYS LYS A . n 
A 1 137 CYS 137 198 198 CYS CYS A . n 
A 1 138 GLU 138 199 199 GLU GLU A . n 
A 1 139 GLU 139 200 200 GLU GLU A . n 
A 1 140 LEU 140 201 201 LEU LEU A . n 
A 1 141 SER 141 202 202 SER SER A . n 
A 1 142 ASN 142 203 203 ASN ASN A . n 
A 1 143 THR 143 204 204 THR THR A . n 
A 1 144 LEU 144 205 205 LEU LEU A . n 
A 1 145 ALA 145 206 206 ALA ALA A . n 
A 1 146 CYS 146 207 207 CYS CYS A . n 
A 1 147 TYR 147 208 208 TYR TYR A . n 
A 1 148 ARG 148 209 209 ARG ARG A . n 
A 1 149 THR 149 210 210 THR THR A . n 
A 1 150 ILE 150 211 211 ILE ILE A . n 
A 1 151 MET 151 212 212 MET MET A . n 
A 1 152 GLU 152 213 213 GLU GLU A . n 
A 1 153 CYS 153 214 214 CYS CYS A . n 
A 1 154 CYS 154 215 215 CYS CYS A . n 
A 1 155 GLN 155 216 216 GLN GLN A . n 
A 1 156 LYS 156 217 217 LYS LYS A . n 
A 1 157 ASN 157 218 218 ASN ASN A . n 
A 1 158 ASP 158 219 219 ASP ASP A . n 
A 1 159 THR 159 220 220 THR THR A . n 
A 1 160 ALA 160 221 221 ALA ALA A . n 
A 1 161 ALA 161 222 222 ALA ALA A . n 
A 1 162 PHE 162 223 223 PHE PHE A . n 
A 1 163 LYS 163 224 224 LYS LYS A . n 
A 1 164 ASP 164 225 225 ASP ASP A . n 
A 1 165 ILE 165 226 226 ILE ILE A . n 
A 1 166 ALA 166 227 227 ALA ALA A . n 
A 1 167 LYS 167 228 228 LYS LYS A . n 
A 1 168 ARG 168 229 229 ARG ARG A . n 
A 1 169 GLN 169 230 230 GLN GLN A . n 
A 1 170 PHE 170 231 231 PHE PHE A . n 
A 1 171 LYS 171 232 232 LYS LYS A . n 
A 1 172 GLU 172 233 233 GLU GLU A . n 
A 1 173 ILE 173 234 234 ILE ILE A . n 
A 1 174 LEU 174 235 235 LEU LEU A . n 
A 1 175 THR 175 236 236 THR THR A . n 
# 
loop_
_pdbx_nonpoly_scheme.asym_id 
_pdbx_nonpoly_scheme.entity_id 
_pdbx_nonpoly_scheme.mon_id 
_pdbx_nonpoly_scheme.ndb_seq_num 
_pdbx_nonpoly_scheme.pdb_seq_num 
_pdbx_nonpoly_scheme.auth_seq_num 
_pdbx_nonpoly_scheme.pdb_mon_id 
_pdbx_nonpoly_scheme.auth_mon_id 
_pdbx_nonpoly_scheme.pdb_strand_id 
_pdbx_nonpoly_scheme.pdb_ins_code 
B 2 HOH 1  2001 2001 HOH HOH A . 
B 2 HOH 2  2002 2002 HOH HOH A . 
B 2 HOH 3  2003 2003 HOH HOH A . 
B 2 HOH 4  2004 2004 HOH HOH A . 
B 2 HOH 5  2005 2005 HOH HOH A . 
B 2 HOH 6  2006 2006 HOH HOH A . 
B 2 HOH 7  2007 2007 HOH HOH A . 
B 2 HOH 8  2008 2008 HOH HOH A . 
B 2 HOH 9  2009 2009 HOH HOH A . 
B 2 HOH 10 2010 2010 HOH HOH A . 
B 2 HOH 11 2011 2011 HOH HOH A . 
B 2 HOH 12 2012 2012 HOH HOH A . 
B 2 HOH 13 2013 2013 HOH HOH A . 
B 2 HOH 14 2014 2014 HOH HOH A . 
B 2 HOH 15 2015 2015 HOH HOH A . 
B 2 HOH 16 2016 2016 HOH HOH A . 
B 2 HOH 17 2017 2017 HOH HOH A . 
B 2 HOH 18 2018 2018 HOH HOH A . 
B 2 HOH 19 2019 2019 HOH HOH A . 
B 2 HOH 20 2020 2020 HOH HOH A . 
B 2 HOH 21 2021 2021 HOH HOH A . 
B 2 HOH 22 2022 2022 HOH HOH A . 
B 2 HOH 23 2023 2023 HOH HOH A . 
B 2 HOH 24 2024 2024 HOH HOH A . 
B 2 HOH 25 2025 2025 HOH HOH A . 
B 2 HOH 26 2026 2026 HOH HOH A . 
B 2 HOH 27 2027 2027 HOH HOH A . 
B 2 HOH 28 2028 2028 HOH HOH A . 
B 2 HOH 29 2029 2029 HOH HOH A . 
B 2 HOH 30 2030 2030 HOH HOH A . 
B 2 HOH 31 2031 2031 HOH HOH A . 
B 2 HOH 32 2032 2032 HOH HOH A . 
B 2 HOH 33 2033 2033 HOH HOH A . 
B 2 HOH 34 2034 2034 HOH HOH A . 
B 2 HOH 35 2035 2035 HOH HOH A . 
B 2 HOH 36 2036 2036 HOH HOH A . 
B 2 HOH 37 2037 2037 HOH HOH A . 
B 2 HOH 38 2038 2038 HOH HOH A . 
B 2 HOH 39 2039 2039 HOH HOH A . 
B 2 HOH 40 2040 2040 HOH HOH A . 
B 2 HOH 41 2041 2041 HOH HOH A . 
B 2 HOH 42 2042 2042 HOH HOH A . 
B 2 HOH 43 2043 2043 HOH HOH A . 
B 2 HOH 44 2044 2044 HOH HOH A . 
B 2 HOH 45 2045 2045 HOH HOH A . 
B 2 HOH 46 2046 2046 HOH HOH A . 
B 2 HOH 47 2047 2047 HOH HOH A . 
B 2 HOH 48 2048 2048 HOH HOH A . 
B 2 HOH 49 2049 2049 HOH HOH A . 
B 2 HOH 50 2050 2050 HOH HOH A . 
B 2 HOH 51 2051 2051 HOH HOH A . 
B 2 HOH 52 2052 2052 HOH HOH A . 
B 2 HOH 53 2053 2053 HOH HOH A . 
B 2 HOH 54 2054 2054 HOH HOH A . 
B 2 HOH 55 2055 2055 HOH HOH A . 
B 2 HOH 56 2056 2056 HOH HOH A . 
B 2 HOH 57 2057 2057 HOH HOH A . 
B 2 HOH 58 2058 2058 HOH HOH A . 
B 2 HOH 59 2059 2059 HOH HOH A . 
B 2 HOH 60 2060 2060 HOH HOH A . 
B 2 HOH 61 2061 2061 HOH HOH A . 
B 2 HOH 62 2062 2062 HOH HOH A . 
B 2 HOH 63 2063 2063 HOH HOH A . 
B 2 HOH 64 2064 2064 HOH HOH A . 
B 2 HOH 65 2065 2065 HOH HOH A . 
B 2 HOH 66 2066 2066 HOH HOH A . 
B 2 HOH 67 2067 2067 HOH HOH A . 
B 2 HOH 68 2068 2068 HOH HOH A . 
B 2 HOH 69 2069 2069 HOH HOH A . 
B 2 HOH 70 2070 2070 HOH HOH A . 
B 2 HOH 71 2071 2071 HOH HOH A . 
B 2 HOH 72 2072 2072 HOH HOH A . 
B 2 HOH 73 2073 2073 HOH HOH A . 
B 2 HOH 74 2074 2074 HOH HOH A . 
B 2 HOH 75 2075 2075 HOH HOH A . 
B 2 HOH 76 2076 2076 HOH HOH A . 
B 2 HOH 77 2077 2077 HOH HOH A . 
B 2 HOH 78 2078 2078 HOH HOH A . 
B 2 HOH 79 2079 2079 HOH HOH A . 
B 2 HOH 80 2080 2080 HOH HOH A . 
B 2 HOH 81 2081 2081 HOH HOH A . 
B 2 HOH 82 2082 2082 HOH HOH A . 
B 2 HOH 83 2083 2083 HOH HOH A . 
B 2 HOH 84 2084 2084 HOH HOH A . 
B 2 HOH 85 2085 2085 HOH HOH A . 
B 2 HOH 86 2086 2086 HOH HOH A . 
B 2 HOH 87 2087 2087 HOH HOH A . 
B 2 HOH 88 2088 2088 HOH HOH A . 
B 2 HOH 89 2089 2089 HOH HOH A . 
B 2 HOH 90 2090 2090 HOH HOH A . 
B 2 HOH 91 2091 2091 HOH HOH A . 
B 2 HOH 92 2092 2092 HOH HOH A . 
B 2 HOH 93 2093 2093 HOH HOH A . 
B 2 HOH 94 2094 2094 HOH HOH A . 
B 2 HOH 95 2095 2095 HOH HOH A . 
B 2 HOH 96 2096 2096 HOH HOH A . 
# 
loop_
_pdbx_unobs_or_zero_occ_atoms.id 
_pdbx_unobs_or_zero_occ_atoms.PDB_model_num 
_pdbx_unobs_or_zero_occ_atoms.polymer_flag 
_pdbx_unobs_or_zero_occ_atoms.occupancy_flag 
_pdbx_unobs_or_zero_occ_atoms.auth_asym_id 
_pdbx_unobs_or_zero_occ_atoms.auth_comp_id 
_pdbx_unobs_or_zero_occ_atoms.auth_seq_id 
_pdbx_unobs_or_zero_occ_atoms.PDB_ins_code 
_pdbx_unobs_or_zero_occ_atoms.auth_atom_id 
_pdbx_unobs_or_zero_occ_atoms.label_alt_id 
_pdbx_unobs_or_zero_occ_atoms.label_asym_id 
_pdbx_unobs_or_zero_occ_atoms.label_comp_id 
_pdbx_unobs_or_zero_occ_atoms.label_seq_id 
_pdbx_unobs_or_zero_occ_atoms.label_atom_id 
1  1 Y 1 A LYS 62  ? CE  ? A LYS 1   CE  
2  1 Y 1 A LYS 62  ? NZ  ? A LYS 1   NZ  
3  1 Y 1 A ARG 63  ? CG  ? A ARG 2   CG  
4  1 Y 1 A ARG 63  ? CD  ? A ARG 2   CD  
5  1 Y 1 A ARG 63  ? NE  ? A ARG 2   NE  
6  1 Y 1 A ARG 63  ? CZ  ? A ARG 2   CZ  
7  1 Y 1 A ARG 63  ? NH1 ? A ARG 2   NH1 
8  1 Y 1 A ARG 63  ? NH2 ? A ARG 2   NH2 
9  1 Y 1 A LYS 108 ? CD  ? A LYS 47  CD  
10 1 Y 1 A LYS 108 ? CE  ? A LYS 47  CE  
11 1 Y 1 A LYS 108 ? NZ  ? A LYS 47  NZ  
12 1 Y 1 A LYS 128 ? CB  ? A LYS 67  CB  
13 1 Y 1 A LYS 128 ? CG  ? A LYS 67  CG  
14 1 Y 1 A LYS 128 ? CD  ? A LYS 67  CD  
15 1 Y 1 A LYS 128 ? CE  ? A LYS 67  CE  
16 1 Y 1 A LYS 128 ? NZ  ? A LYS 67  NZ  
17 1 Y 1 A GLU 129 ? CB  ? A GLU 68  CB  
18 1 Y 1 A GLU 129 ? CG  ? A GLU 68  CG  
19 1 Y 1 A GLU 129 ? CD  ? A GLU 68  CD  
20 1 Y 1 A GLU 129 ? OE1 ? A GLU 68  OE1 
21 1 Y 1 A GLU 129 ? OE2 ? A GLU 68  OE2 
22 1 Y 1 A LYS 176 ? CG  ? A LYS 115 CG  
23 1 Y 1 A LYS 176 ? CD  ? A LYS 115 CD  
24 1 Y 1 A LYS 176 ? CE  ? A LYS 115 CE  
25 1 Y 1 A LYS 176 ? NZ  ? A LYS 115 NZ  
26 1 Y 1 A LYS 232 ? CG  ? A LYS 171 CG  
27 1 Y 1 A LYS 232 ? CD  ? A LYS 171 CD  
28 1 Y 1 A LYS 232 ? CE  ? A LYS 171 CE  
29 1 Y 1 A LYS 232 ? NZ  ? A LYS 171 NZ  
30 1 Y 1 A GLU 233 ? CG  ? A GLU 172 CG  
31 1 Y 1 A GLU 233 ? CD  ? A GLU 172 CD  
32 1 Y 1 A GLU 233 ? OE1 ? A GLU 172 OE1 
33 1 Y 1 A GLU 233 ? OE2 ? A GLU 172 OE2 
34 1 Y 1 A LEU 235 ? CG  ? A LEU 174 CG  
35 1 Y 1 A LEU 235 ? CD1 ? A LEU 174 CD1 
36 1 Y 1 A LEU 235 ? CD2 ? A LEU 174 CD2 
# 
loop_
_software.name 
_software.classification 
_software.version 
_software.citation_id 
_software.pdbx_ordinal 
REFMAC refinement 5.2.0005 ? 1 
SHELX  phasing    .        ? 2 
# 
_cell.entry_id           2JA9 
_cell.length_a           153.510 
_cell.length_b           153.510 
_cell.length_c           153.510 
_cell.angle_alpha        90.00 
_cell.angle_beta         90.00 
_cell.angle_gamma        90.00 
_cell.Z_PDB              48 
_cell.pdbx_unique_axis   ? 
# 
_symmetry.entry_id                         2JA9 
_symmetry.space_group_name_H-M             'I 41 3 2' 
_symmetry.pdbx_full_space_group_name_H-M   ? 
_symmetry.cell_setting                     ? 
_symmetry.Int_Tables_number                214 
# 
_exptl.entry_id          2JA9 
_exptl.method            'X-RAY DIFFRACTION' 
_exptl.crystals_number   ? 
# 
_exptl_crystal.id                    1 
_exptl_crystal.density_meas          ? 
_exptl_crystal.density_Matthews      3.60 
_exptl_crystal.density_percent_sol   65.60 
_exptl_crystal.description           ? 
# 
_exptl_crystal_grow.crystal_id      1 
_exptl_crystal_grow.method          ? 
_exptl_crystal_grow.temp            ? 
_exptl_crystal_grow.temp_details    ? 
_exptl_crystal_grow.pH              ? 
_exptl_crystal_grow.pdbx_pH_range   ? 
_exptl_crystal_grow.pdbx_details    '20% (W/V) PEG 3350,200 MM NA2SO4' 
# 
_diffrn.id                     1 
_diffrn.ambient_temp           100.0 
_diffrn.ambient_temp_details   ? 
_diffrn.crystal_id             1 
# 
_diffrn_detector.diffrn_id              1 
_diffrn_detector.detector               CCD 
_diffrn_detector.type                   MARRESEARCH 
_diffrn_detector.pdbx_collection_date   ? 
_diffrn_detector.details                ? 
# 
_diffrn_radiation.diffrn_id                        1 
_diffrn_radiation.wavelength_id                    1 
_diffrn_radiation.pdbx_monochromatic_or_laue_m_l   M 
_diffrn_radiation.monochromator                    ? 
_diffrn_radiation.pdbx_diffrn_protocol             'SINGLE WAVELENGTH' 
_diffrn_radiation.pdbx_scattering_type             x-ray 
# 
_diffrn_radiation_wavelength.id           1 
_diffrn_radiation_wavelength.wavelength   0.979 
_diffrn_radiation_wavelength.wt           1.0 
# 
_diffrn_source.diffrn_id                   1 
_diffrn_source.source                      SYNCHROTRON 
_diffrn_source.type                        'SLS BEAMLINE X06SA' 
_diffrn_source.pdbx_synchrotron_site       SLS 
_diffrn_source.pdbx_synchrotron_beamline   X06SA 
_diffrn_source.pdbx_wavelength             0.979 
_diffrn_source.pdbx_wavelength_list        ? 
# 
_reflns.pdbx_diffrn_id               1 
_reflns.pdbx_ordinal                 1 
_reflns.entry_id                     2JA9 
_reflns.observed_criterion_sigma_I   ? 
_reflns.observed_criterion_sigma_F   ? 
_reflns.d_resolution_low             50.000 
_reflns.d_resolution_high            2.200 
_reflns.number_obs                   15115 
_reflns.number_all                   ? 
_reflns.percent_possible_obs         99.0 
_reflns.pdbx_Rmerge_I_obs            0.12000 
_reflns.pdbx_Rsym_value              ? 
_reflns.pdbx_netI_over_sigmaI        34.0000 
_reflns.B_iso_Wilson_estimate        ? 
_reflns.pdbx_redundancy              45.000 
# 
_reflns_shell.pdbx_diffrn_id         1 
_reflns_shell.pdbx_ordinal           1 
_reflns_shell.d_res_high             2.20 
_reflns_shell.d_res_low              ? 
_reflns_shell.percent_possible_all   97.2 
_reflns_shell.Rmerge_I_obs           0.59000 
_reflns_shell.pdbx_Rsym_value        ? 
_reflns_shell.meanI_over_sigI_obs    8.900 
_reflns_shell.pdbx_redundancy        36.00 
# 
_refine.pdbx_refine_id                           'X-RAY DIFFRACTION' 
_refine.entry_id                                 2JA9 
_refine.pdbx_diffrn_id                           1 
_refine.pdbx_TLS_residual_ADP_flag               ? 
_refine.ls_number_reflns_obs                     15115 
_refine.ls_number_reflns_all                     ? 
_refine.pdbx_ls_sigma_I                          ? 
_refine.pdbx_ls_sigma_F                          ? 
_refine.pdbx_data_cutoff_high_absF               ? 
_refine.pdbx_data_cutoff_low_absF                ? 
_refine.pdbx_data_cutoff_high_rms_absF           ? 
_refine.ls_d_res_low                             14.91 
_refine.ls_d_res_high                            2.20 
_refine.ls_percent_reflns_obs                    100.0 
_refine.ls_R_factor_obs                          0.190 
_refine.ls_R_factor_all                          ? 
_refine.ls_R_factor_R_work                       0.189 
_refine.ls_R_factor_R_free                       0.206 
_refine.ls_R_factor_R_free_error                 ? 
_refine.ls_R_factor_R_free_error_details         ? 
_refine.ls_percent_reflns_R_free                 5.000 
_refine.ls_number_reflns_R_free                  796 
_refine.ls_number_parameters                     ? 
_refine.ls_number_restraints                     ? 
_refine.occupancy_min                            ? 
_refine.occupancy_max                            ? 
_refine.correlation_coeff_Fo_to_Fc               0.956 
_refine.correlation_coeff_Fo_to_Fc_free          0.951 
_refine.B_iso_mean                               42.22 
_refine.aniso_B[1][1]                            ? 
_refine.aniso_B[2][2]                            ? 
_refine.aniso_B[3][3]                            ? 
_refine.aniso_B[1][2]                            ? 
_refine.aniso_B[1][3]                            ? 
_refine.aniso_B[2][3]                            ? 
_refine.solvent_model_details                    MASK 
_refine.solvent_model_param_ksol                 ? 
_refine.solvent_model_param_bsol                 ? 
_refine.pdbx_solvent_vdw_probe_radii             1.20 
_refine.pdbx_solvent_ion_probe_radii             0.80 
_refine.pdbx_solvent_shrinkage_radii             0.80 
_refine.pdbx_ls_cross_valid_method               THROUGHOUT 
_refine.details                                  'HYDROGENS HAVE BEEN ADDED IN THE RIDING POSITIONS' 
_refine.pdbx_starting_model                      ? 
_refine.pdbx_method_to_determine_struct          SAD 
_refine.pdbx_isotropic_thermal_model             ? 
_refine.pdbx_stereochemistry_target_values       'MAXIMUM LIKELIHOOD' 
_refine.pdbx_stereochem_target_val_spec_case     ? 
_refine.pdbx_R_Free_selection_details            RANDOM 
_refine.pdbx_overall_ESU_R                       0.167 
_refine.pdbx_overall_ESU_R_Free                  0.143 
_refine.overall_SU_ML                            0.110 
_refine.pdbx_overall_phase_error                 ? 
_refine.overall_SU_B                             8.480 
_refine.overall_SU_R_Cruickshank_DPI             ? 
_refine.pdbx_overall_SU_R_free_Cruickshank_DPI   ? 
_refine.pdbx_overall_SU_R_Blow_DPI               ? 
_refine.pdbx_overall_SU_R_free_Blow_DPI          ? 
# 
_refine_hist.pdbx_refine_id                   'X-RAY DIFFRACTION' 
_refine_hist.cycle_id                         LAST 
_refine_hist.pdbx_number_atoms_protein        1338 
_refine_hist.pdbx_number_atoms_nucleic_acid   0 
_refine_hist.pdbx_number_atoms_ligand         0 
_refine_hist.number_atoms_solvent             96 
_refine_hist.number_atoms_total               1434 
_refine_hist.d_res_high                       2.20 
_refine_hist.d_res_low                        14.91 
# 
loop_
_refine_ls_restr.type 
_refine_ls_restr.dev_ideal 
_refine_ls_restr.dev_ideal_target 
_refine_ls_restr.weight 
_refine_ls_restr.number 
_refine_ls_restr.pdbx_refine_id 
_refine_ls_restr.pdbx_restraint_function 
r_bond_refined_d             0.007  0.022  ? 1390 'X-RAY DIFFRACTION' ? 
r_bond_other_d               0.001  0.020  ? 1264 'X-RAY DIFFRACTION' ? 
r_angle_refined_deg          0.997  1.947  ? 1889 'X-RAY DIFFRACTION' ? 
r_angle_other_deg            0.710  3.000  ? 2939 'X-RAY DIFFRACTION' ? 
r_dihedral_angle_1_deg       5.732  5.000  ? 181  'X-RAY DIFFRACTION' ? 
r_dihedral_angle_2_deg       39.609 24.844 ? 64   'X-RAY DIFFRACTION' ? 
r_dihedral_angle_3_deg       13.191 15.000 ? 233  'X-RAY DIFFRACTION' ? 
r_dihedral_angle_4_deg       14.937 15.000 ? 7    'X-RAY DIFFRACTION' ? 
r_chiral_restr               0.060  0.200  ? 219  'X-RAY DIFFRACTION' ? 
r_gen_planes_refined         0.003  0.020  ? 1577 'X-RAY DIFFRACTION' ? 
r_gen_planes_other           0.001  0.020  ? 289  'X-RAY DIFFRACTION' ? 
r_nbd_refined                0.183  0.200  ? 262  'X-RAY DIFFRACTION' ? 
r_nbd_other                  0.157  0.200  ? 1213 'X-RAY DIFFRACTION' ? 
r_nbtor_refined              0.174  0.200  ? 700  'X-RAY DIFFRACTION' ? 
r_nbtor_other                0.076  0.200  ? 858  'X-RAY DIFFRACTION' ? 
r_xyhbond_nbd_refined        0.131  0.200  ? 76   'X-RAY DIFFRACTION' ? 
r_xyhbond_nbd_other          ?      ?      ? ?    'X-RAY DIFFRACTION' ? 
r_metal_ion_refined          ?      ?      ? ?    'X-RAY DIFFRACTION' ? 
r_metal_ion_other            ?      ?      ? ?    'X-RAY DIFFRACTION' ? 
r_symmetry_vdw_refined       0.192  0.200  ? 15   'X-RAY DIFFRACTION' ? 
r_symmetry_vdw_other         0.228  0.200  ? 41   'X-RAY DIFFRACTION' ? 
r_symmetry_hbond_refined     0.132  0.200  ? 13   'X-RAY DIFFRACTION' ? 
r_symmetry_hbond_other       ?      ?      ? ?    'X-RAY DIFFRACTION' ? 
r_symmetry_metal_ion_refined ?      ?      ? ?    'X-RAY DIFFRACTION' ? 
r_symmetry_metal_ion_other   ?      ?      ? ?    'X-RAY DIFFRACTION' ? 
r_mcbond_it                  0.654  1.500  ? 1150 'X-RAY DIFFRACTION' ? 
r_mcbond_other               0.066  1.500  ? 361  'X-RAY DIFFRACTION' ? 
r_mcangle_it                 0.714  2.000  ? 1417 'X-RAY DIFFRACTION' ? 
r_mcangle_other              ?      ?      ? ?    'X-RAY DIFFRACTION' ? 
r_scbond_it                  1.005  3.000  ? 594  'X-RAY DIFFRACTION' ? 
r_scbond_other               ?      ?      ? ?    'X-RAY DIFFRACTION' ? 
r_scangle_it                 1.482  4.500  ? 468  'X-RAY DIFFRACTION' ? 
r_scangle_other              ?      ?      ? ?    'X-RAY DIFFRACTION' ? 
r_long_range_B_refined       ?      ?      ? ?    'X-RAY DIFFRACTION' ? 
r_long_range_B_other         ?      ?      ? ?    'X-RAY DIFFRACTION' ? 
r_rigid_bond_restr           ?      ?      ? ?    'X-RAY DIFFRACTION' ? 
r_sphericity_free            ?      ?      ? ?    'X-RAY DIFFRACTION' ? 
r_sphericity_bonded          ?      ?      ? ?    'X-RAY DIFFRACTION' ? 
# 
_refine_ls_shell.pdbx_refine_id                   'X-RAY DIFFRACTION' 
_refine_ls_shell.pdbx_total_number_of_bins_used   20 
_refine_ls_shell.d_res_high                       2.20 
_refine_ls_shell.d_res_low                        2.26 
_refine_ls_shell.number_reflns_R_work             1083 
_refine_ls_shell.R_factor_R_work                  0.2230 
_refine_ls_shell.percent_reflns_obs               100.00 
_refine_ls_shell.R_factor_R_free                  0.2750 
_refine_ls_shell.R_factor_R_free_error            ? 
_refine_ls_shell.percent_reflns_R_free            ? 
_refine_ls_shell.number_reflns_R_free             57 
_refine_ls_shell.number_reflns_all                ? 
_refine_ls_shell.R_factor_all                     ? 
# 
_struct.entry_id                  2JA9 
_struct.title                     'Structure of the N-terminal deletion of yeast exosome component Rrp40' 
_struct.pdbx_model_details        ? 
_struct.pdbx_CASP_flag            ? 
_struct.pdbx_model_type_details   ? 
# 
_struct_keywords.entry_id        2JA9 
_struct_keywords.pdbx_keywords   'RNA BINDING PROTEIN' 
_struct_keywords.text            
;RNA-BINDING PROTEIN, RNA, EXOSOME, NUCLEASE, S1 DOMAIN, KH DOMAIN, HYDROLASE, RNA-BINDING, EXONUCLEASE, NUCLEAR PROTEIN, RRNA PROCESSING, NUCLEIC-ACID BINDING, RNA BINDING PROTEIN
;
# 
loop_
_struct_asym.id 
_struct_asym.pdbx_blank_PDB_chainid_flag 
_struct_asym.pdbx_modified 
_struct_asym.entity_id 
_struct_asym.details 
A N N 1 ? 
B N N 2 ? 
# 
_struct_ref.id                         1 
_struct_ref.db_name                    UNP 
_struct_ref.db_code                    RRP40_YEAST 
_struct_ref.entity_id                  1 
_struct_ref.pdbx_seq_one_letter_code   ? 
_struct_ref.pdbx_align_begin           ? 
_struct_ref.pdbx_db_accession          Q08285 
_struct_ref.pdbx_db_isoform            ? 
# 
_struct_ref_seq.align_id                      1 
_struct_ref_seq.ref_id                        1 
_struct_ref_seq.pdbx_PDB_id_code              2JA9 
_struct_ref_seq.pdbx_strand_id                A 
_struct_ref_seq.seq_align_beg                 1 
_struct_ref_seq.pdbx_seq_align_beg_ins_code   ? 
_struct_ref_seq.seq_align_end                 175 
_struct_ref_seq.pdbx_seq_align_end_ins_code   ? 
_struct_ref_seq.pdbx_db_accession             Q08285 
_struct_ref_seq.db_align_beg                  62 
_struct_ref_seq.pdbx_db_align_beg_ins_code    ? 
_struct_ref_seq.db_align_end                  236 
_struct_ref_seq.pdbx_db_align_end_ins_code    ? 
_struct_ref_seq.pdbx_auth_seq_align_beg       62 
_struct_ref_seq.pdbx_auth_seq_align_end       236 
# 
_struct_ref_seq_dif.align_id                     1 
_struct_ref_seq_dif.pdbx_pdb_id_code             2JA9 
_struct_ref_seq_dif.mon_id                       LEU 
_struct_ref_seq_dif.pdbx_pdb_strand_id           A 
_struct_ref_seq_dif.seq_num                      99 
_struct_ref_seq_dif.pdbx_pdb_ins_code            ? 
_struct_ref_seq_dif.pdbx_seq_db_name             UNP 
_struct_ref_seq_dif.pdbx_seq_db_accession_code   Q08285 
_struct_ref_seq_dif.db_mon_id                    PHE 
_struct_ref_seq_dif.pdbx_seq_db_seq_num          160 
_struct_ref_seq_dif.details                      conflict 
_struct_ref_seq_dif.pdbx_auth_seq_num            160 
_struct_ref_seq_dif.pdbx_ordinal                 1 
# 
_pdbx_struct_assembly.id                   1 
_pdbx_struct_assembly.details              author_and_software_defined_assembly 
_pdbx_struct_assembly.method_details       PQS 
_pdbx_struct_assembly.oligomeric_details   dimeric 
_pdbx_struct_assembly.oligomeric_count     2 
# 
_pdbx_struct_assembly_gen.assembly_id       1 
_pdbx_struct_assembly_gen.oper_expression   1,2 
_pdbx_struct_assembly_gen.asym_id_list      A,B 
# 
loop_
_pdbx_struct_oper_list.id 
_pdbx_struct_oper_list.type 
_pdbx_struct_oper_list.name 
_pdbx_struct_oper_list.symmetry_operation 
_pdbx_struct_oper_list.matrix[1][1] 
_pdbx_struct_oper_list.matrix[1][2] 
_pdbx_struct_oper_list.matrix[1][3] 
_pdbx_struct_oper_list.vector[1] 
_pdbx_struct_oper_list.matrix[2][1] 
_pdbx_struct_oper_list.matrix[2][2] 
_pdbx_struct_oper_list.matrix[2][3] 
_pdbx_struct_oper_list.vector[2] 
_pdbx_struct_oper_list.matrix[3][1] 
_pdbx_struct_oper_list.matrix[3][2] 
_pdbx_struct_oper_list.matrix[3][3] 
_pdbx_struct_oper_list.vector[3] 
1 'identity operation'         1_555  x,y,z              1.0000000000  0.0000000000  0.0000000000 0.0000000000  0.0000000000  1.0000000000  0.0000000000  0.0000000000  0.0000000000 0.0000000000  1.0000000000  0.0000000000   
2 'crystal symmetry operation' 37_544 y+1/4,x-1/4,-z-1/4 -0.6230458204 -0.5132754703 0.5902221593 22.0732993319 -0.5132754703 -0.3011041589 -0.8036694452 -2.3961675165 0.5902221593 -0.8036694452 -0.0758500208 -16.1812231220 
# 
_struct_biol.id   1 
# 
loop_
_struct_conf.conf_type_id 
_struct_conf.id 
_struct_conf.pdbx_PDB_helix_id 
_struct_conf.beg_label_comp_id 
_struct_conf.beg_label_asym_id 
_struct_conf.beg_label_seq_id 
_struct_conf.pdbx_beg_PDB_ins_code 
_struct_conf.end_label_comp_id 
_struct_conf.end_label_asym_id 
_struct_conf.end_label_seq_id 
_struct_conf.pdbx_end_PDB_ins_code 
_struct_conf.beg_auth_comp_id 
_struct_conf.beg_auth_asym_id 
_struct_conf.beg_auth_seq_id 
_struct_conf.end_auth_comp_id 
_struct_conf.end_auth_asym_id 
_struct_conf.end_auth_seq_id 
_struct_conf.pdbx_PDB_helix_class 
_struct_conf.details 
_struct_conf.pdbx_PDB_helix_length 
HELX_P HELX_P1 1 ASN A 98  ? ASN A 108 ? ASN A 159 ASN A 169 1 ? 11 
HELX_P HELX_P2 2 PRO A 112 ? ALA A 119 ? PRO A 173 ALA A 180 1 ? 8  
HELX_P HELX_P3 3 GLU A 139 ? ASN A 157 ? GLU A 200 ASN A 218 1 ? 19 
HELX_P HELX_P4 4 ASP A 158 ? ALA A 160 ? ASP A 219 ALA A 221 5 ? 3  
HELX_P HELX_P5 5 ALA A 161 ? PHE A 170 ? ALA A 222 PHE A 231 1 ? 10 
# 
_struct_conf_type.id          HELX_P 
_struct_conf_type.criteria    ? 
_struct_conf_type.reference   ? 
# 
loop_
_struct_sheet.id 
_struct_sheet.type 
_struct_sheet.number_strands 
_struct_sheet.details 
AA ? 8 ? 
AB ? 3 ? 
# 
loop_
_struct_sheet_order.sheet_id 
_struct_sheet_order.range_id_1 
_struct_sheet_order.range_id_2 
_struct_sheet_order.offset 
_struct_sheet_order.sense 
AA 1 2 ? anti-parallel 
AA 2 3 ? anti-parallel 
AA 3 4 ? parallel      
AA 4 5 ? anti-parallel 
AA 5 6 ? anti-parallel 
AA 6 7 ? anti-parallel 
AA 7 8 ? anti-parallel 
AB 1 2 ? anti-parallel 
AB 2 3 ? anti-parallel 
# 
loop_
_struct_sheet_range.sheet_id 
_struct_sheet_range.id 
_struct_sheet_range.beg_label_comp_id 
_struct_sheet_range.beg_label_asym_id 
_struct_sheet_range.beg_label_seq_id 
_struct_sheet_range.pdbx_beg_PDB_ins_code 
_struct_sheet_range.end_label_comp_id 
_struct_sheet_range.end_label_asym_id 
_struct_sheet_range.end_label_seq_id 
_struct_sheet_range.pdbx_end_PDB_ins_code 
_struct_sheet_range.beg_auth_comp_id 
_struct_sheet_range.beg_auth_asym_id 
_struct_sheet_range.beg_auth_seq_id 
_struct_sheet_range.end_auth_comp_id 
_struct_sheet_range.end_auth_asym_id 
_struct_sheet_range.end_auth_seq_id 
AA 1 PHE A 10  ? THR A 18  ? PHE A 71  THR A 79  
AA 2 LEU A 57  ? THR A 64  ? LEU A 118 THR A 125 
AA 3 GLU A 72  ? GLU A 74  ? GLU A 133 GLU A 135 
AA 4 VAL A 34  ? SER A 37  ? VAL A 95  SER A 98  
AA 5 SER A 22  ? SER A 26  ? SER A 83  SER A 87  
AA 6 PHE A 10  ? THR A 18  ? PHE A 71  THR A 79  
AA 7 LEU A 57  ? THR A 64  ? LEU A 118 THR A 125 
AA 8 PHE A 10  ? THR A 18  ? PHE A 71  THR A 79  
AB 1 MET A 93  ? ASP A 96  ? MET A 154 ASP A 157 
AB 2 LYS A 132 ? LYS A 136 ? LYS A 193 LYS A 197 
AB 3 GLU A 124 ? GLY A 128 ? GLU A 185 GLY A 189 
# 
loop_
_pdbx_struct_sheet_hbond.sheet_id 
_pdbx_struct_sheet_hbond.range_id_1 
_pdbx_struct_sheet_hbond.range_id_2 
_pdbx_struct_sheet_hbond.range_1_label_atom_id 
_pdbx_struct_sheet_hbond.range_1_label_comp_id 
_pdbx_struct_sheet_hbond.range_1_label_asym_id 
_pdbx_struct_sheet_hbond.range_1_label_seq_id 
_pdbx_struct_sheet_hbond.range_1_PDB_ins_code 
_pdbx_struct_sheet_hbond.range_1_auth_atom_id 
_pdbx_struct_sheet_hbond.range_1_auth_comp_id 
_pdbx_struct_sheet_hbond.range_1_auth_asym_id 
_pdbx_struct_sheet_hbond.range_1_auth_seq_id 
_pdbx_struct_sheet_hbond.range_2_label_atom_id 
_pdbx_struct_sheet_hbond.range_2_label_comp_id 
_pdbx_struct_sheet_hbond.range_2_label_asym_id 
_pdbx_struct_sheet_hbond.range_2_label_seq_id 
_pdbx_struct_sheet_hbond.range_2_PDB_ins_code 
_pdbx_struct_sheet_hbond.range_2_auth_atom_id 
_pdbx_struct_sheet_hbond.range_2_auth_comp_id 
_pdbx_struct_sheet_hbond.range_2_auth_asym_id 
_pdbx_struct_sheet_hbond.range_2_auth_seq_id 
AA 1 2 N GLY A 13  ? N GLY A 74  O VAL A 58  ? O VAL A 119 
AA 2 3 N CYS A 63  ? N CYS A 124 O GLU A 72  ? O GLU A 133 
AA 3 4 N ILE A 73  ? N ILE A 134 O SER A 35  ? O SER A 96  
AA 4 5 N LEU A 36  ? N LEU A 97  O TYR A 23  ? O TYR A 84  
AA 5 6 N SER A 26  ? N SER A 87  O VAL A 14  ? O VAL A 75  
AA 6 7 N GLY A 13  ? N GLY A 74  O VAL A 58  ? O VAL A 119 
AA 7 8 N ALA A 60  ? N ALA A 121 O VAL A 11  ? O VAL A 72  
AB 1 2 N ILE A 95  ? N ILE A 156 O ILE A 133 ? O ILE A 194 
AB 2 3 N LYS A 136 ? N LYS A 197 O GLU A 124 ? O GLU A 185 
# 
loop_
_pdbx_validate_close_contact.id 
_pdbx_validate_close_contact.PDB_model_num 
_pdbx_validate_close_contact.auth_atom_id_1 
_pdbx_validate_close_contact.auth_asym_id_1 
_pdbx_validate_close_contact.auth_comp_id_1 
_pdbx_validate_close_contact.auth_seq_id_1 
_pdbx_validate_close_contact.PDB_ins_code_1 
_pdbx_validate_close_contact.label_alt_id_1 
_pdbx_validate_close_contact.auth_atom_id_2 
_pdbx_validate_close_contact.auth_asym_id_2 
_pdbx_validate_close_contact.auth_comp_id_2 
_pdbx_validate_close_contact.auth_seq_id_2 
_pdbx_validate_close_contact.PDB_ins_code_2 
_pdbx_validate_close_contact.label_alt_id_2 
_pdbx_validate_close_contact.dist 
1 1 CG2 A THR 236 ? ? O A HOH 2096 ? ? 1.82 
2 1 OG1 A THR 236 ? ? O A HOH 2096 ? ? 2.18 
# 
loop_
_pdbx_validate_torsion.id 
_pdbx_validate_torsion.PDB_model_num 
_pdbx_validate_torsion.auth_comp_id 
_pdbx_validate_torsion.auth_asym_id 
_pdbx_validate_torsion.auth_seq_id 
_pdbx_validate_torsion.PDB_ins_code 
_pdbx_validate_torsion.label_alt_id 
_pdbx_validate_torsion.phi 
_pdbx_validate_torsion.psi 
1 1 ASN A 69  ? ? 81.03   -5.86   
2 1 PHE A 80  ? ? -121.49 -169.09 
3 1 ALA A 101 ? ? -89.81  45.78   
4 1 ALA A 126 ? ? -148.74 55.81   
5 1 ASN A 218 ? ? 29.01   58.39   
6 1 ASN A 218 ? ? 30.94   56.74   
7 1 GLU A 233 ? ? -98.26  33.54   
# 
_pdbx_database_remark.id     700 
_pdbx_database_remark.text   
;
SHEET
DETERMINATION METHOD: DSSP
THE SHEETS PRESENTED AS "AA" IN EACH CHAIN ON SHEET RECORDS
BELOW IS ACTUALLY AN  7-STRANDED BARREL THIS IS REPRESENTED BY
A  8-STRANDED SHEET IN WHICH THE FIRST AND LAST STRANDS
ARE IDENTICAL.
;
# 
_pdbx_entry_details.entry_id                 2JA9 
_pdbx_entry_details.compound_details         ? 
_pdbx_entry_details.source_details           ? 
_pdbx_entry_details.nonpolymer_details       ? 
_pdbx_entry_details.sequence_details         
;THERE IS A DISCREPANCY IN RESIDUE 160 OF THE SEQUENCE (F
IN THE UNIPROT SEQUENCE, L IN OUR SEQUENCE). WE BELIEVE
THIS IS A MISTAKE IN THE DATABASE, AS WE HAVE CLONED THE
PROTEIN FROM THREE DIFFERENT YEAST SOURCES, AND ALWAYS GOT
LEU INSTEAD OF PHE AT POSITION 160.
;
_pdbx_entry_details.has_ligand_of_interest   ? 
# 
loop_
_chem_comp_atom.comp_id 
_chem_comp_atom.atom_id 
_chem_comp_atom.type_symbol 
_chem_comp_atom.pdbx_aromatic_flag 
_chem_comp_atom.pdbx_stereo_config 
_chem_comp_atom.pdbx_ordinal 
ALA N    N N N 1   
ALA CA   C N S 2   
ALA C    C N N 3   
ALA O    O N N 4   
ALA CB   C N N 5   
ALA OXT  O N N 6   
ALA H    H N N 7   
ALA H2   H N N 8   
ALA HA   H N N 9   
ALA HB1  H N N 10  
ALA HB2  H N N 11  
ALA HB3  H N N 12  
ALA HXT  H N N 13  
ARG N    N N N 14  
ARG CA   C N S 15  
ARG C    C N N 16  
ARG O    O N N 17  
ARG CB   C N N 18  
ARG CG   C N N 19  
ARG CD   C N N 20  
ARG NE   N N N 21  
ARG CZ   C N N 22  
ARG NH1  N N N 23  
ARG NH2  N N N 24  
ARG OXT  O N N 25  
ARG H    H N N 26  
ARG H2   H N N 27  
ARG HA   H N N 28  
ARG HB2  H N N 29  
ARG HB3  H N N 30  
ARG HG2  H N N 31  
ARG HG3  H N N 32  
ARG HD2  H N N 33  
ARG HD3  H N N 34  
ARG HE   H N N 35  
ARG HH11 H N N 36  
ARG HH12 H N N 37  
ARG HH21 H N N 38  
ARG HH22 H N N 39  
ARG HXT  H N N 40  
ASN N    N N N 41  
ASN CA   C N S 42  
ASN C    C N N 43  
ASN O    O N N 44  
ASN CB   C N N 45  
ASN CG   C N N 46  
ASN OD1  O N N 47  
ASN ND2  N N N 48  
ASN OXT  O N N 49  
ASN H    H N N 50  
ASN H2   H N N 51  
ASN HA   H N N 52  
ASN HB2  H N N 53  
ASN HB3  H N N 54  
ASN HD21 H N N 55  
ASN HD22 H N N 56  
ASN HXT  H N N 57  
ASP N    N N N 58  
ASP CA   C N S 59  
ASP C    C N N 60  
ASP O    O N N 61  
ASP CB   C N N 62  
ASP CG   C N N 63  
ASP OD1  O N N 64  
ASP OD2  O N N 65  
ASP OXT  O N N 66  
ASP H    H N N 67  
ASP H2   H N N 68  
ASP HA   H N N 69  
ASP HB2  H N N 70  
ASP HB3  H N N 71  
ASP HD2  H N N 72  
ASP HXT  H N N 73  
CYS N    N N N 74  
CYS CA   C N R 75  
CYS C    C N N 76  
CYS O    O N N 77  
CYS CB   C N N 78  
CYS SG   S N N 79  
CYS OXT  O N N 80  
CYS H    H N N 81  
CYS H2   H N N 82  
CYS HA   H N N 83  
CYS HB2  H N N 84  
CYS HB3  H N N 85  
CYS HG   H N N 86  
CYS HXT  H N N 87  
GLN N    N N N 88  
GLN CA   C N S 89  
GLN C    C N N 90  
GLN O    O N N 91  
GLN CB   C N N 92  
GLN CG   C N N 93  
GLN CD   C N N 94  
GLN OE1  O N N 95  
GLN NE2  N N N 96  
GLN OXT  O N N 97  
GLN H    H N N 98  
GLN H2   H N N 99  
GLN HA   H N N 100 
GLN HB2  H N N 101 
GLN HB3  H N N 102 
GLN HG2  H N N 103 
GLN HG3  H N N 104 
GLN HE21 H N N 105 
GLN HE22 H N N 106 
GLN HXT  H N N 107 
GLU N    N N N 108 
GLU CA   C N S 109 
GLU C    C N N 110 
GLU O    O N N 111 
GLU CB   C N N 112 
GLU CG   C N N 113 
GLU CD   C N N 114 
GLU OE1  O N N 115 
GLU OE2  O N N 116 
GLU OXT  O N N 117 
GLU H    H N N 118 
GLU H2   H N N 119 
GLU HA   H N N 120 
GLU HB2  H N N 121 
GLU HB3  H N N 122 
GLU HG2  H N N 123 
GLU HG3  H N N 124 
GLU HE2  H N N 125 
GLU HXT  H N N 126 
GLY N    N N N 127 
GLY CA   C N N 128 
GLY C    C N N 129 
GLY O    O N N 130 
GLY OXT  O N N 131 
GLY H    H N N 132 
GLY H2   H N N 133 
GLY HA2  H N N 134 
GLY HA3  H N N 135 
GLY HXT  H N N 136 
HIS N    N N N 137 
HIS CA   C N S 138 
HIS C    C N N 139 
HIS O    O N N 140 
HIS CB   C N N 141 
HIS CG   C Y N 142 
HIS ND1  N Y N 143 
HIS CD2  C Y N 144 
HIS CE1  C Y N 145 
HIS NE2  N Y N 146 
HIS OXT  O N N 147 
HIS H    H N N 148 
HIS H2   H N N 149 
HIS HA   H N N 150 
HIS HB2  H N N 151 
HIS HB3  H N N 152 
HIS HD1  H N N 153 
HIS HD2  H N N 154 
HIS HE1  H N N 155 
HIS HE2  H N N 156 
HIS HXT  H N N 157 
HOH O    O N N 158 
HOH H1   H N N 159 
HOH H2   H N N 160 
ILE N    N N N 161 
ILE CA   C N S 162 
ILE C    C N N 163 
ILE O    O N N 164 
ILE CB   C N S 165 
ILE CG1  C N N 166 
ILE CG2  C N N 167 
ILE CD1  C N N 168 
ILE OXT  O N N 169 
ILE H    H N N 170 
ILE H2   H N N 171 
ILE HA   H N N 172 
ILE HB   H N N 173 
ILE HG12 H N N 174 
ILE HG13 H N N 175 
ILE HG21 H N N 176 
ILE HG22 H N N 177 
ILE HG23 H N N 178 
ILE HD11 H N N 179 
ILE HD12 H N N 180 
ILE HD13 H N N 181 
ILE HXT  H N N 182 
LEU N    N N N 183 
LEU CA   C N S 184 
LEU C    C N N 185 
LEU O    O N N 186 
LEU CB   C N N 187 
LEU CG   C N N 188 
LEU CD1  C N N 189 
LEU CD2  C N N 190 
LEU OXT  O N N 191 
LEU H    H N N 192 
LEU H2   H N N 193 
LEU HA   H N N 194 
LEU HB2  H N N 195 
LEU HB3  H N N 196 
LEU HG   H N N 197 
LEU HD11 H N N 198 
LEU HD12 H N N 199 
LEU HD13 H N N 200 
LEU HD21 H N N 201 
LEU HD22 H N N 202 
LEU HD23 H N N 203 
LEU HXT  H N N 204 
LYS N    N N N 205 
LYS CA   C N S 206 
LYS C    C N N 207 
LYS O    O N N 208 
LYS CB   C N N 209 
LYS CG   C N N 210 
LYS CD   C N N 211 
LYS CE   C N N 212 
LYS NZ   N N N 213 
LYS OXT  O N N 214 
LYS H    H N N 215 
LYS H2   H N N 216 
LYS HA   H N N 217 
LYS HB2  H N N 218 
LYS HB3  H N N 219 
LYS HG2  H N N 220 
LYS HG3  H N N 221 
LYS HD2  H N N 222 
LYS HD3  H N N 223 
LYS HE2  H N N 224 
LYS HE3  H N N 225 
LYS HZ1  H N N 226 
LYS HZ2  H N N 227 
LYS HZ3  H N N 228 
LYS HXT  H N N 229 
MET N    N N N 230 
MET CA   C N S 231 
MET C    C N N 232 
MET O    O N N 233 
MET CB   C N N 234 
MET CG   C N N 235 
MET SD   S N N 236 
MET CE   C N N 237 
MET OXT  O N N 238 
MET H    H N N 239 
MET H2   H N N 240 
MET HA   H N N 241 
MET HB2  H N N 242 
MET HB3  H N N 243 
MET HG2  H N N 244 
MET HG3  H N N 245 
MET HE1  H N N 246 
MET HE2  H N N 247 
MET HE3  H N N 248 
MET HXT  H N N 249 
PHE N    N N N 250 
PHE CA   C N S 251 
PHE C    C N N 252 
PHE O    O N N 253 
PHE CB   C N N 254 
PHE CG   C Y N 255 
PHE CD1  C Y N 256 
PHE CD2  C Y N 257 
PHE CE1  C Y N 258 
PHE CE2  C Y N 259 
PHE CZ   C Y N 260 
PHE OXT  O N N 261 
PHE H    H N N 262 
PHE H2   H N N 263 
PHE HA   H N N 264 
PHE HB2  H N N 265 
PHE HB3  H N N 266 
PHE HD1  H N N 267 
PHE HD2  H N N 268 
PHE HE1  H N N 269 
PHE HE2  H N N 270 
PHE HZ   H N N 271 
PHE HXT  H N N 272 
PRO N    N N N 273 
PRO CA   C N S 274 
PRO C    C N N 275 
PRO O    O N N 276 
PRO CB   C N N 277 
PRO CG   C N N 278 
PRO CD   C N N 279 
PRO OXT  O N N 280 
PRO H    H N N 281 
PRO HA   H N N 282 
PRO HB2  H N N 283 
PRO HB3  H N N 284 
PRO HG2  H N N 285 
PRO HG3  H N N 286 
PRO HD2  H N N 287 
PRO HD3  H N N 288 
PRO HXT  H N N 289 
SER N    N N N 290 
SER CA   C N S 291 
SER C    C N N 292 
SER O    O N N 293 
SER CB   C N N 294 
SER OG   O N N 295 
SER OXT  O N N 296 
SER H    H N N 297 
SER H2   H N N 298 
SER HA   H N N 299 
SER HB2  H N N 300 
SER HB3  H N N 301 
SER HG   H N N 302 
SER HXT  H N N 303 
THR N    N N N 304 
THR CA   C N S 305 
THR C    C N N 306 
THR O    O N N 307 
THR CB   C N R 308 
THR OG1  O N N 309 
THR CG2  C N N 310 
THR OXT  O N N 311 
THR H    H N N 312 
THR H2   H N N 313 
THR HA   H N N 314 
THR HB   H N N 315 
THR HG1  H N N 316 
THR HG21 H N N 317 
THR HG22 H N N 318 
THR HG23 H N N 319 
THR HXT  H N N 320 
TRP N    N N N 321 
TRP CA   C N S 322 
TRP C    C N N 323 
TRP O    O N N 324 
TRP CB   C N N 325 
TRP CG   C Y N 326 
TRP CD1  C Y N 327 
TRP CD2  C Y N 328 
TRP NE1  N Y N 329 
TRP CE2  C Y N 330 
TRP CE3  C Y N 331 
TRP CZ2  C Y N 332 
TRP CZ3  C Y N 333 
TRP CH2  C Y N 334 
TRP OXT  O N N 335 
TRP H    H N N 336 
TRP H2   H N N 337 
TRP HA   H N N 338 
TRP HB2  H N N 339 
TRP HB3  H N N 340 
TRP HD1  H N N 341 
TRP HE1  H N N 342 
TRP HE3  H N N 343 
TRP HZ2  H N N 344 
TRP HZ3  H N N 345 
TRP HH2  H N N 346 
TRP HXT  H N N 347 
TYR N    N N N 348 
TYR CA   C N S 349 
TYR C    C N N 350 
TYR O    O N N 351 
TYR CB   C N N 352 
TYR CG   C Y N 353 
TYR CD1  C Y N 354 
TYR CD2  C Y N 355 
TYR CE1  C Y N 356 
TYR CE2  C Y N 357 
TYR CZ   C Y N 358 
TYR OH   O N N 359 
TYR OXT  O N N 360 
TYR H    H N N 361 
TYR H2   H N N 362 
TYR HA   H N N 363 
TYR HB2  H N N 364 
TYR HB3  H N N 365 
TYR HD1  H N N 366 
TYR HD2  H N N 367 
TYR HE1  H N N 368 
TYR HE2  H N N 369 
TYR HH   H N N 370 
TYR HXT  H N N 371 
VAL N    N N N 372 
VAL CA   C N S 373 
VAL C    C N N 374 
VAL O    O N N 375 
VAL CB   C N N 376 
VAL CG1  C N N 377 
VAL CG2  C N N 378 
VAL OXT  O N N 379 
VAL H    H N N 380 
VAL H2   H N N 381 
VAL HA   H N N 382 
VAL HB   H N N 383 
VAL HG11 H N N 384 
VAL HG12 H N N 385 
VAL HG13 H N N 386 
VAL HG21 H N N 387 
VAL HG22 H N N 388 
VAL HG23 H N N 389 
VAL HXT  H N N 390 
# 
loop_
_chem_comp_bond.comp_id 
_chem_comp_bond.atom_id_1 
_chem_comp_bond.atom_id_2 
_chem_comp_bond.value_order 
_chem_comp_bond.pdbx_aromatic_flag 
_chem_comp_bond.pdbx_stereo_config 
_chem_comp_bond.pdbx_ordinal 
ALA N   CA   sing N N 1   
ALA N   H    sing N N 2   
ALA N   H2   sing N N 3   
ALA CA  C    sing N N 4   
ALA CA  CB   sing N N 5   
ALA CA  HA   sing N N 6   
ALA C   O    doub N N 7   
ALA C   OXT  sing N N 8   
ALA CB  HB1  sing N N 9   
ALA CB  HB2  sing N N 10  
ALA CB  HB3  sing N N 11  
ALA OXT HXT  sing N N 12  
ARG N   CA   sing N N 13  
ARG N   H    sing N N 14  
ARG N   H2   sing N N 15  
ARG CA  C    sing N N 16  
ARG CA  CB   sing N N 17  
ARG CA  HA   sing N N 18  
ARG C   O    doub N N 19  
ARG C   OXT  sing N N 20  
ARG CB  CG   sing N N 21  
ARG CB  HB2  sing N N 22  
ARG CB  HB3  sing N N 23  
ARG CG  CD   sing N N 24  
ARG CG  HG2  sing N N 25  
ARG CG  HG3  sing N N 26  
ARG CD  NE   sing N N 27  
ARG CD  HD2  sing N N 28  
ARG CD  HD3  sing N N 29  
ARG NE  CZ   sing N N 30  
ARG NE  HE   sing N N 31  
ARG CZ  NH1  sing N N 32  
ARG CZ  NH2  doub N N 33  
ARG NH1 HH11 sing N N 34  
ARG NH1 HH12 sing N N 35  
ARG NH2 HH21 sing N N 36  
ARG NH2 HH22 sing N N 37  
ARG OXT HXT  sing N N 38  
ASN N   CA   sing N N 39  
ASN N   H    sing N N 40  
ASN N   H2   sing N N 41  
ASN CA  C    sing N N 42  
ASN CA  CB   sing N N 43  
ASN CA  HA   sing N N 44  
ASN C   O    doub N N 45  
ASN C   OXT  sing N N 46  
ASN CB  CG   sing N N 47  
ASN CB  HB2  sing N N 48  
ASN CB  HB3  sing N N 49  
ASN CG  OD1  doub N N 50  
ASN CG  ND2  sing N N 51  
ASN ND2 HD21 sing N N 52  
ASN ND2 HD22 sing N N 53  
ASN OXT HXT  sing N N 54  
ASP N   CA   sing N N 55  
ASP N   H    sing N N 56  
ASP N   H2   sing N N 57  
ASP CA  C    sing N N 58  
ASP CA  CB   sing N N 59  
ASP CA  HA   sing N N 60  
ASP C   O    doub N N 61  
ASP C   OXT  sing N N 62  
ASP CB  CG   sing N N 63  
ASP CB  HB2  sing N N 64  
ASP CB  HB3  sing N N 65  
ASP CG  OD1  doub N N 66  
ASP CG  OD2  sing N N 67  
ASP OD2 HD2  sing N N 68  
ASP OXT HXT  sing N N 69  
CYS N   CA   sing N N 70  
CYS N   H    sing N N 71  
CYS N   H2   sing N N 72  
CYS CA  C    sing N N 73  
CYS CA  CB   sing N N 74  
CYS CA  HA   sing N N 75  
CYS C   O    doub N N 76  
CYS C   OXT  sing N N 77  
CYS CB  SG   sing N N 78  
CYS CB  HB2  sing N N 79  
CYS CB  HB3  sing N N 80  
CYS SG  HG   sing N N 81  
CYS OXT HXT  sing N N 82  
GLN N   CA   sing N N 83  
GLN N   H    sing N N 84  
GLN N   H2   sing N N 85  
GLN CA  C    sing N N 86  
GLN CA  CB   sing N N 87  
GLN CA  HA   sing N N 88  
GLN C   O    doub N N 89  
GLN C   OXT  sing N N 90  
GLN CB  CG   sing N N 91  
GLN CB  HB2  sing N N 92  
GLN CB  HB3  sing N N 93  
GLN CG  CD   sing N N 94  
GLN CG  HG2  sing N N 95  
GLN CG  HG3  sing N N 96  
GLN CD  OE1  doub N N 97  
GLN CD  NE2  sing N N 98  
GLN NE2 HE21 sing N N 99  
GLN NE2 HE22 sing N N 100 
GLN OXT HXT  sing N N 101 
GLU N   CA   sing N N 102 
GLU N   H    sing N N 103 
GLU N   H2   sing N N 104 
GLU CA  C    sing N N 105 
GLU CA  CB   sing N N 106 
GLU CA  HA   sing N N 107 
GLU C   O    doub N N 108 
GLU C   OXT  sing N N 109 
GLU CB  CG   sing N N 110 
GLU CB  HB2  sing N N 111 
GLU CB  HB3  sing N N 112 
GLU CG  CD   sing N N 113 
GLU CG  HG2  sing N N 114 
GLU CG  HG3  sing N N 115 
GLU CD  OE1  doub N N 116 
GLU CD  OE2  sing N N 117 
GLU OE2 HE2  sing N N 118 
GLU OXT HXT  sing N N 119 
GLY N   CA   sing N N 120 
GLY N   H    sing N N 121 
GLY N   H2   sing N N 122 
GLY CA  C    sing N N 123 
GLY CA  HA2  sing N N 124 
GLY CA  HA3  sing N N 125 
GLY C   O    doub N N 126 
GLY C   OXT  sing N N 127 
GLY OXT HXT  sing N N 128 
HIS N   CA   sing N N 129 
HIS N   H    sing N N 130 
HIS N   H2   sing N N 131 
HIS CA  C    sing N N 132 
HIS CA  CB   sing N N 133 
HIS CA  HA   sing N N 134 
HIS C   O    doub N N 135 
HIS C   OXT  sing N N 136 
HIS CB  CG   sing N N 137 
HIS CB  HB2  sing N N 138 
HIS CB  HB3  sing N N 139 
HIS CG  ND1  sing Y N 140 
HIS CG  CD2  doub Y N 141 
HIS ND1 CE1  doub Y N 142 
HIS ND1 HD1  sing N N 143 
HIS CD2 NE2  sing Y N 144 
HIS CD2 HD2  sing N N 145 
HIS CE1 NE2  sing Y N 146 
HIS CE1 HE1  sing N N 147 
HIS NE2 HE2  sing N N 148 
HIS OXT HXT  sing N N 149 
HOH O   H1   sing N N 150 
HOH O   H2   sing N N 151 
ILE N   CA   sing N N 152 
ILE N   H    sing N N 153 
ILE N   H2   sing N N 154 
ILE CA  C    sing N N 155 
ILE CA  CB   sing N N 156 
ILE CA  HA   sing N N 157 
ILE C   O    doub N N 158 
ILE C   OXT  sing N N 159 
ILE CB  CG1  sing N N 160 
ILE CB  CG2  sing N N 161 
ILE CB  HB   sing N N 162 
ILE CG1 CD1  sing N N 163 
ILE CG1 HG12 sing N N 164 
ILE CG1 HG13 sing N N 165 
ILE CG2 HG21 sing N N 166 
ILE CG2 HG22 sing N N 167 
ILE CG2 HG23 sing N N 168 
ILE CD1 HD11 sing N N 169 
ILE CD1 HD12 sing N N 170 
ILE CD1 HD13 sing N N 171 
ILE OXT HXT  sing N N 172 
LEU N   CA   sing N N 173 
LEU N   H    sing N N 174 
LEU N   H2   sing N N 175 
LEU CA  C    sing N N 176 
LEU CA  CB   sing N N 177 
LEU CA  HA   sing N N 178 
LEU C   O    doub N N 179 
LEU C   OXT  sing N N 180 
LEU CB  CG   sing N N 181 
LEU CB  HB2  sing N N 182 
LEU CB  HB3  sing N N 183 
LEU CG  CD1  sing N N 184 
LEU CG  CD2  sing N N 185 
LEU CG  HG   sing N N 186 
LEU CD1 HD11 sing N N 187 
LEU CD1 HD12 sing N N 188 
LEU CD1 HD13 sing N N 189 
LEU CD2 HD21 sing N N 190 
LEU CD2 HD22 sing N N 191 
LEU CD2 HD23 sing N N 192 
LEU OXT HXT  sing N N 193 
LYS N   CA   sing N N 194 
LYS N   H    sing N N 195 
LYS N   H2   sing N N 196 
LYS CA  C    sing N N 197 
LYS CA  CB   sing N N 198 
LYS CA  HA   sing N N 199 
LYS C   O    doub N N 200 
LYS C   OXT  sing N N 201 
LYS CB  CG   sing N N 202 
LYS CB  HB2  sing N N 203 
LYS CB  HB3  sing N N 204 
LYS CG  CD   sing N N 205 
LYS CG  HG2  sing N N 206 
LYS CG  HG3  sing N N 207 
LYS CD  CE   sing N N 208 
LYS CD  HD2  sing N N 209 
LYS CD  HD3  sing N N 210 
LYS CE  NZ   sing N N 211 
LYS CE  HE2  sing N N 212 
LYS CE  HE3  sing N N 213 
LYS NZ  HZ1  sing N N 214 
LYS NZ  HZ2  sing N N 215 
LYS NZ  HZ3  sing N N 216 
LYS OXT HXT  sing N N 217 
MET N   CA   sing N N 218 
MET N   H    sing N N 219 
MET N   H2   sing N N 220 
MET CA  C    sing N N 221 
MET CA  CB   sing N N 222 
MET CA  HA   sing N N 223 
MET C   O    doub N N 224 
MET C   OXT  sing N N 225 
MET CB  CG   sing N N 226 
MET CB  HB2  sing N N 227 
MET CB  HB3  sing N N 228 
MET CG  SD   sing N N 229 
MET CG  HG2  sing N N 230 
MET CG  HG3  sing N N 231 
MET SD  CE   sing N N 232 
MET CE  HE1  sing N N 233 
MET CE  HE2  sing N N 234 
MET CE  HE3  sing N N 235 
MET OXT HXT  sing N N 236 
PHE N   CA   sing N N 237 
PHE N   H    sing N N 238 
PHE N   H2   sing N N 239 
PHE CA  C    sing N N 240 
PHE CA  CB   sing N N 241 
PHE CA  HA   sing N N 242 
PHE C   O    doub N N 243 
PHE C   OXT  sing N N 244 
PHE CB  CG   sing N N 245 
PHE CB  HB2  sing N N 246 
PHE CB  HB3  sing N N 247 
PHE CG  CD1  doub Y N 248 
PHE CG  CD2  sing Y N 249 
PHE CD1 CE1  sing Y N 250 
PHE CD1 HD1  sing N N 251 
PHE CD2 CE2  doub Y N 252 
PHE CD2 HD2  sing N N 253 
PHE CE1 CZ   doub Y N 254 
PHE CE1 HE1  sing N N 255 
PHE CE2 CZ   sing Y N 256 
PHE CE2 HE2  sing N N 257 
PHE CZ  HZ   sing N N 258 
PHE OXT HXT  sing N N 259 
PRO N   CA   sing N N 260 
PRO N   CD   sing N N 261 
PRO N   H    sing N N 262 
PRO CA  C    sing N N 263 
PRO CA  CB   sing N N 264 
PRO CA  HA   sing N N 265 
PRO C   O    doub N N 266 
PRO C   OXT  sing N N 267 
PRO CB  CG   sing N N 268 
PRO CB  HB2  sing N N 269 
PRO CB  HB3  sing N N 270 
PRO CG  CD   sing N N 271 
PRO CG  HG2  sing N N 272 
PRO CG  HG3  sing N N 273 
PRO CD  HD2  sing N N 274 
PRO CD  HD3  sing N N 275 
PRO OXT HXT  sing N N 276 
SER N   CA   sing N N 277 
SER N   H    sing N N 278 
SER N   H2   sing N N 279 
SER CA  C    sing N N 280 
SER CA  CB   sing N N 281 
SER CA  HA   sing N N 282 
SER C   O    doub N N 283 
SER C   OXT  sing N N 284 
SER CB  OG   sing N N 285 
SER CB  HB2  sing N N 286 
SER CB  HB3  sing N N 287 
SER OG  HG   sing N N 288 
SER OXT HXT  sing N N 289 
THR N   CA   sing N N 290 
THR N   H    sing N N 291 
THR N   H2   sing N N 292 
THR CA  C    sing N N 293 
THR CA  CB   sing N N 294 
THR CA  HA   sing N N 295 
THR C   O    doub N N 296 
THR C   OXT  sing N N 297 
THR CB  OG1  sing N N 298 
THR CB  CG2  sing N N 299 
THR CB  HB   sing N N 300 
THR OG1 HG1  sing N N 301 
THR CG2 HG21 sing N N 302 
THR CG2 HG22 sing N N 303 
THR CG2 HG23 sing N N 304 
THR OXT HXT  sing N N 305 
TRP N   CA   sing N N 306 
TRP N   H    sing N N 307 
TRP N   H2   sing N N 308 
TRP CA  C    sing N N 309 
TRP CA  CB   sing N N 310 
TRP CA  HA   sing N N 311 
TRP C   O    doub N N 312 
TRP C   OXT  sing N N 313 
TRP CB  CG   sing N N 314 
TRP CB  HB2  sing N N 315 
TRP CB  HB3  sing N N 316 
TRP CG  CD1  doub Y N 317 
TRP CG  CD2  sing Y N 318 
TRP CD1 NE1  sing Y N 319 
TRP CD1 HD1  sing N N 320 
TRP CD2 CE2  doub Y N 321 
TRP CD2 CE3  sing Y N 322 
TRP NE1 CE2  sing Y N 323 
TRP NE1 HE1  sing N N 324 
TRP CE2 CZ2  sing Y N 325 
TRP CE3 CZ3  doub Y N 326 
TRP CE3 HE3  sing N N 327 
TRP CZ2 CH2  doub Y N 328 
TRP CZ2 HZ2  sing N N 329 
TRP CZ3 CH2  sing Y N 330 
TRP CZ3 HZ3  sing N N 331 
TRP CH2 HH2  sing N N 332 
TRP OXT HXT  sing N N 333 
TYR N   CA   sing N N 334 
TYR N   H    sing N N 335 
TYR N   H2   sing N N 336 
TYR CA  C    sing N N 337 
TYR CA  CB   sing N N 338 
TYR CA  HA   sing N N 339 
TYR C   O    doub N N 340 
TYR C   OXT  sing N N 341 
TYR CB  CG   sing N N 342 
TYR CB  HB2  sing N N 343 
TYR CB  HB3  sing N N 344 
TYR CG  CD1  doub Y N 345 
TYR CG  CD2  sing Y N 346 
TYR CD1 CE1  sing Y N 347 
TYR CD1 HD1  sing N N 348 
TYR CD2 CE2  doub Y N 349 
TYR CD2 HD2  sing N N 350 
TYR CE1 CZ   doub Y N 351 
TYR CE1 HE1  sing N N 352 
TYR CE2 CZ   sing Y N 353 
TYR CE2 HE2  sing N N 354 
TYR CZ  OH   sing N N 355 
TYR OH  HH   sing N N 356 
TYR OXT HXT  sing N N 357 
VAL N   CA   sing N N 358 
VAL N   H    sing N N 359 
VAL N   H2   sing N N 360 
VAL CA  C    sing N N 361 
VAL CA  CB   sing N N 362 
VAL CA  HA   sing N N 363 
VAL C   O    doub N N 364 
VAL C   OXT  sing N N 365 
VAL CB  CG1  sing N N 366 
VAL CB  CG2  sing N N 367 
VAL CB  HB   sing N N 368 
VAL CG1 HG11 sing N N 369 
VAL CG1 HG12 sing N N 370 
VAL CG1 HG13 sing N N 371 
VAL CG2 HG21 sing N N 372 
VAL CG2 HG22 sing N N 373 
VAL CG2 HG23 sing N N 374 
VAL OXT HXT  sing N N 375 
# 
_atom_sites.entry_id                    2JA9 
_atom_sites.fract_transf_matrix[1][1]   0.00279498 
_atom_sites.fract_transf_matrix[1][2]   -0.00588258 
_atom_sites.fract_transf_matrix[1][3]   -0.00012468 
_atom_sites.fract_transf_matrix[2][1]   0.00120439 
_atom_sites.fract_transf_matrix[2][2]   0.00043687 
_atom_sites.fract_transf_matrix[2][3]   0.00638677 
_atom_sites.fract_transf_matrix[3][1]   -0.00575931 
_atom_sites.fract_transf_matrix[3][2]   -0.00276344 
_atom_sites.fract_transf_matrix[3][3]   0.00127510 
_atom_sites.fract_transf_vector[1]      0.803042 
_atom_sites.fract_transf_vector[2]      0.630859 
_atom_sites.fract_transf_vector[3]      -0.054427 
# 
loop_
_atom_type.symbol 
C 
N 
O 
S 
# 
loop_
_atom_site.group_PDB 
_atom_site.id 
_atom_site.type_symbol 
_atom_site.label_atom_id 
_atom_site.label_alt_id 
_atom_site.label_comp_id 
_atom_site.label_asym_id 
_atom_site.label_entity_id 
_atom_site.label_seq_id 
_atom_site.pdbx_PDB_ins_code 
_atom_site.Cartn_x 
_atom_site.Cartn_y 
_atom_site.Cartn_z 
_atom_site.occupancy 
_atom_site.B_iso_or_equiv 
_atom_site.pdbx_formal_charge 
_atom_site.auth_seq_id 
_atom_site.auth_comp_id 
_atom_site.auth_asym_id 
_atom_site.auth_atom_id 
_atom_site.pdbx_PDB_model_num 
ATOM   1    N N   . LYS A 1 1   ? -4.103  -0.972  19.194  1.00 55.40 ? 62   LYS A N   1 
ATOM   2    C CA  . LYS A 1 1   ? -3.009  -1.162  18.197  1.00 55.19 ? 62   LYS A CA  1 
ATOM   3    C C   . LYS A 1 1   ? -3.324  -0.437  16.881  1.00 55.04 ? 62   LYS A C   1 
ATOM   4    O O   . LYS A 1 1   ? -3.651  -1.066  15.866  1.00 55.22 ? 62   LYS A O   1 
ATOM   5    C CB  . LYS A 1 1   ? -2.761  -2.661  17.956  1.00 55.45 ? 62   LYS A CB  1 
ATOM   6    C CG  . LYS A 1 1   ? -1.478  -2.982  17.172  1.00 55.56 ? 62   LYS A CG  1 
ATOM   7    C CD  . LYS A 1 1   ? -1.554  -4.361  16.517  1.00 55.59 ? 62   LYS A CD  1 
ATOM   8    N N   . ARG A 1 2   ? -3.266  0.903   16.916  1.00 20.00 ? 63   ARG A N   1 
ATOM   9    C CA  . ARG A 1 2   ? -3.222  1.732   15.718  1.00 20.00 ? 63   ARG A CA  1 
ATOM   10   C C   . ARG A 1 2   ? -1.793  1.882   15.205  1.00 20.00 ? 63   ARG A C   1 
ATOM   11   O O   . ARG A 1 2   ? -0.839  1.687   16.010  1.00 53.38 ? 63   ARG A O   1 
ATOM   12   C CB  . ARG A 1 2   ? -3.828  3.109   15.997  1.00 20.00 ? 63   ARG A CB  1 
ATOM   13   N N   . TYR A 1 3   ? -1.617  2.167   13.950  1.00 52.76 ? 64   TYR A N   1 
ATOM   14   C CA  . TYR A 1 3   ? -0.297  2.154   13.322  1.00 52.32 ? 64   TYR A CA  1 
ATOM   15   C C   . TYR A 1 3   ? 0.622   3.265   13.830  1.00 51.82 ? 64   TYR A C   1 
ATOM   16   O O   . TYR A 1 3   ? 0.243   4.437   13.853  1.00 51.61 ? 64   TYR A O   1 
ATOM   17   C CB  . TYR A 1 3   ? -0.412  2.261   11.799  1.00 52.14 ? 64   TYR A CB  1 
ATOM   18   C CG  . TYR A 1 3   ? 0.942   2.346   11.133  1.00 52.22 ? 64   TYR A CG  1 
ATOM   19   C CD1 . TYR A 1 3   ? 1.794   1.251   11.127  1.00 51.89 ? 64   TYR A CD1 1 
ATOM   20   C CD2 . TYR A 1 3   ? 1.381   3.525   10.535  1.00 51.61 ? 64   TYR A CD2 1 
ATOM   21   C CE1 . TYR A 1 3   ? 3.038   1.314   10.533  1.00 51.98 ? 64   TYR A CE1 1 
ATOM   22   C CE2 . TYR A 1 3   ? 2.632   3.599   9.938   1.00 51.65 ? 64   TYR A CE2 1 
ATOM   23   C CZ  . TYR A 1 3   ? 3.454   2.488   9.943   1.00 51.61 ? 64   TYR A CZ  1 
ATOM   24   O OH  . TYR A 1 3   ? 4.692   2.539   9.363   1.00 51.87 ? 64   TYR A OH  1 
ATOM   25   N N   . ILE A 1 4   ? 1.837   2.880   14.212  1.00 51.34 ? 65   ILE A N   1 
ATOM   26   C CA  . ILE A 1 4   ? 2.869   3.824   14.616  1.00 51.17 ? 65   ILE A CA  1 
ATOM   27   C C   . ILE A 1 4   ? 3.997   3.768   13.583  1.00 50.89 ? 65   ILE A C   1 
ATOM   28   O O   . ILE A 1 4   ? 4.611   2.714   13.396  1.00 50.93 ? 65   ILE A O   1 
ATOM   29   C CB  . ILE A 1 4   ? 3.420   3.492   16.020  1.00 51.14 ? 65   ILE A CB  1 
ATOM   30   C CG1 . ILE A 1 4   ? 2.284   3.505   17.050  1.00 51.15 ? 65   ILE A CG1 1 
ATOM   31   C CG2 . ILE A 1 4   ? 4.519   4.482   16.416  1.00 51.22 ? 65   ILE A CG2 1 
ATOM   32   C CD1 . ILE A 1 4   ? 2.666   2.935   18.404  1.00 51.33 ? 65   ILE A CD1 1 
ATOM   33   N N   . PRO A 1 5   ? 4.252   4.889   12.881  1.00 50.44 ? 66   PRO A N   1 
ATOM   34   C CA  . PRO A 1 5   ? 5.358   4.944   11.935  1.00 50.17 ? 66   PRO A CA  1 
ATOM   35   C C   . PRO A 1 5   ? 6.692   4.554   12.566  1.00 49.93 ? 66   PRO A C   1 
ATOM   36   O O   . PRO A 1 5   ? 7.093   5.143   13.570  1.00 50.01 ? 66   PRO A O   1 
ATOM   37   C CB  . PRO A 1 5   ? 5.384   6.417   11.511  1.00 50.15 ? 66   PRO A CB  1 
ATOM   38   C CG  . PRO A 1 5   ? 4.013   6.907   11.746  1.00 50.32 ? 66   PRO A CG  1 
ATOM   39   C CD  . PRO A 1 5   ? 3.496   6.156   12.917  1.00 50.42 ? 66   PRO A CD  1 
ATOM   40   N N   . SER A 1 6   ? 7.352   3.548   11.997  1.00 49.59 ? 67   SER A N   1 
ATOM   41   C CA  . SER A 1 6   ? 8.738   3.236   12.349  1.00 49.31 ? 67   SER A CA  1 
ATOM   42   C C   . SER A 1 6   ? 9.558   3.196   11.065  1.00 48.85 ? 67   SER A C   1 
ATOM   43   O O   . SER A 1 6   ? 9.037   2.860   10.001  1.00 48.61 ? 67   SER A O   1 
ATOM   44   C CB  . SER A 1 6   ? 8.842   1.910   13.116  1.00 49.35 ? 67   SER A CB  1 
ATOM   45   O OG  . SER A 1 6   ? 8.983   0.808   12.237  1.00 50.15 ? 67   SER A OG  1 
ATOM   46   N N   . VAL A 1 7   ? 10.839  3.532   11.183  1.00 48.37 ? 68   VAL A N   1 
ATOM   47   C CA  . VAL A 1 7   ? 11.727  3.718   10.035  1.00 48.13 ? 68   VAL A CA  1 
ATOM   48   C C   . VAL A 1 7   ? 11.834  2.447   9.188   1.00 47.83 ? 68   VAL A C   1 
ATOM   49   O O   . VAL A 1 7   ? 11.891  1.344   9.724   1.00 47.82 ? 68   VAL A O   1 
ATOM   50   C CB  . VAL A 1 7   ? 13.140  4.178   10.490  1.00 48.10 ? 68   VAL A CB  1 
ATOM   51   C CG1 . VAL A 1 7   ? 14.107  4.265   9.306   1.00 48.09 ? 68   VAL A CG1 1 
ATOM   52   C CG2 . VAL A 1 7   ? 13.054  5.524   11.204  1.00 48.14 ? 68   VAL A CG2 1 
ATOM   53   N N   . ASN A 1 8   ? 11.838  2.639   7.866   1.00 47.57 ? 69   ASN A N   1 
ATOM   54   C CA  . ASN A 1 8   ? 11.913  1.570   6.851   1.00 47.45 ? 69   ASN A CA  1 
ATOM   55   C C   . ASN A 1 8   ? 10.588  0.865   6.539   1.00 47.14 ? 69   ASN A C   1 
ATOM   56   O O   . ASN A 1 8   ? 10.531  0.046   5.620   1.00 46.99 ? 69   ASN A O   1 
ATOM   57   C CB  . ASN A 1 8   ? 13.010  0.541   7.168   1.00 47.62 ? 69   ASN A CB  1 
ATOM   58   C CG  . ASN A 1 8   ? 14.396  1.165   7.219   1.00 48.66 ? 69   ASN A CG  1 
ATOM   59   O OD1 . ASN A 1 8   ? 14.735  2.024   6.396   1.00 50.51 ? 69   ASN A OD1 1 
ATOM   60   N ND2 . ASN A 1 8   ? 15.206  0.737   8.184   1.00 48.25 ? 69   ASN A ND2 1 
ATOM   61   N N   . ASP A 1 9   ? 9.530   1.187   7.282   1.00 46.78 ? 70   ASP A N   1 
ATOM   62   C CA  . ASP A 1 9   ? 8.201   0.656   6.988   1.00 46.46 ? 70   ASP A CA  1 
ATOM   63   C C   . ASP A 1 9   ? 7.744   1.119   5.603   1.00 46.29 ? 70   ASP A C   1 
ATOM   64   O O   . ASP A 1 9   ? 7.828   2.308   5.286   1.00 46.00 ? 70   ASP A O   1 
ATOM   65   C CB  . ASP A 1 9   ? 7.171   1.144   8.014   1.00 46.37 ? 70   ASP A CB  1 
ATOM   66   C CG  . ASP A 1 9   ? 7.206   0.368   9.326   1.00 46.60 ? 70   ASP A CG  1 
ATOM   67   O OD1 . ASP A 1 9   ? 8.175   -0.380  9.594   1.00 46.98 ? 70   ASP A OD1 1 
ATOM   68   O OD2 . ASP A 1 9   ? 6.238   0.526   10.100  1.00 45.82 ? 70   ASP A OD2 1 
ATOM   69   N N   . PHE A 1 10  ? 7.258   0.186   4.786   1.00 46.04 ? 71   PHE A N   1 
ATOM   70   C CA  . PHE A 1 10  ? 6.556   0.546   3.558   1.00 45.78 ? 71   PHE A CA  1 
ATOM   71   C C   . PHE A 1 10  ? 5.109   0.845   3.912   1.00 45.70 ? 71   PHE A C   1 
ATOM   72   O O   . PHE A 1 10  ? 4.464   0.066   4.622   1.00 45.54 ? 71   PHE A O   1 
ATOM   73   C CB  . PHE A 1 10  ? 6.613   -0.574  2.520   1.00 46.05 ? 71   PHE A CB  1 
ATOM   74   C CG  . PHE A 1 10  ? 8.001   -0.907  2.031   1.00 46.14 ? 71   PHE A CG  1 
ATOM   75   C CD1 . PHE A 1 10  ? 9.084   -0.052  2.240   1.00 46.60 ? 71   PHE A CD1 1 
ATOM   76   C CD2 . PHE A 1 10  ? 8.216   -2.078  1.316   1.00 46.88 ? 71   PHE A CD2 1 
ATOM   77   C CE1 . PHE A 1 10  ? 10.356  -0.381  1.772   1.00 46.49 ? 71   PHE A CE1 1 
ATOM   78   C CE2 . PHE A 1 10  ? 9.488   -2.405  0.840   1.00 46.61 ? 71   PHE A CE2 1 
ATOM   79   C CZ  . PHE A 1 10  ? 10.552  -1.555  1.069   1.00 46.29 ? 71   PHE A CZ  1 
ATOM   80   N N   . VAL A 1 11  ? 4.607   1.977   3.420   1.00 45.12 ? 72   VAL A N   1 
ATOM   81   C CA  . VAL A 1 11  ? 3.276   2.444   3.762   1.00 45.01 ? 72   VAL A CA  1 
ATOM   82   C C   . VAL A 1 11  ? 2.527   2.954   2.532   1.00 44.74 ? 72   VAL A C   1 
ATOM   83   O O   . VAL A 1 11  ? 3.135   3.345   1.537   1.00 44.83 ? 72   VAL A O   1 
ATOM   84   C CB  . VAL A 1 11  ? 3.320   3.556   4.852   1.00 44.83 ? 72   VAL A CB  1 
ATOM   85   C CG1 . VAL A 1 11  ? 3.890   3.003   6.149   1.00 45.14 ? 72   VAL A CG1 1 
ATOM   86   C CG2 . VAL A 1 11  ? 4.112   4.768   4.389   1.00 44.59 ? 72   VAL A CG2 1 
ATOM   87   N N   . ILE A 1 12  ? 1.203   2.907   2.607   1.00 44.64 ? 73   ILE A N   1 
ATOM   88   C CA  . ILE A 1 12  ? 0.339   3.491   1.589   1.00 44.64 ? 73   ILE A CA  1 
ATOM   89   C C   . ILE A 1 12  ? -0.411  4.656   2.221   1.00 44.55 ? 73   ILE A C   1 
ATOM   90   O O   . ILE A 1 12  ? -1.121  4.481   3.217   1.00 44.41 ? 73   ILE A O   1 
ATOM   91   C CB  . ILE A 1 12  ? -0.683  2.476   1.046   1.00 44.53 ? 73   ILE A CB  1 
ATOM   92   C CG1 . ILE A 1 12  ? 0.032   1.352   0.303   1.00 44.86 ? 73   ILE A CG1 1 
ATOM   93   C CG2 . ILE A 1 12  ? -1.692  3.172   0.124   1.00 44.64 ? 73   ILE A CG2 1 
ATOM   94   C CD1 . ILE A 1 12  ? -0.868  0.218   -0.112  1.00 45.31 ? 73   ILE A CD1 1 
ATOM   95   N N   . GLY A 1 13  ? -0.251  5.839   1.643   1.00 44.37 ? 74   GLY A N   1 
ATOM   96   C CA  . GLY A 1 13  ? -0.944  7.018   2.134   1.00 44.04 ? 74   GLY A CA  1 
ATOM   97   C C   . GLY A 1 13  ? -1.781  7.673   1.067   1.00 43.56 ? 74   GLY A C   1 
ATOM   98   O O   . GLY A 1 13  ? -1.747  7.279   -0.091  1.00 43.87 ? 74   GLY A O   1 
ATOM   99   N N   . VAL A 1 14  ? -2.552  8.672   1.473   1.00 43.48 ? 75   VAL A N   1 
ATOM   100  C CA  . VAL A 1 14  ? -3.298  9.498   0.531   1.00 43.02 ? 75   VAL A CA  1 
ATOM   101  C C   . VAL A 1 14  ? -2.841  10.935  0.734   1.00 42.51 ? 75   VAL A C   1 
ATOM   102  O O   . VAL A 1 14  ? -2.678  11.393  1.871   1.00 42.40 ? 75   VAL A O   1 
ATOM   103  C CB  . VAL A 1 14  ? -4.848  9.318   0.679   1.00 43.24 ? 75   VAL A CB  1 
ATOM   104  C CG1 . VAL A 1 14  ? -5.284  9.362   2.127   1.00 43.87 ? 75   VAL A CG1 1 
ATOM   105  C CG2 . VAL A 1 14  ? -5.595  10.353  -0.128  1.00 43.73 ? 75   VAL A CG2 1 
ATOM   106  N N   . ILE A 1 15  ? -2.590  11.630  -0.372  1.00 41.92 ? 76   ILE A N   1 
ATOM   107  C CA  . ILE A 1 15  ? -2.181  13.022  -0.313  1.00 41.62 ? 76   ILE A CA  1 
ATOM   108  C C   . ILE A 1 15  ? -3.385  13.804  0.171   1.00 41.10 ? 76   ILE A C   1 
ATOM   109  O O   . ILE A 1 15  ? -4.418  13.819  -0.497  1.00 41.00 ? 76   ILE A O   1 
ATOM   110  C CB  . ILE A 1 15  ? -1.752  13.602  -1.702  1.00 41.62 ? 76   ILE A CB  1 
ATOM   111  C CG1 . ILE A 1 15  ? -0.683  12.741  -2.398  1.00 42.14 ? 76   ILE A CG1 1 
ATOM   112  C CG2 . ILE A 1 15  ? -1.298  15.055  -1.557  1.00 41.80 ? 76   ILE A CG2 1 
ATOM   113  C CD1 . ILE A 1 15  ? 0.516   12.408  -1.579  1.00 43.86 ? 76   ILE A CD1 1 
ATOM   114  N N   . ILE A 1 16  ? -3.258  14.448  1.325   1.00 40.58 ? 77   ILE A N   1 
ATOM   115  C CA  . ILE A 1 16  ? -4.339  15.279  1.863   1.00 40.37 ? 77   ILE A CA  1 
ATOM   116  C C   . ILE A 1 16  ? -4.035  16.777  1.781   1.00 40.09 ? 77   ILE A C   1 
ATOM   117  O O   . ILE A 1 16  ? -4.904  17.609  2.054   1.00 39.96 ? 77   ILE A O   1 
ATOM   118  C CB  . ILE A 1 16  ? -4.701  14.884  3.314   1.00 40.40 ? 77   ILE A CB  1 
ATOM   119  C CG1 . ILE A 1 16  ? -3.499  15.039  4.255   1.00 40.20 ? 77   ILE A CG1 1 
ATOM   120  C CG2 . ILE A 1 16  ? -5.263  13.446  3.349   1.00 40.32 ? 77   ILE A CG2 1 
ATOM   121  C CD1 . ILE A 1 16  ? -3.881  15.061  5.723   1.00 40.27 ? 77   ILE A CD1 1 
ATOM   122  N N   . GLY A 1 17  ? -2.816  17.126  1.382   1.00 39.48 ? 78   GLY A N   1 
ATOM   123  C CA  . GLY A 1 17  ? -2.474  18.521  1.164   1.00 39.40 ? 78   GLY A CA  1 
ATOM   124  C C   . GLY A 1 17  ? -1.156  18.705  0.440   1.00 39.16 ? 78   GLY A C   1 
ATOM   125  O O   . GLY A 1 17  ? -0.270  17.857  0.527   1.00 38.88 ? 78   GLY A O   1 
ATOM   126  N N   . THR A 1 18  ? -1.050  19.830  -0.265  1.00 39.18 ? 79   THR A N   1 
ATOM   127  C CA  . THR A 1 18  ? 0.150   20.243  -0.974  1.00 39.39 ? 79   THR A CA  1 
ATOM   128  C C   . THR A 1 18  ? 0.636   21.549  -0.367  1.00 39.39 ? 79   THR A C   1 
ATOM   129  O O   . THR A 1 18  ? -0.131  22.497  -0.261  1.00 39.39 ? 79   THR A O   1 
ATOM   130  C CB  . THR A 1 18  ? -0.146  20.508  -2.464  1.00 39.46 ? 79   THR A CB  1 
ATOM   131  O OG1 . THR A 1 18  ? -1.153  21.519  -2.580  1.00 39.70 ? 79   THR A OG1 1 
ATOM   132  C CG2 . THR A 1 18  ? -0.633  19.246  -3.158  1.00 39.84 ? 79   THR A CG2 1 
ATOM   133  N N   . PHE A 1 19  ? 1.904   21.594  0.031   1.00 39.33 ? 80   PHE A N   1 
ATOM   134  C CA  . PHE A 1 19  ? 2.474   22.772  0.666   1.00 39.51 ? 80   PHE A CA  1 
ATOM   135  C C   . PHE A 1 19  ? 3.659   23.253  -0.162  1.00 39.66 ? 80   PHE A C   1 
ATOM   136  O O   . PHE A 1 19  ? 3.840   22.799  -1.298  1.00 39.69 ? 80   PHE A O   1 
ATOM   137  C CB  . PHE A 1 19  ? 2.811   22.436  2.122   1.00 39.63 ? 80   PHE A CB  1 
ATOM   138  C CG  . PHE A 1 19  ? 1.586   22.153  2.943   1.00 39.45 ? 80   PHE A CG  1 
ATOM   139  C CD1 . PHE A 1 19  ? 0.989   23.157  3.690   1.00 39.35 ? 80   PHE A CD1 1 
ATOM   140  C CD2 . PHE A 1 19  ? 0.981   20.905  2.900   1.00 40.30 ? 80   PHE A CD2 1 
ATOM   141  C CE1 . PHE A 1 19  ? -0.171  22.908  4.419   1.00 39.82 ? 80   PHE A CE1 1 
ATOM   142  C CE2 . PHE A 1 19  ? -0.185  20.650  3.623   1.00 40.03 ? 80   PHE A CE2 1 
ATOM   143  C CZ  . PHE A 1 19  ? -0.756  21.652  4.387   1.00 39.54 ? 80   PHE A CZ  1 
ATOM   144  N N   . SER A 1 20  ? 4.446   24.182  0.372   1.00 39.52 ? 81   SER A N   1 
ATOM   145  C CA  . SER A 1 20  ? 5.485   24.831  -0.421  1.00 39.69 ? 81   SER A CA  1 
ATOM   146  C C   . SER A 1 20  ? 6.595   23.865  -0.855  1.00 39.85 ? 81   SER A C   1 
ATOM   147  O O   . SER A 1 20  ? 7.091   23.965  -1.975  1.00 40.25 ? 81   SER A O   1 
ATOM   148  C CB  . SER A 1 20  ? 6.081   26.037  0.328   1.00 39.80 ? 81   SER A CB  1 
ATOM   149  O OG  . SER A 1 20  ? 6.785   25.635  1.490   1.00 39.63 ? 81   SER A OG  1 
ATOM   150  N N   . ASP A 1 21  ? 6.983   22.941  0.021   1.00 39.72 ? 82   ASP A N   1 
ATOM   151  C CA  . ASP A 1 21  ? 8.064   22.006  -0.293  1.00 39.73 ? 82   ASP A CA  1 
ATOM   152  C C   . ASP A 1 21  ? 7.765   20.555  0.099   1.00 39.25 ? 82   ASP A C   1 
ATOM   153  O O   . ASP A 1 21  ? 8.673   19.741  0.202   1.00 38.76 ? 82   ASP A O   1 
ATOM   154  C CB  . ASP A 1 21  ? 9.395   22.499  0.326   1.00 40.31 ? 82   ASP A CB  1 
ATOM   155  C CG  . ASP A 1 21  ? 9.334   22.658  1.840   1.00 41.60 ? 82   ASP A CG  1 
ATOM   156  O OD1 . ASP A 1 21  ? 8.452   22.061  2.482   1.00 45.03 ? 82   ASP A OD1 1 
ATOM   157  O OD2 . ASP A 1 21  ? 10.180  23.385  2.398   1.00 45.89 ? 82   ASP A OD2 1 
ATOM   158  N N   . SER A 1 22  ? 6.486   20.223  0.284   1.00 39.20 ? 83   SER A N   1 
ATOM   159  C CA  . SER A 1 22  ? 6.099   18.876  0.682   1.00 39.13 ? 83   SER A CA  1 
ATOM   160  C C   . SER A 1 22  ? 4.605   18.632  0.556   1.00 39.08 ? 83   SER A C   1 
ATOM   161  O O   . SER A 1 22  ? 3.813   19.572  0.418   1.00 38.90 ? 83   SER A O   1 
ATOM   162  C CB  . SER A 1 22  ? 6.514   18.591  2.130   1.00 39.22 ? 83   SER A CB  1 
ATOM   163  O OG  . SER A 1 22  ? 5.862   19.473  3.026   1.00 40.07 ? 83   SER A OG  1 
ATOM   164  N N   . TYR A 1 23  ? 4.248   17.351  0.588   1.00 38.73 ? 84   TYR A N   1 
ATOM   165  C CA  . TYR A 1 23  ? 2.871   16.926  0.706   1.00 38.93 ? 84   TYR A CA  1 
ATOM   166  C C   . TYR A 1 23  ? 2.593   16.558  2.151   1.00 38.85 ? 84   TYR A C   1 
ATOM   167  O O   . TYR A 1 23  ? 3.462   16.037  2.847   1.00 38.76 ? 84   TYR A O   1 
ATOM   168  C CB  . TYR A 1 23  ? 2.591   15.689  -0.144  1.00 38.93 ? 84   TYR A CB  1 
ATOM   169  C CG  . TYR A 1 23  ? 2.847   15.868  -1.615  1.00 38.79 ? 84   TYR A CG  1 
ATOM   170  C CD1 . TYR A 1 23  ? 1.936   16.544  -2.413  1.00 38.37 ? 84   TYR A CD1 1 
ATOM   171  C CD2 . TYR A 1 23  ? 3.991   15.344  -2.211  1.00 39.58 ? 84   TYR A CD2 1 
ATOM   172  C CE1 . TYR A 1 23  ? 2.158   16.714  -3.764  1.00 38.84 ? 84   TYR A CE1 1 
ATOM   173  C CE2 . TYR A 1 23  ? 4.229   15.505  -3.574  1.00 39.70 ? 84   TYR A CE2 1 
ATOM   174  C CZ  . TYR A 1 23  ? 3.307   16.190  -4.345  1.00 39.70 ? 84   TYR A CZ  1 
ATOM   175  O OH  . TYR A 1 23  ? 3.522   16.358  -5.693  1.00 39.16 ? 84   TYR A OH  1 
ATOM   176  N N   . LYS A 1 24  ? 1.367   16.828  2.576   1.00 38.88 ? 85   LYS A N   1 
ATOM   177  C CA  . LYS A 1 24  ? 0.809   16.237  3.780   1.00 38.99 ? 85   LYS A CA  1 
ATOM   178  C C   . LYS A 1 24  ? 0.109   14.966  3.325   0.50 38.79 ? 85   LYS A C   1 
ATOM   179  O O   . LYS A 1 24  ? -0.647  14.975  2.365   0.50 37.78 ? 85   LYS A O   1 
ATOM   180  C CB  . LYS A 1 24  ? -0.168  17.205  4.437   0.50 38.82 ? 85   LYS A CB  1 
ATOM   181  C CG  . LYS A 1 24  ? -0.691  16.778  5.788   0.50 38.99 ? 85   LYS A CG  1 
ATOM   182  C CD  . LYS A 1 24  ? -1.624  17.855  6.349   0.50 39.27 ? 85   LYS A CD  1 
ATOM   183  C CE  . LYS A 1 24  ? -1.781  17.766  7.850   0.50 39.43 ? 85   LYS A CE  1 
ATOM   184  N NZ  . LYS A 1 24  ? -0.491  18.027  8.557   0.50 40.07 ? 85   LYS A NZ  1 
ATOM   185  N N   . VAL A 1 25  ? 0.391   13.879  4.029   1.00 39.34 ? 86   VAL A N   1 
ATOM   186  C CA  . VAL A 1 25  ? -0.054  12.544  3.661   1.00 39.95 ? 86   VAL A CA  1 
ATOM   187  C C   . VAL A 1 25  ? -0.674  11.864  4.885   1.00 40.33 ? 86   VAL A C   1 
ATOM   188  O O   . VAL A 1 25  ? -0.139  11.947  5.987   1.00 39.97 ? 86   VAL A O   1 
ATOM   189  C CB  . VAL A 1 25  ? 1.143   11.711  3.149   1.00 39.95 ? 86   VAL A CB  1 
ATOM   190  C CG1 . VAL A 1 25  ? 0.721   10.285  2.790   1.00 40.10 ? 86   VAL A CG1 1 
ATOM   191  C CG2 . VAL A 1 25  ? 1.805   12.409  1.959   1.00 39.84 ? 86   VAL A CG2 1 
ATOM   192  N N   . SER A 1 26  ? -1.818  11.210  4.683   1.00 41.19 ? 87   SER A N   1 
ATOM   193  C CA  . SER A 1 26  ? -2.480  10.457  5.740   1.00 41.75 ? 87   SER A CA  1 
ATOM   194  C C   . SER A 1 26  ? -2.264  8.965   5.541   1.00 42.31 ? 87   SER A C   1 
ATOM   195  O O   . SER A 1 26  ? -2.551  8.435   4.468   1.00 42.05 ? 87   SER A O   1 
ATOM   196  C CB  . SER A 1 26  ? -3.977  10.749  5.760   1.00 41.80 ? 87   SER A CB  1 
ATOM   197  O OG  . SER A 1 26  ? -4.617  9.911   6.706   1.00 41.55 ? 87   SER A OG  1 
ATOM   198  N N   . LEU A 1 27  ? -1.757  8.300   6.577   1.00 43.18 ? 88   LEU A N   1 
ATOM   199  C CA  . LEU A 1 27  ? -1.588  6.845   6.566   1.00 44.32 ? 88   LEU A CA  1 
ATOM   200  C C   . LEU A 1 27  ? -2.800  6.119   7.181   1.00 44.83 ? 88   LEU A C   1 
ATOM   201  O O   . LEU A 1 27  ? -3.064  4.972   6.849   1.00 44.87 ? 88   LEU A O   1 
ATOM   202  C CB  . LEU A 1 27  ? -0.287  6.449   7.275   1.00 44.43 ? 88   LEU A CB  1 
ATOM   203  C CG  . LEU A 1 27  ? 0.989   7.126   6.757   1.00 44.70 ? 88   LEU A CG  1 
ATOM   204  C CD1 . LEU A 1 27  ? 2.204   6.636   7.533   1.00 45.09 ? 88   LEU A CD1 1 
ATOM   205  C CD2 . LEU A 1 27  ? 1.179   6.893   5.268   1.00 45.12 ? 88   LEU A CD2 1 
ATOM   206  N N   . GLN A 1 28  ? -3.513  6.784   8.085   1.00 45.55 ? 89   GLN A N   1 
ATOM   207  C CA  A GLN A 1 28  ? -4.773  6.272   8.638   0.50 45.80 ? 89   GLN A CA  1 
ATOM   208  C CA  B GLN A 1 28  ? -4.802  6.283   8.551   0.50 45.96 ? 89   GLN A CA  1 
ATOM   209  C C   . GLN A 1 28  ? -5.653  7.436   9.064   1.00 46.15 ? 89   GLN A C   1 
ATOM   210  O O   . GLN A 1 28  ? -5.140  8.488   9.442   1.00 46.29 ? 89   GLN A O   1 
ATOM   211  C CB  A GLN A 1 28  ? -4.518  5.364   9.850   0.50 45.72 ? 89   GLN A CB  1 
ATOM   212  C CB  B GLN A 1 28  ? -4.635  5.187   9.614   0.50 45.93 ? 89   GLN A CB  1 
ATOM   213  C CG  A GLN A 1 28  ? -4.098  3.927   9.532   0.50 45.84 ? 89   GLN A CG  1 
ATOM   214  C CG  B GLN A 1 28  ? -4.241  5.682   10.984  0.50 46.45 ? 89   GLN A CG  1 
ATOM   215  C CD  A GLN A 1 28  ? -5.066  3.212   8.593   0.50 46.10 ? 89   GLN A CD  1 
ATOM   216  C CD  B GLN A 1 28  ? -3.835  4.564   11.938  0.50 46.55 ? 89   GLN A CD  1 
ATOM   217  O OE1 A GLN A 1 28  ? -6.282  3.408   8.663   0.50 46.82 ? 89   GLN A OE1 1 
ATOM   218  O OE1 B GLN A 1 28  ? -4.246  3.411   11.791  0.50 47.91 ? 89   GLN A OE1 1 
ATOM   219  N NE2 A GLN A 1 28  ? -4.527  2.371   7.723   0.50 45.06 ? 89   GLN A NE2 1 
ATOM   220  N NE2 B GLN A 1 28  ? -3.028  4.908   12.927  0.50 46.31 ? 89   GLN A NE2 1 
ATOM   221  N N   . ASN A 1 29  ? -6.967  7.240   9.034   1.00 46.84 ? 90   ASN A N   1 
ATOM   222  C CA  A ASN A 1 29  ? -7.871  8.292   9.475   0.50 46.94 ? 90   ASN A CA  1 
ATOM   223  C CA  B ASN A 1 29  ? -7.933  8.228   9.515   0.50 47.04 ? 90   ASN A CA  1 
ATOM   224  C C   . ASN A 1 29  ? -7.759  8.450   10.996  1.00 47.24 ? 90   ASN A C   1 
ATOM   225  O O   . ASN A 1 29  ? -7.362  7.526   11.708  1.00 47.63 ? 90   ASN A O   1 
ATOM   226  C CB  A ASN A 1 29  ? -9.318  8.021   9.018   0.50 46.98 ? 90   ASN A CB  1 
ATOM   227  C CB  B ASN A 1 29  ? -9.364  7.740   9.282   0.50 47.25 ? 90   ASN A CB  1 
ATOM   228  C CG  A ASN A 1 29  ? -10.164 9.300   8.919   0.50 46.86 ? 90   ASN A CG  1 
ATOM   229  C CG  B ASN A 1 29  ? -9.653  7.460   7.839   0.50 47.39 ? 90   ASN A CG  1 
ATOM   230  O OD1 A ASN A 1 29  ? -9.640  10.414  8.838   0.50 46.69 ? 90   ASN A OD1 1 
ATOM   231  O OD1 B ASN A 1 29  ? -9.069  8.075   6.954   0.50 49.04 ? 90   ASN A OD1 1 
ATOM   232  N ND2 A ASN A 1 29  ? -11.480 9.133   8.923   0.50 46.60 ? 90   ASN A ND2 1 
ATOM   233  N ND2 B ASN A 1 29  ? -10.558 6.520   7.586   0.50 48.37 ? 90   ASN A ND2 1 
ATOM   234  N N   . PHE A 1 30  ? -8.066  9.655   11.465  1.00 47.57 ? 91   PHE A N   1 
ATOM   235  C CA  . PHE A 1 30  ? -7.986  10.003  12.890  1.00 47.65 ? 91   PHE A CA  1 
ATOM   236  C C   . PHE A 1 30  ? -6.565  9.916   13.489  1.00 47.73 ? 91   PHE A C   1 
ATOM   237  O O   . PHE A 1 30  ? -6.403  9.876   14.710  1.00 47.80 ? 91   PHE A O   1 
ATOM   238  C CB  . PHE A 1 30  ? -8.970  9.148   13.701  1.00 48.26 ? 91   PHE A CB  1 
ATOM   239  C CG  . PHE A 1 30  ? -10.344 9.070   13.093  1.00 48.66 ? 91   PHE A CG  1 
ATOM   240  C CD1 . PHE A 1 30  ? -11.227 10.136  13.196  1.00 49.37 ? 91   PHE A CD1 1 
ATOM   241  C CD2 . PHE A 1 30  ? -10.753 7.933   12.414  1.00 49.34 ? 91   PHE A CD2 1 
ATOM   242  C CE1 . PHE A 1 30  ? -12.499 10.067  12.634  1.00 49.19 ? 91   PHE A CE1 1 
ATOM   243  C CE2 . PHE A 1 30  ? -12.021 7.861   11.850  1.00 49.27 ? 91   PHE A CE2 1 
ATOM   244  C CZ  . PHE A 1 30  ? -12.894 8.928   11.959  1.00 49.09 ? 91   PHE A CZ  1 
ATOM   245  N N   . SER A 1 31  ? -5.547  9.916   12.632  1.00 47.66 ? 92   SER A N   1 
ATOM   246  C CA  . SER A 1 31  ? -4.148  9.906   13.069  1.00 47.38 ? 92   SER A CA  1 
ATOM   247  C C   . SER A 1 31  ? -3.419  11.118  12.514  1.00 47.08 ? 92   SER A C   1 
ATOM   248  O O   . SER A 1 31  ? -3.863  11.717  11.535  1.00 46.94 ? 92   SER A O   1 
ATOM   249  C CB  . SER A 1 31  ? -3.456  8.632   12.590  1.00 47.52 ? 92   SER A CB  1 
ATOM   250  O OG  . SER A 1 31  ? -4.077  7.494   13.160  1.00 48.41 ? 92   SER A OG  1 
ATOM   251  N N   . SER A 1 32  ? -2.303  11.475  13.147  1.00 46.63 ? 93   SER A N   1 
ATOM   252  C CA  . SER A 1 32  ? -1.451  12.556  12.653  1.00 46.36 ? 93   SER A CA  1 
ATOM   253  C C   . SER A 1 32  ? -0.937  12.220  11.260  1.00 45.85 ? 93   SER A C   1 
ATOM   254  O O   . SER A 1 32  ? -0.661  11.063  10.954  1.00 45.76 ? 93   SER A O   1 
ATOM   255  C CB  . SER A 1 32  ? -0.260  12.802  13.584  1.00 46.28 ? 93   SER A CB  1 
ATOM   256  O OG  . SER A 1 32  ? -0.675  13.403  14.795  1.00 47.07 ? 93   SER A OG  1 
ATOM   257  N N   . SER A 1 33  ? -0.813  13.243  10.425  1.00 45.38 ? 94   SER A N   1 
ATOM   258  C CA  . SER A 1 33  ? -0.314  13.071  9.070   1.00 45.12 ? 94   SER A CA  1 
ATOM   259  C C   . SER A 1 33  ? 1.201   12.906  9.070   1.00 44.66 ? 94   SER A C   1 
ATOM   260  O O   . SER A 1 33  ? 1.864   13.180  10.067  1.00 44.94 ? 94   SER A O   1 
ATOM   261  C CB  . SER A 1 33  ? -0.692  14.278  8.223   1.00 45.12 ? 94   SER A CB  1 
ATOM   262  O OG  . SER A 1 33  ? -0.195  15.455  8.814   1.00 45.28 ? 94   SER A OG  1 
ATOM   263  N N   . VAL A 1 34  ? 1.738   12.446  7.948   1.00 44.13 ? 95   VAL A N   1 
ATOM   264  C CA  . VAL A 1 34  ? 3.183   12.383  7.747   1.00 43.67 ? 95   VAL A CA  1 
ATOM   265  C C   . VAL A 1 34  ? 3.564   13.297  6.587   1.00 43.24 ? 95   VAL A C   1 
ATOM   266  O O   . VAL A 1 34  ? 2.696   13.828  5.888   1.00 43.12 ? 95   VAL A O   1 
ATOM   267  C CB  . VAL A 1 34  ? 3.679   10.940  7.510   1.00 43.67 ? 95   VAL A CB  1 
ATOM   268  C CG1 . VAL A 1 34  ? 3.186   10.027  8.628   1.00 43.57 ? 95   VAL A CG1 1 
ATOM   269  C CG2 . VAL A 1 34  ? 3.244   10.412  6.144   1.00 43.69 ? 95   VAL A CG2 1 
ATOM   270  N N   . SER A 1 35  ? 4.864   13.482  6.396   1.00 42.77 ? 96   SER A N   1 
ATOM   271  C CA  . SER A 1 35  ? 5.376   14.487  5.477   1.00 42.41 ? 96   SER A CA  1 
ATOM   272  C C   . SER A 1 35  ? 6.168   13.847  4.344   1.00 41.89 ? 96   SER A C   1 
ATOM   273  O O   . SER A 1 35  ? 7.046   13.007  4.570   1.00 41.54 ? 96   SER A O   1 
ATOM   274  C CB  . SER A 1 35  ? 6.253   15.484  6.233   1.00 42.43 ? 96   SER A CB  1 
ATOM   275  O OG  . SER A 1 35  ? 6.832   16.413  5.339   1.00 43.22 ? 96   SER A OG  1 
ATOM   276  N N   . LEU A 1 36  ? 5.840   14.254  3.124   1.00 41.22 ? 97   LEU A N   1 
ATOM   277  C CA  . LEU A 1 36  ? 6.517   13.771  1.934   1.00 41.13 ? 97   LEU A CA  1 
ATOM   278  C C   . LEU A 1 36  ? 7.141   14.966  1.218   1.00 40.73 ? 97   LEU A C   1 
ATOM   279  O O   . LEU A 1 36  ? 6.452   15.729  0.541   1.00 40.73 ? 97   LEU A O   1 
ATOM   280  C CB  . LEU A 1 36  ? 5.525   13.040  1.022   1.00 40.87 ? 97   LEU A CB  1 
ATOM   281  C CG  . LEU A 1 36  ? 6.010   12.562  -0.345  1.00 41.10 ? 97   LEU A CG  1 
ATOM   282  C CD1 . LEU A 1 36  ? 7.254   11.684  -0.226  1.00 40.62 ? 97   LEU A CD1 1 
ATOM   283  C CD2 . LEU A 1 36  ? 4.884   11.825  -1.058  1.00 40.80 ? 97   LEU A CD2 1 
ATOM   284  N N   . SER A 1 37  ? 8.444   15.137  1.395   1.00 40.52 ? 98   SER A N   1 
ATOM   285  C CA  . SER A 1 37  ? 9.158   16.213  0.727   1.00 40.48 ? 98   SER A CA  1 
ATOM   286  C C   . SER A 1 37  ? 9.055   16.084  -0.789  1.00 40.25 ? 98   SER A C   1 
ATOM   287  O O   . SER A 1 37  ? 9.073   14.977  -1.331  1.00 39.50 ? 98   SER A O   1 
ATOM   288  C CB  . SER A 1 37  ? 10.630  16.216  1.131   1.00 40.35 ? 98   SER A CB  1 
ATOM   289  O OG  . SER A 1 37  ? 11.351  17.176  0.382   1.00 40.25 ? 98   SER A OG  1 
ATOM   290  N N   . TYR A 1 38  ? 8.958   17.231  -1.459  1.00 40.43 ? 99   TYR A N   1 
ATOM   291  C CA  . TYR A 1 38  ? 9.052   17.298  -2.915  1.00 40.64 ? 99   TYR A CA  1 
ATOM   292  C C   . TYR A 1 38  ? 10.432  16.859  -3.421  1.00 40.87 ? 99   TYR A C   1 
ATOM   293  O O   . TYR A 1 38  ? 10.586  16.553  -4.601  1.00 41.35 ? 99   TYR A O   1 
ATOM   294  C CB  . TYR A 1 38  ? 8.758   18.719  -3.416  1.00 40.19 ? 99   TYR A CB  1 
ATOM   295  C CG  . TYR A 1 38  ? 7.346   19.216  -3.177  1.00 39.97 ? 99   TYR A CG  1 
ATOM   296  C CD1 . TYR A 1 38  ? 6.320   18.349  -2.817  1.00 39.77 ? 99   TYR A CD1 1 
ATOM   297  C CD2 . TYR A 1 38  ? 7.030   20.560  -3.344  1.00 40.02 ? 99   TYR A CD2 1 
ATOM   298  C CE1 . TYR A 1 38  ? 5.030   18.807  -2.616  1.00 39.73 ? 99   TYR A CE1 1 
ATOM   299  C CE2 . TYR A 1 38  ? 5.737   21.024  -3.145  1.00 39.86 ? 99   TYR A CE2 1 
ATOM   300  C CZ  . TYR A 1 38  ? 4.744   20.141  -2.779  1.00 39.49 ? 99   TYR A CZ  1 
ATOM   301  O OH  . TYR A 1 38  ? 3.459   20.586  -2.572  1.00 39.42 ? 99   TYR A OH  1 
ATOM   302  N N   . MET A 1 39  ? 11.425  16.843  -2.533  1.00 40.96 ? 100  MET A N   1 
ATOM   303  C CA  . MET A 1 39  ? 12.762  16.343  -2.858  1.00 41.25 ? 100  MET A CA  1 
ATOM   304  C C   . MET A 1 39  ? 12.887  14.829  -2.684  1.00 41.09 ? 100  MET A C   1 
ATOM   305  O O   . MET A 1 39  ? 13.906  14.260  -3.064  1.00 40.86 ? 100  MET A O   1 
ATOM   306  C CB  . MET A 1 39  ? 13.819  17.018  -1.974  1.00 41.44 ? 100  MET A CB  1 
ATOM   307  C CG  . MET A 1 39  ? 13.988  18.519  -2.173  1.00 42.83 ? 100  MET A CG  1 
ATOM   308  S SD  . MET A 1 39  ? 14.485  18.979  -3.847  1.00 44.45 ? 100  MET A SD  1 
ATOM   309  C CE  . MET A 1 39  ? 12.898  19.285  -4.600  1.00 45.97 ? 100  MET A CE  1 
ATOM   310  N N   . ALA A 1 40  ? 11.865  14.178  -2.128  1.00 40.90 ? 101  ALA A N   1 
ATOM   311  C CA  . ALA A 1 40  ? 11.944  12.749  -1.784  1.00 41.08 ? 101  ALA A CA  1 
ATOM   312  C C   . ALA A 1 40  ? 11.494  11.837  -2.934  1.00 41.19 ? 101  ALA A C   1 
ATOM   313  O O   . ALA A 1 40  ? 10.739  10.881  -2.730  1.00 40.95 ? 101  ALA A O   1 
ATOM   314  C CB  . ALA A 1 40  ? 11.130  12.469  -0.527  1.00 41.01 ? 101  ALA A CB  1 
ATOM   315  N N   . PHE A 1 41  ? 11.981  12.140  -4.135  1.00 41.29 ? 102  PHE A N   1 
ATOM   316  C CA  . PHE A 1 41  ? 11.660  11.401  -5.348  1.00 41.39 ? 102  PHE A CA  1 
ATOM   317  C C   . PHE A 1 41  ? 12.953  11.213  -6.161  1.00 41.53 ? 102  PHE A C   1 
ATOM   318  O O   . PHE A 1 41  ? 13.943  11.889  -5.897  1.00 41.25 ? 102  PHE A O   1 
ATOM   319  C CB  . PHE A 1 41  ? 10.614  12.172  -6.152  1.00 41.24 ? 102  PHE A CB  1 
ATOM   320  C CG  . PHE A 1 41  ? 9.267   12.245  -5.480  1.00 41.27 ? 102  PHE A CG  1 
ATOM   321  C CD1 . PHE A 1 41  ? 8.293   11.296  -5.748  1.00 40.81 ? 102  PHE A CD1 1 
ATOM   322  C CD2 . PHE A 1 41  ? 8.978   13.253  -4.573  1.00 41.44 ? 102  PHE A CD2 1 
ATOM   323  C CE1 . PHE A 1 41  ? 7.057   11.350  -5.131  1.00 40.95 ? 102  PHE A CE1 1 
ATOM   324  C CE2 . PHE A 1 41  ? 7.741   13.314  -3.948  1.00 41.24 ? 102  PHE A CE2 1 
ATOM   325  C CZ  . PHE A 1 41  ? 6.778   12.359  -4.231  1.00 41.08 ? 102  PHE A CZ  1 
ATOM   326  N N   . PRO A 1 42  ? 12.960  10.277  -7.129  1.00 42.11 ? 103  PRO A N   1 
ATOM   327  C CA  . PRO A 1 42  ? 14.162  10.035  -7.947  1.00 42.78 ? 103  PRO A CA  1 
ATOM   328  C C   . PRO A 1 42  ? 14.708  11.277  -8.660  1.00 43.40 ? 103  PRO A C   1 
ATOM   329  O O   . PRO A 1 42  ? 13.960  11.958  -9.359  1.00 43.48 ? 103  PRO A O   1 
ATOM   330  C CB  . PRO A 1 42  ? 13.680  8.995   -8.967  1.00 42.47 ? 103  PRO A CB  1 
ATOM   331  C CG  . PRO A 1 42  ? 12.597  8.291   -8.282  1.00 42.45 ? 103  PRO A CG  1 
ATOM   332  C CD  . PRO A 1 42  ? 11.874  9.356   -7.501  1.00 41.88 ? 103  PRO A CD  1 
ATOM   333  N N   . ASN A 1 43  ? 16.001  11.559  -8.479  1.00 44.20 ? 104  ASN A N   1 
ATOM   334  C CA  . ASN A 1 43  ? 16.657  12.730  -9.077  1.00 45.06 ? 104  ASN A CA  1 
ATOM   335  C C   . ASN A 1 43  ? 15.891  14.050  -8.870  1.00 45.90 ? 104  ASN A C   1 
ATOM   336  O O   . ASN A 1 43  ? 15.882  14.919  -9.747  1.00 45.55 ? 104  ASN A O   1 
ATOM   337  C CB  . ASN A 1 43  ? 16.922  12.491  -10.575 1.00 45.01 ? 104  ASN A CB  1 
ATOM   338  C CG  . ASN A 1 43  ? 18.000  11.450  -10.825 1.00 45.04 ? 104  ASN A CG  1 
ATOM   339  O OD1 . ASN A 1 43  ? 18.640  10.972  -9.892  1.00 45.53 ? 104  ASN A OD1 1 
ATOM   340  N ND2 . ASN A 1 43  ? 18.206  11.098  -12.090 1.00 44.60 ? 104  ASN A ND2 1 
ATOM   341  N N   . ALA A 1 44  ? 15.267  14.201  -7.704  1.00 47.17 ? 105  ALA A N   1 
ATOM   342  C CA  . ALA A 1 44  ? 14.427  15.370  -7.435  1.00 48.30 ? 105  ALA A CA  1 
ATOM   343  C C   . ALA A 1 44  ? 15.253  16.623  -7.161  1.00 49.33 ? 105  ALA A C   1 
ATOM   344  O O   . ALA A 1 44  ? 16.252  16.582  -6.438  1.00 49.24 ? 105  ALA A O   1 
ATOM   345  C CB  . ALA A 1 44  ? 13.488  15.099  -6.274  1.00 48.51 ? 105  ALA A CB  1 
ATOM   346  N N   . SER A 1 45  ? 14.830  17.725  -7.768  1.00 50.62 ? 106  SER A N   1 
ATOM   347  C CA  . SER A 1 45  ? 15.356  19.050  -7.468  1.00 51.80 ? 106  SER A CA  1 
ATOM   348  C C   . SER A 1 45  ? 14.201  20.051  -7.548  1.00 52.94 ? 106  SER A C   1 
ATOM   349  O O   . SER A 1 45  ? 13.048  19.665  -7.748  1.00 53.07 ? 106  SER A O   1 
ATOM   350  C CB  . SER A 1 45  ? 16.470  19.424  -8.449  1.00 51.76 ? 106  SER A CB  1 
ATOM   351  O OG  . SER A 1 45  ? 15.944  19.717  -9.731  1.00 51.65 ? 106  SER A OG  1 
ATOM   352  N N   . LYS A 1 46  ? 14.500  21.336  -7.387  1.00 54.45 ? 107  LYS A N   1 
ATOM   353  C CA  . LYS A 1 46  ? 13.460  22.361  -7.475  1.00 55.38 ? 107  LYS A CA  1 
ATOM   354  C C   . LYS A 1 46  ? 12.894  22.487  -8.893  1.00 56.32 ? 107  LYS A C   1 
ATOM   355  O O   . LYS A 1 46  ? 11.731  22.869  -9.066  1.00 56.62 ? 107  LYS A O   1 
ATOM   356  C CB  . LYS A 1 46  ? 13.971  23.694  -6.935  1.00 55.74 ? 107  LYS A CB  1 
ATOM   357  C CG  . LYS A 1 46  ? 13.895  23.730  -5.417  1.00 56.19 ? 107  LYS A CG  1 
ATOM   358  C CD  . LYS A 1 46  ? 14.826  24.748  -4.780  1.00 56.12 ? 107  LYS A CD  1 
ATOM   359  C CE  . LYS A 1 46  ? 14.490  24.910  -3.295  1.00 56.73 ? 107  LYS A CE  1 
ATOM   360  N NZ  . LYS A 1 46  ? 13.995  23.626  -2.677  1.00 56.34 ? 107  LYS A NZ  1 
ATOM   361  N N   . LYS A 1 47  ? 13.703  22.131  -9.900  1.00 20.00 ? 108  LYS A N   1 
ATOM   362  C CA  . LYS A 1 47  ? 13.243  22.010  -11.278 1.00 20.00 ? 108  LYS A CA  1 
ATOM   363  C C   . LYS A 1 47  ? 12.460  20.717  -11.486 1.00 20.00 ? 108  LYS A C   1 
ATOM   364  O O   . LYS A 1 47  ? 11.331  20.729  -11.991 1.00 58.65 ? 108  LYS A O   1 
ATOM   365  C CB  . LYS A 1 47  ? 14.427  22.069  -12.244 1.00 20.00 ? 108  LYS A CB  1 
ATOM   366  C CG  . LYS A 1 47  ? 15.126  23.419  -12.289 1.00 20.00 ? 108  LYS A CG  1 
ATOM   367  N N   . ASN A 1 48  ? 13.057  19.589  -11.089 1.00 58.75 ? 109  ASN A N   1 
ATOM   368  C CA  . ASN A 1 48  ? 12.425  18.271  -11.228 1.00 58.75 ? 109  ASN A CA  1 
ATOM   369  C C   . ASN A 1 48  ? 11.497  18.001  -10.034 1.00 59.02 ? 109  ASN A C   1 
ATOM   370  O O   . ASN A 1 48  ? 11.862  17.301  -9.088  1.00 59.12 ? 109  ASN A O   1 
ATOM   371  C CB  . ASN A 1 48  ? 13.511  17.189  -11.373 1.00 58.96 ? 109  ASN A CB  1 
ATOM   372  C CG  . ASN A 1 48  ? 12.947  15.799  -11.636 1.00 59.20 ? 109  ASN A CG  1 
ATOM   373  O OD1 . ASN A 1 48  ? 11.765  15.628  -11.944 1.00 60.61 ? 109  ASN A OD1 1 
ATOM   374  N ND2 . ASN A 1 48  ? 13.805  14.792  -11.515 1.00 59.78 ? 109  ASN A ND2 1 
ATOM   375  N N   . ARG A 1 49  ? 10.292  18.564  -10.105 1.00 59.23 ? 110  ARG A N   1 
ATOM   376  C CA  . ARG A 1 49  ? 9.327   18.567  -8.998  1.00 58.89 ? 110  ARG A CA  1 
ATOM   377  C C   . ARG A 1 49  ? 8.207   17.541  -9.253  1.00 58.50 ? 110  ARG A C   1 
ATOM   378  O O   . ARG A 1 49  ? 7.816   17.336  -10.407 1.00 58.98 ? 110  ARG A O   1 
ATOM   379  C CB  . ARG A 1 49  ? 8.733   19.980  -8.867  1.00 59.15 ? 110  ARG A CB  1 
ATOM   380  C CG  . ARG A 1 49  ? 7.927   20.227  -7.593  1.00 59.94 ? 110  ARG A CG  1 
ATOM   381  C CD  . ARG A 1 49  ? 6.528   20.816  -7.864  1.00 60.38 ? 110  ARG A CD  1 
ATOM   382  N NE  . ARG A 1 49  ? 5.483   20.164  -7.066  1.00 61.15 ? 110  ARG A NE  1 
ATOM   383  C CZ  . ARG A 1 49  ? 4.248   20.642  -6.893  1.00 61.84 ? 110  ARG A CZ  1 
ATOM   384  N NH1 . ARG A 1 49  ? 3.880   21.798  -7.445  1.00 62.70 ? 110  ARG A NH1 1 
ATOM   385  N NH2 . ARG A 1 49  ? 3.374   19.967  -6.150  1.00 62.28 ? 110  ARG A NH2 1 
ATOM   386  N N   . PRO A 1 50  ? 7.703   16.869  -8.187  1.00 57.59 ? 111  PRO A N   1 
ATOM   387  C CA  . PRO A 1 50  ? 6.550   15.958  -8.368  1.00 56.77 ? 111  PRO A CA  1 
ATOM   388  C C   . PRO A 1 50  ? 5.213   16.629  -8.728  1.00 55.92 ? 111  PRO A C   1 
ATOM   389  O O   . PRO A 1 50  ? 5.024   17.827  -8.512  1.00 55.99 ? 111  PRO A O   1 
ATOM   390  C CB  . PRO A 1 50  ? 6.435   15.260  -7.006  1.00 56.86 ? 111  PRO A CB  1 
ATOM   391  C CG  . PRO A 1 50  ? 7.042   16.234  -6.040  1.00 57.20 ? 111  PRO A CG  1 
ATOM   392  C CD  . PRO A 1 50  ? 8.193   16.839  -6.795  1.00 57.43 ? 111  PRO A CD  1 
ATOM   393  N N   . THR A 1 51  ? 4.295   15.824  -9.255  1.00 54.92 ? 112  THR A N   1 
ATOM   394  C CA  . THR A 1 51  ? 3.023   16.303  -9.795  1.00 54.07 ? 112  THR A CA  1 
ATOM   395  C C   . THR A 1 51  ? 1.811   15.607  -9.152  1.00 53.18 ? 112  THR A C   1 
ATOM   396  O O   . THR A 1 51  ? 0.745   15.508  -9.765  1.00 53.29 ? 112  THR A O   1 
ATOM   397  C CB  . THR A 1 51  ? 2.975   16.028  -11.305 1.00 54.19 ? 112  THR A CB  1 
ATOM   398  O OG1 . THR A 1 51  ? 3.095   14.616  -11.526 1.00 54.38 ? 112  THR A OG1 1 
ATOM   399  C CG2 . THR A 1 51  ? 4.108   16.743  -12.016 1.00 54.58 ? 112  THR A CG2 1 
ATOM   400  N N   . LEU A 1 52  ? 1.972   15.118  -7.925  1.00 51.91 ? 113  LEU A N   1 
ATOM   401  C CA  . LEU A 1 52  ? 0.874   14.462  -7.213  1.00 50.68 ? 113  LEU A CA  1 
ATOM   402  C C   . LEU A 1 52  ? -0.118  15.518  -6.744  1.00 49.43 ? 113  LEU A C   1 
ATOM   403  O O   . LEU A 1 52  ? 0.228   16.685  -6.625  1.00 49.15 ? 113  LEU A O   1 
ATOM   404  C CB  . LEU A 1 52  ? 1.392   13.670  -6.019  1.00 50.53 ? 113  LEU A CB  1 
ATOM   405  C CG  . LEU A 1 52  ? 2.511   12.669  -6.305  1.00 51.39 ? 113  LEU A CG  1 
ATOM   406  C CD1 . LEU A 1 52  ? 3.001   12.049  -5.010  1.00 52.22 ? 113  LEU A CD1 1 
ATOM   407  C CD2 . LEU A 1 52  ? 2.045   11.598  -7.256  1.00 52.22 ? 113  LEU A CD2 1 
ATOM   408  N N   . GLN A 1 53  ? -1.357  15.115  -6.502  1.00 48.15 ? 114  GLN A N   1 
ATOM   409  C CA  . GLN A 1 53  ? -2.368  16.044  -6.014  1.00 47.52 ? 114  GLN A CA  1 
ATOM   410  C C   . GLN A 1 53  ? -3.230  15.415  -4.929  1.00 46.48 ? 114  GLN A C   1 
ATOM   411  O O   . GLN A 1 53  ? -3.183  14.202  -4.700  1.00 45.75 ? 114  GLN A O   1 
ATOM   412  C CB  . GLN A 1 53  ? -3.232  16.581  -7.165  1.00 47.47 ? 114  GLN A CB  1 
ATOM   413  C CG  . GLN A 1 53  ? -3.834  15.532  -8.051  1.00 47.84 ? 114  GLN A CG  1 
ATOM   414  C CD  . GLN A 1 53  ? -4.670  16.125  -9.170  1.00 47.99 ? 114  GLN A CD  1 
ATOM   415  O OE1 . GLN A 1 53  ? -5.268  17.192  -9.025  1.00 49.46 ? 114  GLN A OE1 1 
ATOM   416  N NE2 . GLN A 1 53  ? -4.723  15.426  -10.291 1.00 48.55 ? 114  GLN A NE2 1 
ATOM   417  N N   . VAL A 1 54  ? -3.996  16.266  -4.254  1.00 45.37 ? 115  VAL A N   1 
ATOM   418  C CA  . VAL A 1 54  ? -4.840  15.837  -3.148  1.00 44.97 ? 115  VAL A CA  1 
ATOM   419  C C   . VAL A 1 54  ? -5.749  14.712  -3.645  1.00 44.22 ? 115  VAL A C   1 
ATOM   420  O O   . VAL A 1 54  ? -6.356  14.832  -4.702  1.00 43.60 ? 115  VAL A O   1 
ATOM   421  C CB  . VAL A 1 54  ? -5.662  17.017  -2.567  1.00 44.69 ? 115  VAL A CB  1 
ATOM   422  C CG1 . VAL A 1 54  ? -6.692  16.526  -1.560  1.00 45.26 ? 115  VAL A CG1 1 
ATOM   423  C CG2 . VAL A 1 54  ? -4.733  18.048  -1.916  1.00 44.97 ? 115  VAL A CG2 1 
ATOM   424  N N   . GLY A 1 55  ? -5.800  13.618  -2.887  1.00 43.57 ? 116  GLY A N   1 
ATOM   425  C CA  . GLY A 1 55  ? -6.622  12.467  -3.218  1.00 43.59 ? 116  GLY A CA  1 
ATOM   426  C C   . GLY A 1 55  ? -5.867  11.339  -3.897  1.00 43.28 ? 116  GLY A C   1 
ATOM   427  O O   . GLY A 1 55  ? -6.403  10.244  -4.042  1.00 43.20 ? 116  GLY A O   1 
ATOM   428  N N   . ASP A 1 56  ? -4.629  11.597  -4.312  1.00 43.17 ? 117  ASP A N   1 
ATOM   429  C CA  . ASP A 1 56  ? -3.789  10.574  -4.911  1.00 43.37 ? 117  ASP A CA  1 
ATOM   430  C C   . ASP A 1 56  ? -3.277  9.638   -3.834  1.00 43.46 ? 117  ASP A C   1 
ATOM   431  O O   . ASP A 1 56  ? -2.957  10.060  -2.726  1.00 43.31 ? 117  ASP A O   1 
ATOM   432  C CB  . ASP A 1 56  ? -2.583  11.182  -5.646  1.00 43.27 ? 117  ASP A CB  1 
ATOM   433  C CG  . ASP A 1 56  ? -2.959  11.882  -6.939  1.00 42.90 ? 117  ASP A CG  1 
ATOM   434  O OD1 . ASP A 1 56  ? -4.057  11.643  -7.467  1.00 42.96 ? 117  ASP A OD1 1 
ATOM   435  O OD2 . ASP A 1 56  ? -2.137  12.678  -7.441  1.00 43.27 ? 117  ASP A OD2 1 
ATOM   436  N N   . LEU A 1 57  ? -3.187  8.370   -4.191  1.00 43.68 ? 118  LEU A N   1 
ATOM   437  C CA  . LEU A 1 57  ? -2.617  7.344   -3.340  1.00 44.45 ? 118  LEU A CA  1 
ATOM   438  C C   . LEU A 1 57  ? -1.138  7.254   -3.653  1.00 44.26 ? 118  LEU A C   1 
ATOM   439  O O   . LEU A 1 57  ? -0.742  7.357   -4.816  1.00 44.41 ? 118  LEU A O   1 
ATOM   440  C CB  . LEU A 1 57  ? -3.287  5.990   -3.612  1.00 44.71 ? 118  LEU A CB  1 
ATOM   441  C CG  . LEU A 1 57  ? -4.604  5.682   -2.895  1.00 45.46 ? 118  LEU A CG  1 
ATOM   442  C CD1 . LEU A 1 57  ? -5.446  6.908   -2.644  1.00 46.75 ? 118  LEU A CD1 1 
ATOM   443  C CD2 . LEU A 1 57  ? -5.390  4.635   -3.667  1.00 45.27 ? 118  LEU A CD2 1 
ATOM   444  N N   . VAL A 1 58  ? -0.327  7.056   -2.620  1.00 44.44 ? 119  VAL A N   1 
ATOM   445  C CA  . VAL A 1 58  ? 1.118   6.982   -2.782  1.00 44.61 ? 119  VAL A CA  1 
ATOM   446  C C   . VAL A 1 58  ? 1.672   5.807   -1.978  1.00 44.70 ? 119  VAL A C   1 
ATOM   447  O O   . VAL A 1 58  ? 1.229   5.547   -0.855  1.00 44.71 ? 119  VAL A O   1 
ATOM   448  C CB  . VAL A 1 58  ? 1.790   8.334   -2.372  1.00 44.68 ? 119  VAL A CB  1 
ATOM   449  C CG1 . VAL A 1 58  ? 1.703   8.572   -0.873  1.00 44.44 ? 119  VAL A CG1 1 
ATOM   450  C CG2 . VAL A 1 58  ? 3.224   8.388   -2.815  1.00 45.72 ? 119  VAL A CG2 1 
ATOM   451  N N   . TYR A 1 59  ? 2.607   5.077   -2.581  1.00 44.72 ? 120  TYR A N   1 
ATOM   452  C CA  . TYR A 1 59  ? 3.369   4.061   -1.883  1.00 44.74 ? 120  TYR A CA  1 
ATOM   453  C C   . TYR A 1 59  ? 4.696   4.704   -1.499  1.00 44.84 ? 120  TYR A C   1 
ATOM   454  O O   . TYR A 1 59  ? 5.332   5.371   -2.319  1.00 44.39 ? 120  TYR A O   1 
ATOM   455  C CB  . TYR A 1 59  ? 3.592   2.836   -2.775  1.00 44.86 ? 120  TYR A CB  1 
ATOM   456  C CG  . TYR A 1 59  ? 4.004   1.563   -2.047  1.00 44.88 ? 120  TYR A CG  1 
ATOM   457  C CD1 . TYR A 1 59  ? 3.341   1.143   -0.895  1.00 45.61 ? 120  TYR A CD1 1 
ATOM   458  C CD2 . TYR A 1 59  ? 5.022   0.752   -2.536  1.00 45.78 ? 120  TYR A CD2 1 
ATOM   459  C CE1 . TYR A 1 59  ? 3.705   -0.030  -0.235  1.00 44.83 ? 120  TYR A CE1 1 
ATOM   460  C CE2 . TYR A 1 59  ? 5.393   -0.427  -1.880  1.00 45.23 ? 120  TYR A CE2 1 
ATOM   461  C CZ  . TYR A 1 59  ? 4.720   -0.809  -0.729  1.00 45.67 ? 120  TYR A CZ  1 
ATOM   462  O OH  . TYR A 1 59  ? 5.067   -1.974  -0.071  1.00 45.91 ? 120  TYR A OH  1 
ATOM   463  N N   . ALA A 1 60  ? 5.104   4.513   -0.251  1.00 44.84 ? 121  ALA A N   1 
ATOM   464  C CA  . ALA A 1 60  ? 6.271   5.204   0.274   1.00 45.14 ? 121  ALA A CA  1 
ATOM   465  C C   . ALA A 1 60  ? 6.971   4.419   1.385   1.00 45.42 ? 121  ALA A C   1 
ATOM   466  O O   . ALA A 1 60  ? 6.484   3.389   1.854   1.00 45.12 ? 121  ALA A O   1 
ATOM   467  C CB  . ALA A 1 60  ? 5.874   6.586   0.775   1.00 44.89 ? 121  ALA A CB  1 
ATOM   468  N N   . ARG A 1 61  ? 8.120   4.945   1.784   1.00 45.64 ? 122  ARG A N   1 
ATOM   469  C CA  . ARG A 1 61  ? 8.974   4.354   2.789   1.00 46.11 ? 122  ARG A CA  1 
ATOM   470  C C   . ARG A 1 61  ? 9.122   5.369   3.921   1.00 45.91 ? 122  ARG A C   1 
ATOM   471  O O   . ARG A 1 61  ? 9.443   6.530   3.675   1.00 45.39 ? 122  ARG A O   1 
ATOM   472  C CB  . ARG A 1 61  ? 10.328  4.054   2.127   1.00 45.99 ? 122  ARG A CB  1 
ATOM   473  C CG  . ARG A 1 61  ? 11.464  3.694   3.037   1.00 46.70 ? 122  ARG A CG  1 
ATOM   474  C CD  . ARG A 1 61  ? 12.722  3.347   2.222   1.00 47.63 ? 122  ARG A CD  1 
ATOM   475  N NE  . ARG A 1 61  ? 13.113  4.419   1.298   1.00 49.13 ? 122  ARG A NE  1 
ATOM   476  C CZ  . ARG A 1 61  ? 13.788  5.522   1.639   1.00 49.80 ? 122  ARG A CZ  1 
ATOM   477  N NH1 . ARG A 1 61  ? 14.162  5.743   2.900   1.00 50.72 ? 122  ARG A NH1 1 
ATOM   478  N NH2 . ARG A 1 61  ? 14.087  6.426   0.710   1.00 49.82 ? 122  ARG A NH2 1 
ATOM   479  N N   . VAL A 1 62  ? 8.874   4.940   5.154   1.00 46.37 ? 123  VAL A N   1 
ATOM   480  C CA  . VAL A 1 62  ? 9.115   5.794   6.319   1.00 46.93 ? 123  VAL A CA  1 
ATOM   481  C C   . VAL A 1 62  ? 10.623  5.946   6.487   1.00 47.18 ? 123  VAL A C   1 
ATOM   482  O O   . VAL A 1 62  ? 11.328  4.955   6.654   1.00 46.98 ? 123  VAL A O   1 
ATOM   483  C CB  . VAL A 1 62  ? 8.512   5.212   7.621   1.00 46.71 ? 123  VAL A CB  1 
ATOM   484  C CG1 . VAL A 1 62  ? 8.824   6.121   8.810   1.00 46.73 ? 123  VAL A CG1 1 
ATOM   485  C CG2 . VAL A 1 62  ? 7.011   5.014   7.481   1.00 46.76 ? 123  VAL A CG2 1 
ATOM   486  N N   . CYS A 1 63  ? 11.109  7.182   6.426   1.00 47.96 ? 124  CYS A N   1 
ATOM   487  C CA  . CYS A 1 63  ? 12.548  7.460   6.514   1.00 48.72 ? 124  CYS A CA  1 
ATOM   488  C C   . CYS A 1 63  ? 12.956  8.059   7.861   1.00 49.08 ? 124  CYS A C   1 
ATOM   489  O O   . CYS A 1 63  ? 14.075  7.835   8.319   1.00 49.35 ? 124  CYS A O   1 
ATOM   490  C CB  . CYS A 1 63  ? 12.971  8.394   5.383   1.00 48.87 ? 124  CYS A CB  1 
ATOM   491  S SG  . CYS A 1 63  ? 12.158  9.998   5.433   1.00 50.47 ? 124  CYS A SG  1 
ATOM   492  N N   . THR A 1 64  ? 12.067  8.838   8.477   1.00 49.58 ? 125  THR A N   1 
ATOM   493  C CA  . THR A 1 64  ? 12.281  9.346   9.835   1.00 50.02 ? 125  THR A CA  1 
ATOM   494  C C   . THR A 1 64  ? 10.990  9.251   10.640  1.00 50.26 ? 125  THR A C   1 
ATOM   495  O O   . THR A 1 64  ? 9.904   9.505   10.117  1.00 50.27 ? 125  THR A O   1 
ATOM   496  C CB  . THR A 1 64  ? 12.764  10.819  9.857   1.00 50.15 ? 125  THR A CB  1 
ATOM   497  O OG1 . THR A 1 64  ? 11.667  11.701  9.587   1.00 50.87 ? 125  THR A OG1 1 
ATOM   498  C CG2 . THR A 1 64  ? 13.865  11.055  8.840   1.00 50.58 ? 125  THR A CG2 1 
ATOM   499  N N   . ALA A 1 65  ? 11.118  8.894   11.913  1.00 50.60 ? 126  ALA A N   1 
ATOM   500  C CA  . ALA A 1 65  ? 9.968   8.756   12.800  1.00 50.90 ? 126  ALA A CA  1 
ATOM   501  C C   . ALA A 1 65  ? 10.364  9.105   14.230  1.00 51.22 ? 126  ALA A C   1 
ATOM   502  O O   . ALA A 1 65  ? 10.182  8.303   15.151  1.00 51.42 ? 126  ALA A O   1 
ATOM   503  C CB  . ALA A 1 65  ? 9.410   7.338   12.723  1.00 50.97 ? 126  ALA A CB  1 
ATOM   504  N N   . GLU A 1 66  ? 10.905  10.310  14.405  1.00 51.47 ? 127  GLU A N   1 
ATOM   505  C CA  . GLU A 1 66  ? 11.360  10.777  15.713  1.00 51.65 ? 127  GLU A CA  1 
ATOM   506  C C   . GLU A 1 66  ? 10.205  10.928  16.695  1.00 51.73 ? 127  GLU A C   1 
ATOM   507  O O   . GLU A 1 66  ? 9.071   11.203  16.302  1.00 51.71 ? 127  GLU A O   1 
ATOM   508  C CB  . GLU A 1 66  ? 12.098  12.112  15.585  1.00 51.84 ? 127  GLU A CB  1 
ATOM   509  C CG  . GLU A 1 66  ? 13.450  12.005  14.910  1.00 52.42 ? 127  GLU A CG  1 
ATOM   510  C CD  . GLU A 1 66  ? 14.477  11.303  15.776  1.00 53.21 ? 127  GLU A CD  1 
ATOM   511  O OE1 . GLU A 1 66  ? 14.806  11.827  16.865  1.00 53.84 ? 127  GLU A OE1 1 
ATOM   512  O OE2 . GLU A 1 66  ? 14.959  10.227  15.364  1.00 53.84 ? 127  GLU A OE2 1 
ATOM   513  N N   . LYS A 1 67  ? 10.512  10.734  17.976  1.00 20.00 ? 128  LYS A N   1 
ATOM   514  C CA  . LYS A 1 67  ? 9.518   10.878  19.033  1.00 20.00 ? 128  LYS A CA  1 
ATOM   515  C C   . LYS A 1 67  ? 8.985   12.306  19.098  1.00 20.00 ? 128  LYS A C   1 
ATOM   516  O O   . LYS A 1 67  ? 9.778   13.261  19.152  1.00 52.09 ? 128  LYS A O   1 
ATOM   517  N N   . GLU A 1 68  ? 7.675   12.476  19.012  1.00 20.00 ? 129  GLU A N   1 
ATOM   518  C CA  . GLU A 1 68  ? 6.986   13.750  19.182  1.00 20.00 ? 129  GLU A CA  1 
ATOM   519  C C   . GLU A 1 68  ? 7.223   14.669  17.989  1.00 20.00 ? 129  GLU A C   1 
ATOM   520  O O   . GLU A 1 68  ? 6.990   15.916  18.124  1.00 51.78 ? 129  GLU A O   1 
ATOM   521  N N   . LEU A 1 69  ? 7.613   14.167  16.853  1.00 51.49 ? 130  LEU A N   1 
ATOM   522  C CA  . LEU A 1 69  ? 7.719   14.951  15.624  1.00 51.23 ? 130  LEU A CA  1 
ATOM   523  C C   . LEU A 1 69  ? 6.962   14.255  14.501  1.00 50.89 ? 130  LEU A C   1 
ATOM   524  O O   . LEU A 1 69  ? 6.769   13.034  14.525  1.00 50.86 ? 130  LEU A O   1 
ATOM   525  C CB  . LEU A 1 69  ? 9.182   15.157  15.221  1.00 51.32 ? 130  LEU A CB  1 
ATOM   526  C CG  . LEU A 1 69  ? 9.948   16.226  16.009  1.00 51.38 ? 130  LEU A CG  1 
ATOM   527  C CD1 . LEU A 1 69  ? 10.443  15.688  17.342  1.00 51.64 ? 130  LEU A CD1 1 
ATOM   528  C CD2 . LEU A 1 69  ? 11.117  16.761  15.187  1.00 51.42 ? 130  LEU A CD2 1 
ATOM   529  N N   . GLU A 1 70  ? 6.527   15.039  13.519  1.00 50.49 ? 131  GLU A N   1 
ATOM   530  C CA  . GLU A 1 70  ? 5.850   14.475  12.360  1.00 50.13 ? 131  GLU A CA  1 
ATOM   531  C C   . GLU A 1 70  ? 6.807   13.539  11.639  1.00 49.47 ? 131  GLU A C   1 
ATOM   532  O O   . GLU A 1 70  ? 7.947   13.909  11.358  1.00 49.40 ? 131  GLU A O   1 
ATOM   533  C CB  . GLU A 1 70  ? 5.385   15.567  11.400  1.00 50.25 ? 131  GLU A CB  1 
ATOM   534  C CG  . GLU A 1 70  ? 4.470   15.045  10.313  1.00 50.71 ? 131  GLU A CG  1 
ATOM   535  C CD  . GLU A 1 70  ? 4.082   16.096  9.293   1.00 51.28 ? 131  GLU A CD  1 
ATOM   536  O OE1 . GLU A 1 70  ? 4.789   17.126  9.198   1.00 52.90 ? 131  GLU A OE1 1 
ATOM   537  O OE2 . GLU A 1 70  ? 3.071   15.879  8.576   1.00 52.79 ? 131  GLU A OE2 1 
ATOM   538  N N   . ALA A 1 71  ? 6.342   12.325  11.356  1.00 48.68 ? 132  ALA A N   1 
ATOM   539  C CA  . ALA A 1 71  ? 7.145   11.350  10.633  1.00 48.03 ? 132  ALA A CA  1 
ATOM   540  C C   . ALA A 1 71  ? 7.275   11.779  9.175   1.00 47.38 ? 132  ALA A C   1 
ATOM   541  O O   . ALA A 1 71  ? 6.470   12.569  8.672   1.00 46.97 ? 132  ALA A O   1 
ATOM   542  C CB  . ALA A 1 71  ? 6.521   9.971   10.733  1.00 48.09 ? 132  ALA A CB  1 
ATOM   543  N N   . GLU A 1 72  ? 8.303   11.270  8.509   1.00 46.70 ? 133  GLU A N   1 
ATOM   544  C CA  . GLU A 1 72  ? 8.568   11.623  7.124   1.00 46.29 ? 133  GLU A CA  1 
ATOM   545  C C   . GLU A 1 72  ? 8.666   10.374  6.275   1.00 45.51 ? 133  GLU A C   1 
ATOM   546  O O   . GLU A 1 72  ? 9.204   9.356   6.712   1.00 45.41 ? 133  GLU A O   1 
ATOM   547  C CB  . GLU A 1 72  ? 9.858   12.428  7.004   1.00 46.20 ? 133  GLU A CB  1 
ATOM   548  C CG  . GLU A 1 72  ? 9.823   13.755  7.738   1.00 46.92 ? 133  GLU A CG  1 
ATOM   549  C CD  . GLU A 1 72  ? 11.126  14.526  7.615   1.00 47.32 ? 133  GLU A CD  1 
ATOM   550  O OE1 . GLU A 1 72  ? 12.192  13.941  7.898   1.00 49.16 ? 133  GLU A OE1 1 
ATOM   551  O OE2 . GLU A 1 72  ? 11.088  15.719  7.241   1.00 49.28 ? 133  GLU A OE2 1 
ATOM   552  N N   . ILE A 1 73  ? 8.153   10.469  5.053   1.00 44.67 ? 134  ILE A N   1 
ATOM   553  C CA  . ILE A 1 73  ? 8.201   9.363   4.108   1.00 44.35 ? 134  ILE A CA  1 
ATOM   554  C C   . ILE A 1 73  ? 8.914   9.777   2.822   1.00 43.83 ? 134  ILE A C   1 
ATOM   555  O O   . ILE A 1 73  ? 9.051   10.960  2.526   1.00 43.28 ? 134  ILE A O   1 
ATOM   556  C CB  . ILE A 1 73  ? 6.789   8.828   3.790   1.00 44.29 ? 134  ILE A CB  1 
ATOM   557  C CG1 . ILE A 1 73  ? 5.869   9.949   3.283   1.00 43.79 ? 134  ILE A CG1 1 
ATOM   558  C CG2 . ILE A 1 73  ? 6.185   8.179   5.026   1.00 44.41 ? 134  ILE A CG2 1 
ATOM   559  C CD1 . ILE A 1 73  ? 4.570   9.455   2.721   1.00 43.96 ? 134  ILE A CD1 1 
ATOM   560  N N   . GLU A 1 74  ? 9.374   8.786   2.070   1.00 43.76 ? 135  GLU A N   1 
ATOM   561  C CA  . GLU A 1 74  ? 10.079  9.024   0.816   1.00 44.01 ? 135  GLU A CA  1 
ATOM   562  C C   . GLU A 1 74  ? 9.612   8.067   -0.268  1.00 43.53 ? 135  GLU A C   1 
ATOM   563  O O   . GLU A 1 74  ? 9.161   6.958   0.025   1.00 43.08 ? 135  GLU A O   1 
ATOM   564  C CB  . GLU A 1 74  ? 11.585  8.889   1.018   1.00 43.84 ? 135  GLU A CB  1 
ATOM   565  C CG  . GLU A 1 74  ? 12.125  9.907   1.981   1.00 44.96 ? 135  GLU A CG  1 
ATOM   566  C CD  . GLU A 1 74  ? 13.634  9.966   2.014   1.00 45.17 ? 135  GLU A CD  1 
ATOM   567  O OE1 . GLU A 1 74  ? 14.260  8.890   2.131   1.00 47.03 ? 135  GLU A OE1 1 
ATOM   568  O OE2 . GLU A 1 74  ? 14.186  11.090  1.945   1.00 46.40 ? 135  GLU A OE2 1 
ATOM   569  N N   . CYS A 1 75  ? 9.738   8.506   -1.517  1.00 43.46 ? 136  CYS A N   1 
ATOM   570  C CA  . CYS A 1 75  ? 9.289   7.727   -2.666  1.00 43.41 ? 136  CYS A CA  1 
ATOM   571  C C   . CYS A 1 75  ? 10.426  7.422   -3.648  1.00 43.12 ? 136  CYS A C   1 
ATOM   572  O O   . CYS A 1 75  ? 10.307  7.634   -4.855  1.00 42.56 ? 136  CYS A O   1 
ATOM   573  C CB  . CYS A 1 75  ? 8.126   8.441   -3.353  1.00 43.42 ? 136  CYS A CB  1 
ATOM   574  S SG  . CYS A 1 75  ? 6.660   8.554   -2.299  1.00 44.72 ? 136  CYS A SG  1 
ATOM   575  N N   . PHE A 1 76  ? 11.527  6.906   -3.106  1.00 43.33 ? 137  PHE A N   1 
ATOM   576  C CA  . PHE A 1 76  ? 12.634  6.406   -3.907  1.00 43.48 ? 137  PHE A CA  1 
ATOM   577  C C   . PHE A 1 76  ? 13.425  5.365   -3.108  1.00 43.78 ? 137  PHE A C   1 
ATOM   578  O O   . PHE A 1 76  ? 13.269  5.248   -1.896  1.00 43.88 ? 137  PHE A O   1 
ATOM   579  C CB  . PHE A 1 76  ? 13.531  7.558   -4.373  1.00 43.24 ? 137  PHE A CB  1 
ATOM   580  C CG  . PHE A 1 76  ? 14.353  8.186   -3.272  1.00 43.39 ? 137  PHE A CG  1 
ATOM   581  C CD1 . PHE A 1 76  ? 13.798  9.134   -2.427  1.00 43.11 ? 137  PHE A CD1 1 
ATOM   582  C CD2 . PHE A 1 76  ? 15.687  7.832   -3.094  1.00 43.04 ? 137  PHE A CD2 1 
ATOM   583  C CE1 . PHE A 1 76  ? 14.548  9.711   -1.415  1.00 42.97 ? 137  PHE A CE1 1 
ATOM   584  C CE2 . PHE A 1 76  ? 16.448  8.403   -2.083  1.00 43.18 ? 137  PHE A CE2 1 
ATOM   585  C CZ  . PHE A 1 76  ? 15.877  9.348   -1.241  1.00 43.26 ? 137  PHE A CZ  1 
ATOM   586  N N   . ASP A 1 77  ? 14.246  4.598   -3.810  1.00 44.22 ? 138  ASP A N   1 
ATOM   587  C CA  . ASP A 1 77  ? 15.124  3.599   -3.207  1.00 44.37 ? 138  ASP A CA  1 
ATOM   588  C C   . ASP A 1 77  ? 16.400  4.293   -2.781  1.00 44.38 ? 138  ASP A C   1 
ATOM   589  O O   . ASP A 1 77  ? 17.031  4.958   -3.594  1.00 44.28 ? 138  ASP A O   1 
ATOM   590  C CB  . ASP A 1 77  ? 15.441  2.517   -4.239  1.00 44.57 ? 138  ASP A CB  1 
ATOM   591  C CG  . ASP A 1 77  ? 16.251  1.363   -3.672  1.00 44.88 ? 138  ASP A CG  1 
ATOM   592  O OD1 . ASP A 1 77  ? 17.430  1.545   -3.297  1.00 46.42 ? 138  ASP A OD1 1 
ATOM   593  O OD2 . ASP A 1 77  ? 15.707  0.245   -3.644  1.00 47.70 ? 138  ASP A OD2 1 
ATOM   594  N N   . SER A 1 78  ? 16.783  4.130   -1.514  1.00 44.68 ? 139  SER A N   1 
ATOM   595  C CA  . SER A 1 78  ? 18.002  4.767   -0.967  1.00 44.85 ? 139  SER A CA  1 
ATOM   596  C C   . SER A 1 78  ? 19.282  4.299   -1.648  1.00 44.68 ? 139  SER A C   1 
ATOM   597  O O   . SER A 1 78  ? 20.246  5.062   -1.752  1.00 45.05 ? 139  SER A O   1 
ATOM   598  C CB  . SER A 1 78  ? 18.123  4.513   0.543   1.00 44.95 ? 139  SER A CB  1 
ATOM   599  O OG  . SER A 1 78  ? 16.937  4.898   1.224   1.00 46.98 ? 139  SER A OG  1 
ATOM   600  N N   . THR A 1 79  ? 19.308  3.048   -2.099  1.00 44.48 ? 140  THR A N   1 
ATOM   601  C CA  . THR A 1 79  ? 20.502  2.514   -2.762  1.00 44.35 ? 140  THR A CA  1 
ATOM   602  C C   . THR A 1 79  ? 20.547  2.953   -4.228  1.00 43.96 ? 140  THR A C   1 
ATOM   603  O O   . THR A 1 79  ? 21.498  3.605   -4.650  1.00 44.02 ? 140  THR A O   1 
ATOM   604  C CB  . THR A 1 79  ? 20.568  0.963   -2.699  1.00 44.58 ? 140  THR A CB  1 
ATOM   605  O OG1 . THR A 1 79  ? 20.277  0.510   -1.373  1.00 45.45 ? 140  THR A OG1 1 
ATOM   606  C CG2 . THR A 1 79  ? 21.951  0.466   -3.103  1.00 44.43 ? 140  THR A CG2 1 
ATOM   607  N N   . THR A 1 80  ? 19.508  2.608   -4.992  1.00 43.33 ? 141  THR A N   1 
ATOM   608  C CA  . THR A 1 80  ? 19.534  2.811   -6.442  1.00 42.90 ? 141  THR A CA  1 
ATOM   609  C C   . THR A 1 80  ? 19.179  4.235   -6.881  1.00 42.32 ? 141  THR A C   1 
ATOM   610  O O   . THR A 1 80  ? 19.589  4.673   -7.955  1.00 41.74 ? 141  THR A O   1 
ATOM   611  C CB  . THR A 1 80  ? 18.641  1.795   -7.170  1.00 42.64 ? 141  THR A CB  1 
ATOM   612  O OG1 . THR A 1 80  ? 17.277  1.972   -6.787  1.00 42.98 ? 141  THR A OG1 1 
ATOM   613  C CG2 . THR A 1 80  ? 19.071  0.377   -6.831  1.00 43.04 ? 141  THR A CG2 1 
ATOM   614  N N   . GLY A 1 81  ? 18.439  4.955   -6.045  1.00 41.91 ? 142  GLY A N   1 
ATOM   615  C CA  . GLY A 1 81  ? 17.941  6.284   -6.390  1.00 41.96 ? 142  GLY A CA  1 
ATOM   616  C C   . GLY A 1 81  ? 16.714  6.253   -7.293  1.00 41.63 ? 142  GLY A C   1 
ATOM   617  O O   . GLY A 1 81  ? 16.230  7.295   -7.723  1.00 40.78 ? 142  GLY A O   1 
ATOM   618  N N   . ARG A 1 82  ? 16.198  5.055   -7.560  1.00 42.01 ? 143  ARG A N   1 
ATOM   619  C CA  . ARG A 1 82  ? 15.078  4.867   -8.481  1.00 42.55 ? 143  ARG A CA  1 
ATOM   620  C C   . ARG A 1 82  ? 13.768  4.738   -7.719  1.00 42.75 ? 143  ARG A C   1 
ATOM   621  O O   . ARG A 1 82  ? 13.774  4.551   -6.505  1.00 42.39 ? 143  ARG A O   1 
ATOM   622  C CB  . ARG A 1 82  ? 15.319  3.622   -9.323  1.00 42.46 ? 143  ARG A CB  1 
ATOM   623  C CG  . ARG A 1 82  ? 16.712  3.573   -9.917  1.00 42.68 ? 143  ARG A CG  1 
ATOM   624  C CD  . ARG A 1 82  ? 16.799  2.539   -10.994 1.00 42.97 ? 143  ARG A CD  1 
ATOM   625  N NE  . ARG A 1 82  ? 16.044  2.959   -12.165 1.00 43.93 ? 143  ARG A NE  1 
ATOM   626  C CZ  . ARG A 1 82  ? 15.522  2.138   -13.075 1.00 44.72 ? 143  ARG A CZ  1 
ATOM   627  N NH1 . ARG A 1 82  ? 15.660  0.818   -12.980 1.00 44.17 ? 143  ARG A NH1 1 
ATOM   628  N NH2 . ARG A 1 82  ? 14.852  2.655   -14.097 1.00 45.45 ? 143  ARG A NH2 1 
ATOM   629  N N   . ASP A 1 83  ? 12.642  4.826   -8.424  1.00 43.48 ? 144  ASP A N   1 
ATOM   630  C CA  . ASP A 1 83  ? 11.336  4.820   -7.748  1.00 43.99 ? 144  ASP A CA  1 
ATOM   631  C C   . ASP A 1 83  ? 11.075  3.520   -6.997  1.00 44.22 ? 144  ASP A C   1 
ATOM   632  O O   . ASP A 1 83  ? 10.497  3.544   -5.912  1.00 44.11 ? 144  ASP A O   1 
ATOM   633  C CB  . ASP A 1 83  ? 10.176  5.150   -8.711  1.00 44.64 ? 144  ASP A CB  1 
ATOM   634  C CG  . ASP A 1 83  ? 9.994   4.114   -9.808  1.00 46.37 ? 144  ASP A CG  1 
ATOM   635  O OD1 . ASP A 1 83  ? 9.350   3.062   -9.566  1.00 50.04 ? 144  ASP A OD1 1 
ATOM   636  O OD2 . ASP A 1 83  ? 10.479  4.365   -10.929 1.00 49.69 ? 144  ASP A OD2 1 
ATOM   637  N N   . ALA A 1 84  ? 11.505  2.398   -7.579  1.00 44.64 ? 145  ALA A N   1 
ATOM   638  C CA  . ALA A 1 84  ? 11.377  1.070   -6.962  1.00 44.84 ? 145  ALA A CA  1 
ATOM   639  C C   . ALA A 1 84  ? 9.964   0.738   -6.503  1.00 45.33 ? 145  ALA A C   1 
ATOM   640  O O   . ALA A 1 84  ? 9.779   0.068   -5.483  1.00 46.47 ? 145  ALA A O   1 
ATOM   641  C CB  . ALA A 1 84  ? 12.344  0.943   -5.803  1.00 45.18 ? 145  ALA A CB  1 
ATOM   642  N N   . GLY A 1 85  ? 8.963   1.203   -7.243  1.00 44.95 ? 146  GLY A N   1 
ATOM   643  C CA  . GLY A 1 85  ? 7.576   0.960   -6.871  1.00 44.68 ? 146  GLY A CA  1 
ATOM   644  C C   . GLY A 1 85  ? 6.963   2.028   -5.983  1.00 44.63 ? 146  GLY A C   1 
ATOM   645  O O   . GLY A 1 85  ? 5.751   2.062   -5.811  1.00 44.88 ? 146  GLY A O   1 
ATOM   646  N N   . PHE A 1 86  ? 7.782   2.907   -5.411  1.00 44.12 ? 147  PHE A N   1 
ATOM   647  C CA  . PHE A 1 86  ? 7.248   4.009   -4.632  1.00 43.95 ? 147  PHE A CA  1 
ATOM   648  C C   . PHE A 1 86  ? 6.707   5.071   -5.576  1.00 43.81 ? 147  PHE A C   1 
ATOM   649  O O   . PHE A 1 86  ? 7.102   5.143   -6.733  1.00 43.78 ? 147  PHE A O   1 
ATOM   650  C CB  . PHE A 1 86  ? 8.301   4.603   -3.700  1.00 44.05 ? 147  PHE A CB  1 
ATOM   651  C CG  . PHE A 1 86  ? 8.901   3.607   -2.740  1.00 43.67 ? 147  PHE A CG  1 
ATOM   652  C CD1 . PHE A 1 86  ? 8.097   2.920   -1.841  1.00 44.00 ? 147  PHE A CD1 1 
ATOM   653  C CD2 . PHE A 1 86  ? 10.264  3.365   -2.734  1.00 44.30 ? 147  PHE A CD2 1 
ATOM   654  C CE1 . PHE A 1 86  ? 8.634   2.008   -0.957  1.00 44.12 ? 147  PHE A CE1 1 
ATOM   655  C CE2 . PHE A 1 86  ? 10.819  2.453   -1.847  1.00 44.56 ? 147  PHE A CE2 1 
ATOM   656  C CZ  . PHE A 1 86  ? 10.002  1.773   -0.957  1.00 44.32 ? 147  PHE A CZ  1 
ATOM   657  N N   . GLY A 1 87  ? 5.793   5.891   -5.069  1.00 43.62 ? 148  GLY A N   1 
ATOM   658  C CA  . GLY A 1 87  ? 5.134   6.913   -5.869  1.00 43.70 ? 148  GLY A CA  1 
ATOM   659  C C   . GLY A 1 87  ? 3.640   6.664   -5.969  1.00 43.62 ? 148  GLY A C   1 
ATOM   660  O O   . GLY A 1 87  ? 3.059   5.945   -5.150  1.00 43.16 ? 148  GLY A O   1 
ATOM   661  N N   . ILE A 1 88  ? 3.026   7.261   -6.988  1.00 43.54 ? 149  ILE A N   1 
ATOM   662  C CA  . ILE A 1 88  ? 1.586   7.227   -7.155  1.00 43.97 ? 149  ILE A CA  1 
ATOM   663  C C   . ILE A 1 88  ? 1.073   5.805   -7.443  1.00 44.22 ? 149  ILE A C   1 
ATOM   664  O O   . ILE A 1 88  ? 1.725   5.021   -8.129  1.00 44.75 ? 149  ILE A O   1 
ATOM   665  C CB  . ILE A 1 88  ? 1.111   8.226   -8.264  1.00 43.88 ? 149  ILE A CB  1 
ATOM   666  C CG1 . ILE A 1 88  ? -0.406  8.436   -8.182  1.00 43.47 ? 149  ILE A CG1 1 
ATOM   667  C CG2 . ILE A 1 88  ? 1.552   7.761   -9.675  1.00 43.74 ? 149  ILE A CG2 1 
ATOM   668  C CD1 . ILE A 1 88  ? -0.932  9.485   -9.125  1.00 43.84 ? 149  ILE A CD1 1 
ATOM   669  N N   . LEU A 1 89  ? -0.080  5.479   -6.874  1.00 44.39 ? 150  LEU A N   1 
ATOM   670  C CA  . LEU A 1 89  ? -0.762  4.221   -7.144  1.00 44.59 ? 150  LEU A CA  1 
ATOM   671  C C   . LEU A 1 89  ? -2.054  4.557   -7.869  1.00 44.81 ? 150  LEU A C   1 
ATOM   672  O O   . LEU A 1 89  ? -2.963  5.158   -7.291  1.00 44.74 ? 150  LEU A O   1 
ATOM   673  C CB  . LEU A 1 89  ? -1.049  3.482   -5.841  1.00 44.35 ? 150  LEU A CB  1 
ATOM   674  C CG  . LEU A 1 89  ? 0.168   2.991   -5.050  1.00 44.30 ? 150  LEU A CG  1 
ATOM   675  C CD1 . LEU A 1 89  ? -0.263  2.451   -3.713  1.00 44.20 ? 150  LEU A CD1 1 
ATOM   676  C CD2 . LEU A 1 89  ? 0.948   1.935   -5.821  1.00 44.84 ? 150  LEU A CD2 1 
ATOM   677  N N   . GLU A 1 90  ? -2.138  4.169   -9.137  1.00 45.44 ? 151  GLU A N   1 
ATOM   678  C CA  . GLU A 1 90  ? -3.283  4.525   -9.971  1.00 46.19 ? 151  GLU A CA  1 
ATOM   679  C C   . GLU A 1 90  ? -4.076  3.328   -10.433 1.00 46.06 ? 151  GLU A C   1 
ATOM   680  O O   . GLU A 1 90  ? -3.505  2.297   -10.761 1.00 46.13 ? 151  GLU A O   1 
ATOM   681  C CB  . GLU A 1 90  ? -2.804  5.266   -11.211 1.00 46.30 ? 151  GLU A CB  1 
ATOM   682  C CG  . GLU A 1 90  ? -2.125  6.556   -10.914 1.00 47.90 ? 151  GLU A CG  1 
ATOM   683  C CD  . GLU A 1 90  ? -1.629  7.221   -12.172 1.00 48.55 ? 151  GLU A CD  1 
ATOM   684  O OE1 . GLU A 1 90  ? -0.671  6.687   -12.788 1.00 51.30 ? 151  GLU A OE1 1 
ATOM   685  O OE2 . GLU A 1 90  ? -2.212  8.265   -12.538 1.00 51.78 ? 151  GLU A OE2 1 
ATOM   686  N N   . ASP A 1 91  ? -5.398  3.495   -10.486 1.00 46.51 ? 152  ASP A N   1 
ATOM   687  C CA  . ASP A 1 91  ? -6.309  2.541   -11.132 1.00 46.42 ? 152  ASP A CA  1 
ATOM   688  C C   . ASP A 1 91  ? -6.377  1.176   -10.453 1.00 46.21 ? 152  ASP A C   1 
ATOM   689  O O   . ASP A 1 91  ? -6.707  0.173   -11.097 1.00 46.91 ? 152  ASP A O   1 
ATOM   690  C CB  . ASP A 1 91  ? -5.945  2.355   -12.616 1.00 47.06 ? 152  ASP A CB  1 
ATOM   691  C CG  . ASP A 1 91  ? -5.932  3.659   -13.384 1.00 48.46 ? 152  ASP A CG  1 
ATOM   692  O OD1 . ASP A 1 91  ? -6.939  4.390   -13.325 1.00 50.65 ? 152  ASP A OD1 1 
ATOM   693  O OD2 . ASP A 1 91  ? -4.917  3.948   -14.059 1.00 51.50 ? 152  ASP A OD2 1 
ATOM   694  N N   . GLY A 1 92  ? -6.086  1.137   -9.157  1.00 45.71 ? 153  GLY A N   1 
ATOM   695  C CA  . GLY A 1 92  ? -6.210  -0.094  -8.381  1.00 45.33 ? 153  GLY A CA  1 
ATOM   696  C C   . GLY A 1 92  ? -7.249  0.055   -7.290  1.00 45.05 ? 153  GLY A C   1 
ATOM   697  O O   . GLY A 1 92  ? -8.018  1.017   -7.279  1.00 44.76 ? 153  GLY A O   1 
ATOM   698  N N   . MET A 1 93  ? -7.272  -0.903  -6.368  1.00 44.41 ? 154  MET A N   1 
ATOM   699  C CA  . MET A 1 93  ? -8.213  -0.869  -5.264  1.00 43.96 ? 154  MET A CA  1 
ATOM   700  C C   . MET A 1 93  ? -7.487  -1.100  -3.945  1.00 44.04 ? 154  MET A C   1 
ATOM   701  O O   . MET A 1 93  ? -6.509  -1.845  -3.876  1.00 43.68 ? 154  MET A O   1 
ATOM   702  C CB  . MET A 1 93  ? -9.342  -1.891  -5.474  1.00 43.90 ? 154  MET A CB  1 
ATOM   703  C CG  . MET A 1 93  ? -10.342 -1.478  -6.576  1.00 44.51 ? 154  MET A CG  1 
ATOM   704  S SD  . MET A 1 93  ? -11.728 -2.600  -6.813  1.00 40.89 ? 154  MET A SD  1 
ATOM   705  C CE  . MET A 1 93  ? -12.745 -1.995  -5.466  1.00 45.15 ? 154  MET A CE  1 
ATOM   706  N N   . ILE A 1 94  ? -7.987  -0.437  -2.906  1.00 44.00 ? 155  ILE A N   1 
ATOM   707  C CA  . ILE A 1 94  ? -7.435  -0.516  -1.567  1.00 44.11 ? 155  ILE A CA  1 
ATOM   708  C C   . ILE A 1 94  ? -8.294  -1.429  -0.696  1.00 43.90 ? 155  ILE A C   1 
ATOM   709  O O   . ILE A 1 94  ? -9.518  -1.338  -0.713  1.00 43.69 ? 155  ILE A O   1 
ATOM   710  C CB  . ILE A 1 94  ? -7.373  0.893   -0.915  1.00 44.29 ? 155  ILE A CB  1 
ATOM   711  C CG1 . ILE A 1 94  ? -6.298  1.755   -1.592  1.00 44.44 ? 155  ILE A CG1 1 
ATOM   712  C CG2 . ILE A 1 94  ? -7.106  0.808   0.590   1.00 44.09 ? 155  ILE A CG2 1 
ATOM   713  C CD1 . ILE A 1 94  ? -4.876  1.290   -1.342  1.00 45.07 ? 155  ILE A CD1 1 
ATOM   714  N N   . ILE A 1 95  ? -7.633  -2.308  0.048   1.00 43.91 ? 156  ILE A N   1 
ATOM   715  C CA  . ILE A 1 95  ? -8.264  -3.066  1.127   1.00 44.09 ? 156  ILE A CA  1 
ATOM   716  C C   . ILE A 1 95  ? -7.637  -2.618  2.451   1.00 44.11 ? 156  ILE A C   1 
ATOM   717  O O   . ILE A 1 95  ? -6.416  -2.665  2.613   1.00 43.51 ? 156  ILE A O   1 
ATOM   718  C CB  . ILE A 1 95  ? -8.069  -4.607  0.981   1.00 43.81 ? 156  ILE A CB  1 
ATOM   719  C CG1 . ILE A 1 95  ? -8.497  -5.108  -0.409  1.00 43.50 ? 156  ILE A CG1 1 
ATOM   720  C CG2 . ILE A 1 95  ? -8.866  -5.346  2.067   1.00 43.64 ? 156  ILE A CG2 1 
ATOM   721  C CD1 . ILE A 1 95  ? -7.456  -4.964  -1.500  1.00 43.78 ? 156  ILE A CD1 1 
ATOM   722  N N   . ASP A 1 96  ? -8.475  -2.182  3.385   1.00 44.51 ? 157  ASP A N   1 
ATOM   723  C CA  . ASP A 1 96  ? -8.038  -1.926  4.752   1.00 45.07 ? 157  ASP A CA  1 
ATOM   724  C C   . ASP A 1 96  ? -7.934  -3.259  5.494   1.00 44.99 ? 157  ASP A C   1 
ATOM   725  O O   . ASP A 1 96  ? -8.876  -4.050  5.496   1.00 44.72 ? 157  ASP A O   1 
ATOM   726  C CB  . ASP A 1 96  ? -9.020  -1.004  5.478   1.00 45.64 ? 157  ASP A CB  1 
ATOM   727  C CG  . ASP A 1 96  ? -9.133  0.358   4.825   1.00 48.09 ? 157  ASP A CG  1 
ATOM   728  O OD1 . ASP A 1 96  ? -8.143  1.119   4.855   1.00 50.96 ? 157  ASP A OD1 1 
ATOM   729  O OD2 . ASP A 1 96  ? -10.213 0.671   4.276   1.00 52.90 ? 157  ASP A OD2 1 
ATOM   730  N N   . VAL A 1 97  ? -6.786  -3.504  6.110   1.00 44.90 ? 158  VAL A N   1 
ATOM   731  C CA  . VAL A 1 97  ? -6.528  -4.760  6.807   1.00 44.94 ? 158  VAL A CA  1 
ATOM   732  C C   . VAL A 1 97  ? -5.903  -4.486  8.178   1.00 44.89 ? 158  VAL A C   1 
ATOM   733  O O   . VAL A 1 97  ? -5.398  -3.387  8.432   1.00 45.04 ? 158  VAL A O   1 
ATOM   734  C CB  . VAL A 1 97  ? -5.610  -5.691  5.960   1.00 44.95 ? 158  VAL A CB  1 
ATOM   735  C CG1 . VAL A 1 97  ? -6.267  -5.999  4.617   1.00 44.53 ? 158  VAL A CG1 1 
ATOM   736  C CG2 . VAL A 1 97  ? -4.218  -5.077  5.736   1.00 45.44 ? 158  VAL A CG2 1 
ATOM   737  N N   . ASN A 1 98  ? -5.956  -5.474  9.068   1.00 44.87 ? 159  ASN A N   1 
ATOM   738  C CA  . ASN A 1 98  ? -5.261  -5.365  10.352  1.00 45.00 ? 159  ASN A CA  1 
ATOM   739  C C   . ASN A 1 98  ? -3.750  -5.372  10.115  1.00 44.87 ? 159  ASN A C   1 
ATOM   740  O O   . ASN A 1 98  ? -3.282  -5.848  9.078   1.00 44.44 ? 159  ASN A O   1 
ATOM   741  C CB  . ASN A 1 98  ? -5.700  -6.458  11.345  1.00 45.00 ? 159  ASN A CB  1 
ATOM   742  C CG  . ASN A 1 98  ? -5.376  -7.868  10.869  1.00 45.77 ? 159  ASN A CG  1 
ATOM   743  O OD1 . ASN A 1 98  ? -4.293  -8.390  11.130  1.00 45.94 ? 159  ASN A OD1 1 
ATOM   744  N ND2 . ASN A 1 98  ? -6.332  -8.502  10.196  1.00 47.12 ? 159  ASN A ND2 1 
ATOM   745  N N   . LEU A 1 99  ? -2.999  -4.817  11.061  1.00 44.90 ? 160  LEU A N   1 
ATOM   746  C CA  . LEU A 1 99  ? -1.568  -4.581  10.864  1.00 45.20 ? 160  LEU A CA  1 
ATOM   747  C C   . LEU A 1 99  ? -0.780  -5.888  10.764  1.00 45.39 ? 160  LEU A C   1 
ATOM   748  O O   . LEU A 1 99  ? 0.211   -5.958  10.043  1.00 45.43 ? 160  LEU A O   1 
ATOM   749  C CB  . LEU A 1 99  ? -0.995  -3.696  11.977  1.00 45.07 ? 160  LEU A CB  1 
ATOM   750  C CG  . LEU A 1 99  ? -1.685  -2.349  12.235  1.00 44.81 ? 160  LEU A CG  1 
ATOM   751  C CD1 . LEU A 1 99  ? -0.974  -1.584  13.348  1.00 44.76 ? 160  LEU A CD1 1 
ATOM   752  C CD2 . LEU A 1 99  ? -1.758  -1.512  10.981  1.00 44.59 ? 160  LEU A CD2 1 
ATOM   753  N N   . ASN A 1 100 ? -1.222  -6.920  11.476  1.00 45.75 ? 161  ASN A N   1 
ATOM   754  C CA  . ASN A 1 100 ? -0.567  -8.224  11.394  1.00 45.94 ? 161  ASN A CA  1 
ATOM   755  C C   . ASN A 1 100 ? -0.720  -8.874  10.017  1.00 46.03 ? 161  ASN A C   1 
ATOM   756  O O   . ASN A 1 100 ? 0.199   -9.527  9.525   1.00 45.87 ? 161  ASN A O   1 
ATOM   757  C CB  . ASN A 1 100 ? -1.108  -9.170  12.458  1.00 46.05 ? 161  ASN A CB  1 
ATOM   758  C CG  . ASN A 1 100 ? -0.481  -10.545 12.373  1.00 46.46 ? 161  ASN A CG  1 
ATOM   759  O OD1 . ASN A 1 100 ? 0.684   -10.733 12.735  1.00 47.25 ? 161  ASN A OD1 1 
ATOM   760  N ND2 . ASN A 1 100 ? -1.244  -11.514 11.872  1.00 47.90 ? 161  ASN A ND2 1 
ATOM   761  N N   . PHE A 1 101 ? -1.892  -8.707  9.414   1.00 46.17 ? 162  PHE A N   1 
ATOM   762  C CA  . PHE A 1 101 ? -2.147  -9.218  8.071   1.00 46.43 ? 162  PHE A CA  1 
ATOM   763  C C   . PHE A 1 101 ? -1.191  -8.592  7.045   1.00 46.52 ? 162  PHE A C   1 
ATOM   764  O O   . PHE A 1 101 ? -0.614  -9.294  6.217   1.00 46.17 ? 162  PHE A O   1 
ATOM   765  C CB  . PHE A 1 101 ? -3.596  -8.927  7.671   1.00 46.69 ? 162  PHE A CB  1 
ATOM   766  C CG  . PHE A 1 101 ? -4.031  -9.624  6.418   1.00 46.53 ? 162  PHE A CG  1 
ATOM   767  C CD1 . PHE A 1 101 ? -4.465  -10.943 6.462   1.00 47.23 ? 162  PHE A CD1 1 
ATOM   768  C CD2 . PHE A 1 101 ? -4.006  -8.968  5.197   1.00 47.02 ? 162  PHE A CD2 1 
ATOM   769  C CE1 . PHE A 1 101 ? -4.877  -11.598 5.310   1.00 47.12 ? 162  PHE A CE1 1 
ATOM   770  C CE2 . PHE A 1 101 ? -4.413  -9.618  4.032   1.00 47.53 ? 162  PHE A CE2 1 
ATOM   771  C CZ  . PHE A 1 101 ? -4.851  -10.937 4.095   1.00 47.25 ? 162  PHE A CZ  1 
ATOM   772  N N   . ALA A 1 102 ? -1.041  -7.272  7.106   1.00 46.85 ? 163  ALA A N   1 
ATOM   773  C CA  . ALA A 1 102 ? -0.116  -6.549  6.227   1.00 47.34 ? 163  ALA A CA  1 
ATOM   774  C C   . ALA A 1 102 ? 1.325   -7.018  6.435   1.00 47.80 ? 163  ALA A C   1 
ATOM   775  O O   . ALA A 1 102 ? 2.054   -7.267  5.468   1.00 47.69 ? 163  ALA A O   1 
ATOM   776  C CB  . ALA A 1 102 ? -0.218  -5.050  6.468   1.00 47.12 ? 163  ALA A CB  1 
ATOM   777  N N   . ARG A 1 103 ? 1.717   -7.136  7.702   1.00 48.37 ? 164  ARG A N   1 
ATOM   778  C CA  . ARG A 1 103 ? 3.043   -7.615  8.081   1.00 48.93 ? 164  ARG A CA  1 
ATOM   779  C C   . ARG A 1 103 ? 3.303   -9.028  7.548   1.00 48.98 ? 164  ARG A C   1 
ATOM   780  O O   . ARG A 1 103 ? 4.375   -9.309  7.020   1.00 48.82 ? 164  ARG A O   1 
ATOM   781  C CB  . ARG A 1 103 ? 3.188   -7.570  9.611   1.00 48.87 ? 164  ARG A CB  1 
ATOM   782  C CG  . ARG A 1 103 ? 4.578   -7.862  10.131  1.00 49.53 ? 164  ARG A CG  1 
ATOM   783  C CD  . ARG A 1 103 ? 4.787   -7.288  11.537  1.00 50.97 ? 164  ARG A CD  1 
ATOM   784  N NE  . ARG A 1 103 ? 4.977   -5.835  11.477  1.00 53.40 ? 164  ARG A NE  1 
ATOM   785  C CZ  . ARG A 1 103 ? 6.144   -5.220  11.266  1.00 53.97 ? 164  ARG A CZ  1 
ATOM   786  N NH1 . ARG A 1 103 ? 7.270   -5.916  11.105  1.00 54.38 ? 164  ARG A NH1 1 
ATOM   787  N NH2 . ARG A 1 103 ? 6.190   -3.891  11.221  1.00 54.06 ? 164  ARG A NH2 1 
ATOM   788  N N   . GLN A 1 104 ? 2.313   -9.908  7.678   1.00 49.35 ? 165  GLN A N   1 
ATOM   789  C CA  . GLN A 1 104 ? 2.393   -11.263 7.117   1.00 49.65 ? 165  GLN A CA  1 
ATOM   790  C C   . GLN A 1 104 ? 2.559   -11.261 5.598   1.00 49.73 ? 165  GLN A C   1 
ATOM   791  O O   . GLN A 1 104 ? 3.362   -12.008 5.045   1.00 49.46 ? 165  GLN A O   1 
ATOM   792  C CB  . GLN A 1 104 ? 1.140   -12.069 7.479   1.00 49.69 ? 165  GLN A CB  1 
ATOM   793  C CG  . GLN A 1 104 ? 1.117   -12.575 8.911   1.00 50.28 ? 165  GLN A CG  1 
ATOM   794  C CD  . GLN A 1 104 ? 2.244   -13.537 9.196   1.00 51.10 ? 165  GLN A CD  1 
ATOM   795  O OE1 . GLN A 1 104 ? 2.455   -14.500 8.457   1.00 51.77 ? 165  GLN A OE1 1 
ATOM   796  N NE2 . GLN A 1 104 ? 2.985   -13.281 10.269  1.00 51.85 ? 165  GLN A NE2 1 
ATOM   797  N N   . LEU A 1 105 ? 1.781   -10.421 4.931   1.00 50.11 ? 166  LEU A N   1 
ATOM   798  C CA  . LEU A 1 105 ? 1.780   -10.370 3.477   1.00 50.29 ? 166  LEU A CA  1 
ATOM   799  C C   . LEU A 1 105 ? 3.132   -9.868  2.939   1.00 50.42 ? 166  LEU A C   1 
ATOM   800  O O   . LEU A 1 105 ? 3.666   -10.418 1.973   1.00 50.25 ? 166  LEU A O   1 
ATOM   801  C CB  . LEU A 1 105 ? 0.617   -9.491  2.996   1.00 50.44 ? 166  LEU A CB  1 
ATOM   802  C CG  . LEU A 1 105 ? -0.014  -9.771  1.630   1.00 50.90 ? 166  LEU A CG  1 
ATOM   803  C CD1 . LEU A 1 105 ? -0.334  -11.242 1.422   1.00 51.67 ? 166  LEU A CD1 1 
ATOM   804  C CD2 . LEU A 1 105 ? -1.278  -8.931  1.500   1.00 51.34 ? 166  LEU A CD2 1 
ATOM   805  N N   . LEU A 1 106 ? 3.697   -8.853  3.595   1.00 50.46 ? 167  LEU A N   1 
ATOM   806  C CA  . LEU A 1 106 ? 4.976   -8.271  3.176   1.00 50.50 ? 167  LEU A CA  1 
ATOM   807  C C   . LEU A 1 106 ? 6.183   -9.166  3.475   1.00 50.59 ? 167  LEU A C   1 
ATOM   808  O O   . LEU A 1 106 ? 7.060   -9.316  2.628   1.00 50.70 ? 167  LEU A O   1 
ATOM   809  C CB  . LEU A 1 106 ? 5.182   -6.902  3.837   1.00 50.47 ? 167  LEU A CB  1 
ATOM   810  C CG  . LEU A 1 106 ? 6.351   -6.049  3.329   1.00 50.60 ? 167  LEU A CG  1 
ATOM   811  C CD1 . LEU A 1 106 ? 6.241   -5.829  1.824   1.00 51.11 ? 167  LEU A CD1 1 
ATOM   812  C CD2 . LEU A 1 106 ? 6.404   -4.712  4.058   1.00 50.42 ? 167  LEU A CD2 1 
ATOM   813  N N   . PHE A 1 107 ? 6.224   -9.759  4.669   1.00 50.63 ? 168  PHE A N   1 
ATOM   814  C CA  . PHE A 1 107 ? 7.430   -10.436 5.152   1.00 50.56 ? 168  PHE A CA  1 
ATOM   815  C C   . PHE A 1 107 ? 7.395   -11.962 5.109   1.00 50.65 ? 168  PHE A C   1 
ATOM   816  O O   . PHE A 1 107 ? 8.453   -12.587 5.042   1.00 50.76 ? 168  PHE A O   1 
ATOM   817  C CB  . PHE A 1 107 ? 7.755   -9.975  6.575   1.00 50.56 ? 168  PHE A CB  1 
ATOM   818  C CG  . PHE A 1 107 ? 8.094   -8.513  6.672   1.00 50.65 ? 168  PHE A CG  1 
ATOM   819  C CD1 . PHE A 1 107 ? 9.190   -7.995  5.991   1.00 50.74 ? 168  PHE A CD1 1 
ATOM   820  C CD2 . PHE A 1 107 ? 7.324   -7.658  7.444   1.00 50.56 ? 168  PHE A CD2 1 
ATOM   821  C CE1 . PHE A 1 107 ? 9.508   -6.647  6.073   1.00 50.61 ? 168  PHE A CE1 1 
ATOM   822  C CE2 . PHE A 1 107 ? 7.638   -6.309  7.537   1.00 50.85 ? 168  PHE A CE2 1 
ATOM   823  C CZ  . PHE A 1 107 ? 8.734   -5.802  6.847   1.00 50.79 ? 168  PHE A CZ  1 
ATOM   824  N N   . ASN A 1 108 ? 6.210   -12.567 5.163   1.00 50.59 ? 169  ASN A N   1 
ATOM   825  C CA  . ASN A 1 108 ? 6.121   -14.028 5.236   1.00 50.61 ? 169  ASN A CA  1 
ATOM   826  C C   . ASN A 1 108 ? 5.940   -14.663 3.856   1.00 50.70 ? 169  ASN A C   1 
ATOM   827  O O   . ASN A 1 108 ? 4.862   -14.600 3.267   1.00 50.75 ? 169  ASN A O   1 
ATOM   828  C CB  . ASN A 1 108 ? 4.999   -14.464 6.189   1.00 50.50 ? 169  ASN A CB  1 
ATOM   829  C CG  . ASN A 1 108 ? 5.040   -15.956 6.508   1.00 50.45 ? 169  ASN A CG  1 
ATOM   830  O OD1 . ASN A 1 108 ? 5.841   -16.707 5.953   1.00 49.99 ? 169  ASN A OD1 1 
ATOM   831  N ND2 . ASN A 1 108 ? 4.169   -16.388 7.409   1.00 49.66 ? 169  ASN A ND2 1 
ATOM   832  N N   . ASN A 1 109 ? 7.006   -15.287 3.359   1.00 50.75 ? 170  ASN A N   1 
ATOM   833  C CA  . ASN A 1 109 ? 6.988   -15.970 2.063   1.00 50.71 ? 170  ASN A CA  1 
ATOM   834  C C   . ASN A 1 109 ? 6.113   -17.223 2.056   1.00 50.50 ? 170  ASN A C   1 
ATOM   835  O O   . ASN A 1 109 ? 5.664   -17.659 0.996   1.00 50.58 ? 170  ASN A O   1 
ATOM   836  C CB  . ASN A 1 109 ? 8.416   -16.339 1.634   1.00 51.07 ? 170  ASN A CB  1 
ATOM   837  C CG  . ASN A 1 109 ? 9.311   -15.118 1.470   1.00 52.08 ? 170  ASN A CG  1 
ATOM   838  O OD1 . ASN A 1 109 ? 8.840   -14.019 1.150   1.00 53.98 ? 170  ASN A OD1 1 
ATOM   839  N ND2 . ASN A 1 109 ? 10.607  -15.305 1.696   1.00 53.31 ? 170  ASN A ND2 1 
ATOM   840  N N   . ASP A 1 110 ? 5.878   -17.796 3.238   1.00 50.09 ? 171  ASP A N   1 
ATOM   841  C CA  . ASP A 1 110 ? 5.007   -18.964 3.386   1.00 49.82 ? 171  ASP A CA  1 
ATOM   842  C C   . ASP A 1 110 ? 3.522   -18.590 3.462   1.00 49.49 ? 171  ASP A C   1 
ATOM   843  O O   . ASP A 1 110 ? 2.656   -19.450 3.284   1.00 49.28 ? 171  ASP A O   1 
ATOM   844  C CB  . ASP A 1 110 ? 5.391   -19.769 4.633   1.00 49.86 ? 171  ASP A CB  1 
ATOM   845  C CG  . ASP A 1 110 ? 6.821   -20.295 4.583   1.00 50.30 ? 171  ASP A CG  1 
ATOM   846  O OD1 . ASP A 1 110 ? 7.522   -20.086 3.565   1.00 50.30 ? 171  ASP A OD1 1 
ATOM   847  O OD2 . ASP A 1 110 ? 7.243   -20.926 5.576   1.00 50.99 ? 171  ASP A OD2 1 
ATOM   848  N N   . PHE A 1 111 ? 3.228   -17.323 3.746   1.00 49.00 ? 172  PHE A N   1 
ATOM   849  C CA  . PHE A 1 111 ? 1.850   -16.830 3.744   1.00 48.90 ? 172  PHE A CA  1 
ATOM   850  C C   . PHE A 1 111 ? 1.293   -17.039 2.330   1.00 48.65 ? 172  PHE A C   1 
ATOM   851  O O   . PHE A 1 111 ? 1.822   -16.481 1.380   1.00 48.55 ? 172  PHE A O   1 
ATOM   852  C CB  . PHE A 1 111 ? 1.818   -15.348 4.130   1.00 48.73 ? 172  PHE A CB  1 
ATOM   853  C CG  . PHE A 1 111 ? 0.490   -14.870 4.658   1.00 48.76 ? 172  PHE A CG  1 
ATOM   854  C CD1 . PHE A 1 111 ? 0.028   -15.293 5.900   1.00 48.21 ? 172  PHE A CD1 1 
ATOM   855  C CD2 . PHE A 1 111 ? -0.272  -13.961 3.937   1.00 48.10 ? 172  PHE A CD2 1 
ATOM   856  C CE1 . PHE A 1 111 ? -1.183  -14.835 6.402   1.00 48.23 ? 172  PHE A CE1 1 
ATOM   857  C CE2 . PHE A 1 111 ? -1.486  -13.495 4.432   1.00 48.27 ? 172  PHE A CE2 1 
ATOM   858  C CZ  . PHE A 1 111 ? -1.941  -13.934 5.664   1.00 48.29 ? 172  PHE A CZ  1 
ATOM   859  N N   . PRO A 1 112 ? 0.238   -17.862 2.186   1.00 48.67 ? 173  PRO A N   1 
ATOM   860  C CA  . PRO A 1 112 ? -0.134  -18.355 0.858   1.00 48.50 ? 173  PRO A CA  1 
ATOM   861  C C   . PRO A 1 112 ? -1.022  -17.443 0.000   1.00 48.33 ? 173  PRO A C   1 
ATOM   862  O O   . PRO A 1 112 ? -1.413  -17.859 -1.091  1.00 48.10 ? 173  PRO A O   1 
ATOM   863  C CB  . PRO A 1 112 ? -0.895  -19.643 1.182   1.00 48.64 ? 173  PRO A CB  1 
ATOM   864  C CG  . PRO A 1 112 ? -1.538  -19.377 2.507   1.00 48.90 ? 173  PRO A CG  1 
ATOM   865  C CD  . PRO A 1 112 ? -0.663  -18.382 3.236   1.00 48.74 ? 173  PRO A CD  1 
ATOM   866  N N   . LEU A 1 113 ? -1.327  -16.228 0.464   1.00 48.08 ? 174  LEU A N   1 
ATOM   867  C CA  . LEU A 1 113 ? -2.344  -15.399 -0.192  1.00 47.90 ? 174  LEU A CA  1 
ATOM   868  C C   . LEU A 1 113 ? -1.939  -15.005 -1.619  1.00 47.62 ? 174  LEU A C   1 
ATOM   869  O O   . LEU A 1 113 ? -2.723  -15.169 -2.552  1.00 47.18 ? 174  LEU A O   1 
ATOM   870  C CB  . LEU A 1 113 ? -2.658  -14.140 0.628   1.00 47.95 ? 174  LEU A CB  1 
ATOM   871  C CG  . LEU A 1 113 ? -4.100  -13.587 0.648   1.00 48.37 ? 174  LEU A CG  1 
ATOM   872  C CD1 . LEU A 1 113 ? -4.071  -12.083 0.874   1.00 49.12 ? 174  LEU A CD1 1 
ATOM   873  C CD2 . LEU A 1 113 ? -4.933  -13.893 -0.592  1.00 48.25 ? 174  LEU A CD2 1 
ATOM   874  N N   . LEU A 1 114 ? -0.721  -14.495 -1.789  1.00 47.58 ? 175  LEU A N   1 
ATOM   875  C CA  . LEU A 1 114 ? -0.258  -14.054 -3.111  1.00 47.54 ? 175  LEU A CA  1 
ATOM   876  C C   . LEU A 1 114 ? -0.204  -15.211 -4.102  1.00 47.21 ? 175  LEU A C   1 
ATOM   877  O O   . LEU A 1 114 ? -0.590  -15.060 -5.256  1.00 47.07 ? 175  LEU A O   1 
ATOM   878  C CB  . LEU A 1 114 ? 1.111   -13.367 -3.024  1.00 47.69 ? 175  LEU A CB  1 
ATOM   879  C CG  . LEU A 1 114 ? 1.144   -12.060 -2.224  1.00 47.90 ? 175  LEU A CG  1 
ATOM   880  C CD1 . LEU A 1 114 ? 2.520   -11.428 -2.310  1.00 49.09 ? 175  LEU A CD1 1 
ATOM   881  C CD2 . LEU A 1 114 ? 0.088   -11.094 -2.706  1.00 48.54 ? 175  LEU A CD2 1 
ATOM   882  N N   . LYS A 1 115 ? 0.257   -16.367 -3.641  1.00 20.00 ? 176  LYS A N   1 
ATOM   883  C CA  . LYS A 1 115 ? 0.260   -17.570 -4.463  1.00 20.00 ? 176  LYS A CA  1 
ATOM   884  C C   . LYS A 1 115 ? -1.161  -17.989 -4.831  1.00 20.00 ? 176  LYS A C   1 
ATOM   885  O O   . LYS A 1 115 ? -1.422  -18.401 -5.963  1.00 46.97 ? 176  LYS A O   1 
ATOM   886  C CB  . LYS A 1 115 ? 0.973   -18.712 -3.740  1.00 20.00 ? 176  LYS A CB  1 
ATOM   887  N N   . VAL A 1 116 ? -2.085  -17.874 -3.878  1.00 46.47 ? 177  VAL A N   1 
ATOM   888  C CA  . VAL A 1 116 ? -3.492  -18.190 -4.111  1.00 46.27 ? 177  VAL A CA  1 
ATOM   889  C C   . VAL A 1 116 ? -4.093  -17.258 -5.164  1.00 45.94 ? 177  VAL A C   1 
ATOM   890  O O   . VAL A 1 116 ? -4.779  -17.717 -6.074  1.00 45.73 ? 177  VAL A O   1 
ATOM   891  C CB  . VAL A 1 116 ? -4.316  -18.149 -2.784  1.00 46.24 ? 177  VAL A CB  1 
ATOM   892  C CG1 . VAL A 1 116 ? -5.814  -17.992 -3.049  1.00 46.58 ? 177  VAL A CG1 1 
ATOM   893  C CG2 . VAL A 1 116 ? -4.049  -19.408 -1.956  1.00 46.28 ? 177  VAL A CG2 1 
ATOM   894  N N   . LEU A 1 117 ? -3.836  -15.958 -5.038  1.00 45.58 ? 178  LEU A N   1 
ATOM   895  C CA  . LEU A 1 117 ? -4.304  -14.992 -6.031  1.00 45.61 ? 178  LEU A CA  1 
ATOM   896  C C   . LEU A 1 117 ? -3.668  -15.232 -7.396  1.00 45.22 ? 178  LEU A C   1 
ATOM   897  O O   . LEU A 1 117 ? -4.347  -15.145 -8.419  1.00 44.88 ? 178  LEU A O   1 
ATOM   898  C CB  . LEU A 1 117 ? -4.002  -13.555 -5.598  1.00 45.61 ? 178  LEU A CB  1 
ATOM   899  C CG  . LEU A 1 117 ? -4.798  -12.979 -4.435  1.00 45.99 ? 178  LEU A CG  1 
ATOM   900  C CD1 . LEU A 1 117 ? -4.201  -11.645 -4.048  1.00 46.86 ? 178  LEU A CD1 1 
ATOM   901  C CD2 . LEU A 1 117 ? -6.276  -12.836 -4.780  1.00 46.31 ? 178  LEU A CD2 1 
ATOM   902  N N   . ALA A 1 118 ? -2.371  -15.536 -7.400  1.00 45.07 ? 179  ALA A N   1 
ATOM   903  C CA  . ALA A 1 118 ? -1.598  -15.662 -8.638  1.00 45.17 ? 179  ALA A CA  1 
ATOM   904  C C   . ALA A 1 118 ? -2.093  -16.804 -9.523  1.00 45.18 ? 179  ALA A C   1 
ATOM   905  O O   . ALA A 1 118 ? -1.974  -16.739 -10.745 1.00 45.08 ? 179  ALA A O   1 
ATOM   906  C CB  . ALA A 1 118 ? -0.115  -15.832 -8.325  1.00 45.07 ? 179  ALA A CB  1 
ATOM   907  N N   . ALA A 1 119 ? -2.661  -17.838 -8.900  1.00 45.16 ? 180  ALA A N   1 
ATOM   908  C CA  . ALA A 1 119 ? -3.234  -18.966 -9.630  1.00 45.10 ? 180  ALA A CA  1 
ATOM   909  C C   . ALA A 1 119 ? -4.497  -18.574 -10.398 1.00 45.14 ? 180  ALA A C   1 
ATOM   910  O O   . ALA A 1 119 ? -4.913  -19.281 -11.317 1.00 45.39 ? 180  ALA A O   1 
ATOM   911  C CB  . ALA A 1 119 ? -3.537  -20.113 -8.668  1.00 45.12 ? 180  ALA A CB  1 
ATOM   912  N N   . HIS A 1 120 ? -5.107  -17.456 -10.014 1.00 44.96 ? 181  HIS A N   1 
ATOM   913  C CA  . HIS A 1 120 ? -6.340  -16.986 -10.638 1.00 44.99 ? 181  HIS A CA  1 
ATOM   914  C C   . HIS A 1 120 ? -6.115  -15.867 -11.645 1.00 44.93 ? 181  HIS A C   1 
ATOM   915  O O   . HIS A 1 120 ? -6.820  -15.782 -12.649 1.00 44.89 ? 181  HIS A O   1 
ATOM   916  C CB  . HIS A 1 120 ? -7.326  -16.511 -9.566  1.00 45.03 ? 181  HIS A CB  1 
ATOM   917  C CG  . HIS A 1 120 ? -8.007  -17.631 -8.851  1.00 45.11 ? 181  HIS A CG  1 
ATOM   918  N ND1 . HIS A 1 120 ? -8.998  -18.387 -9.437  1.00 45.38 ? 181  HIS A ND1 1 
ATOM   919  C CD2 . HIS A 1 120 ? -7.828  -18.139 -7.609  1.00 45.32 ? 181  HIS A CD2 1 
ATOM   920  C CE1 . HIS A 1 120 ? -9.404  -19.311 -8.584  1.00 46.12 ? 181  HIS A CE1 1 
ATOM   921  N NE2 . HIS A 1 120 ? -8.708  -19.183 -7.468  1.00 46.07 ? 181  HIS A NE2 1 
ATOM   922  N N   . THR A 1 121 ? -5.139  -15.005 -11.379 1.00 44.90 ? 182  THR A N   1 
ATOM   923  C CA  . THR A 1 121 ? -4.955  -13.819 -12.199 1.00 44.89 ? 182  THR A CA  1 
ATOM   924  C C   . THR A 1 121 ? -3.565  -13.234 -12.027 1.00 45.21 ? 182  THR A C   1 
ATOM   925  O O   . THR A 1 121 ? -2.936  -13.407 -10.980 1.00 45.78 ? 182  THR A O   1 
ATOM   926  C CB  . THR A 1 121 ? -6.016  -12.748 -11.826 1.00 44.91 ? 182  THR A CB  1 
ATOM   927  O OG1 . THR A 1 121 ? -5.953  -11.653 -12.738 1.00 43.47 ? 182  THR A OG1 1 
ATOM   928  C CG2 . THR A 1 121 ? -5.817  -12.232 -10.402 1.00 44.70 ? 182  THR A CG2 1 
ATOM   929  N N   . LYS A 1 122 ? -3.085  -12.555 -13.063 1.00 45.14 ? 183  LYS A N   1 
ATOM   930  C CA  . LYS A 1 122 ? -1.965  -11.638 -12.916 1.00 45.09 ? 183  LYS A CA  1 
ATOM   931  C C   . LYS A 1 122 ? -2.460  -10.408 -12.166 1.00 44.98 ? 183  LYS A C   1 
ATOM   932  O O   . LYS A 1 122 ? -3.581  -9.945  -12.376 1.00 45.06 ? 183  LYS A O   1 
ATOM   933  C CB  . LYS A 1 122 ? -1.400  -11.220 -14.275 1.00 45.03 ? 183  LYS A CB  1 
ATOM   934  C CG  . LYS A 1 122 ? -0.647  -12.315 -15.021 1.00 45.30 ? 183  LYS A CG  1 
ATOM   935  C CD  . LYS A 1 122 ? 0.176   -11.712 -16.163 1.00 45.49 ? 183  LYS A CD  1 
ATOM   936  C CE  . LYS A 1 122 ? 0.901   -12.775 -16.984 1.00 45.78 ? 183  LYS A CE  1 
ATOM   937  N NZ  . LYS A 1 122 ? 1.884   -12.155 -17.943 1.00 45.37 ? 183  LYS A NZ  1 
ATOM   938  N N   . PHE A 1 123 ? -1.626  -9.884  -11.286 1.00 44.97 ? 184  PHE A N   1 
ATOM   939  C CA  . PHE A 1 123 ? -1.974  -8.693  -10.533 1.00 45.33 ? 184  PHE A CA  1 
ATOM   940  C C   . PHE A 1 123 ? -0.717  -7.915  -10.202 1.00 45.28 ? 184  PHE A C   1 
ATOM   941  O O   . PHE A 1 123 ? 0.397   -8.440  -10.293 1.00 45.53 ? 184  PHE A O   1 
ATOM   942  C CB  . PHE A 1 123 ? -2.716  -9.063  -9.240  1.00 45.67 ? 184  PHE A CB  1 
ATOM   943  C CG  . PHE A 1 123 ? -1.940  -9.974  -8.337  1.00 45.88 ? 184  PHE A CG  1 
ATOM   944  C CD1 . PHE A 1 123 ? -2.099  -11.342 -8.410  1.00 46.35 ? 184  PHE A CD1 1 
ATOM   945  C CD2 . PHE A 1 123 ? -1.032  -9.462  -7.423  1.00 47.68 ? 184  PHE A CD2 1 
ATOM   946  C CE1 . PHE A 1 123 ? -1.381  -12.183 -7.588  1.00 46.17 ? 184  PHE A CE1 1 
ATOM   947  C CE2 . PHE A 1 123 ? -0.300  -10.306 -6.601  1.00 47.53 ? 184  PHE A CE2 1 
ATOM   948  C CZ  . PHE A 1 123 ? -0.485  -11.669 -6.683  1.00 46.77 ? 184  PHE A CZ  1 
ATOM   949  N N   . GLU A 1 124 ? -0.909  -6.653  -9.857  1.00 44.95 ? 185  GLU A N   1 
ATOM   950  C CA  . GLU A 1 124 ? 0.098   -5.875  -9.171  1.00 45.26 ? 185  GLU A CA  1 
ATOM   951  C C   . GLU A 1 124 ? -0.384  -5.666  -7.757  1.00 44.67 ? 185  GLU A C   1 
ATOM   952  O O   . GLU A 1 124 ? -1.565  -5.373  -7.539  1.00 44.52 ? 185  GLU A O   1 
ATOM   953  C CB  . GLU A 1 124 ? 0.289   -4.519  -9.835  1.00 45.26 ? 185  GLU A CB  1 
ATOM   954  C CG  . GLU A 1 124 ? 0.861   -4.606  -11.219 1.00 46.73 ? 185  GLU A CG  1 
ATOM   955  C CD  . GLU A 1 124 ? 1.133   -3.243  -11.829 1.00 47.77 ? 185  GLU A CD  1 
ATOM   956  O OE1 . GLU A 1 124 ? 1.502   -2.305  -11.090 1.00 52.38 ? 185  GLU A OE1 1 
ATOM   957  O OE2 . GLU A 1 124 ? 1.007   -3.120  -13.063 1.00 53.39 ? 185  GLU A OE2 1 
ATOM   958  N N   . VAL A 1 125 ? 0.524   -5.810  -6.799  1.00 44.47 ? 186  VAL A N   1 
ATOM   959  C CA  . VAL A 1 125 ? 0.209   -5.571  -5.400  1.00 44.34 ? 186  VAL A CA  1 
ATOM   960  C C   . VAL A 1 125 ? 1.259   -4.672  -4.720  1.00 44.16 ? 186  VAL A C   1 
ATOM   961  O O   . VAL A 1 125 ? 2.462   -4.784  -4.977  1.00 43.90 ? 186  VAL A O   1 
ATOM   962  C CB  . VAL A 1 125 ? 0.059   -6.912  -4.632  1.00 44.34 ? 186  VAL A CB  1 
ATOM   963  C CG1 . VAL A 1 125 ? 1.411   -7.616  -4.467  1.00 44.39 ? 186  VAL A CG1 1 
ATOM   964  C CG2 . VAL A 1 125 ? -0.592  -6.691  -3.277  1.00 44.43 ? 186  VAL A CG2 1 
ATOM   965  N N   . ALA A 1 126 ? 0.773   -3.780  -3.861  1.00 43.96 ? 187  ALA A N   1 
ATOM   966  C CA  . ALA A 1 126 ? 1.609   -3.005  -2.958  1.00 43.99 ? 187  ALA A CA  1 
ATOM   967  C C   . ALA A 1 126 ? 1.053   -3.170  -1.546  1.00 43.96 ? 187  ALA A C   1 
ATOM   968  O O   . ALA A 1 126 ? -0.155  -3.070  -1.337  1.00 44.06 ? 187  ALA A O   1 
ATOM   969  C CB  . ALA A 1 126 ? 1.625   -1.530  -3.364  1.00 43.95 ? 187  ALA A CB  1 
ATOM   970  N N   . ILE A 1 127 ? 1.942   -3.418  -0.589  1.00 43.87 ? 188  ILE A N   1 
ATOM   971  C CA  . ILE A 1 127 ? 1.567   -3.718  0.783   1.00 43.86 ? 188  ILE A CA  1 
ATOM   972  C C   . ILE A 1 127 ? 2.054   -2.629  1.741   1.00 43.82 ? 188  ILE A C   1 
ATOM   973  O O   . ILE A 1 127 ? 3.253   -2.452  1.926   1.00 43.96 ? 188  ILE A O   1 
ATOM   974  C CB  . ILE A 1 127 ? 2.164   -5.067  1.226   1.00 43.78 ? 188  ILE A CB  1 
ATOM   975  C CG1 . ILE A 1 127 ? 1.714   -6.185  0.278   1.00 43.76 ? 188  ILE A CG1 1 
ATOM   976  C CG2 . ILE A 1 127 ? 1.758   -5.389  2.672   1.00 43.92 ? 188  ILE A CG2 1 
ATOM   977  C CD1 . ILE A 1 127 ? 2.730   -7.263  0.098   1.00 43.94 ? 188  ILE A CD1 1 
ATOM   978  N N   . GLY A 1 128 ? 1.108   -1.923  2.356   1.00 43.89 ? 189  GLY A N   1 
ATOM   979  C CA  . GLY A 1 128 ? 1.407   -0.913  3.365   1.00 43.77 ? 189  GLY A CA  1 
ATOM   980  C C   . GLY A 1 128 ? 1.282   -1.491  4.762   1.00 43.73 ? 189  GLY A C   1 
ATOM   981  O O   . GLY A 1 128 ? 0.240   -2.048  5.120   1.00 43.74 ? 189  GLY A O   1 
ATOM   982  N N   . LEU A 1 129 ? 2.334   -1.350  5.561   1.00 43.51 ? 190  LEU A N   1 
ATOM   983  C CA  . LEU A 1 129 ? 2.323   -1.848  6.937   1.00 43.52 ? 190  LEU A CA  1 
ATOM   984  C C   . LEU A 1 129 ? 1.382   -1.034  7.837   1.00 43.51 ? 190  LEU A C   1 
ATOM   985  O O   . LEU A 1 129 ? 1.084   -1.445  8.962   1.00 43.34 ? 190  LEU A O   1 
ATOM   986  C CB  . LEU A 1 129 ? 3.739   -1.870  7.523   1.00 43.32 ? 190  LEU A CB  1 
ATOM   987  C CG  . LEU A 1 129 ? 4.728   -2.835  6.860   1.00 43.29 ? 190  LEU A CG  1 
ATOM   988  C CD1 . LEU A 1 129 ? 6.128   -2.614  7.408   1.00 43.25 ? 190  LEU A CD1 1 
ATOM   989  C CD2 . LEU A 1 129 ? 4.308   -4.292  7.050   1.00 43.40 ? 190  LEU A CD2 1 
ATOM   990  N N   . ASN A 1 130 ? 0.919   0.113   7.338   1.00 43.53 ? 191  ASN A N   1 
ATOM   991  C CA  . ASN A 1 130 ? -0.123  0.895   8.011   1.00 43.61 ? 191  ASN A CA  1 
ATOM   992  C C   . ASN A 1 130 ? -1.529  0.280   7.917   1.00 43.90 ? 191  ASN A C   1 
ATOM   993  O O   . ASN A 1 130 ? -2.488  0.847   8.438   1.00 44.28 ? 191  ASN A O   1 
ATOM   994  C CB  . ASN A 1 130 ? -0.134  2.351   7.509   1.00 43.39 ? 191  ASN A CB  1 
ATOM   995  C CG  . ASN A 1 130 ? -0.351  2.468   6.011   1.00 42.76 ? 191  ASN A CG  1 
ATOM   996  O OD1 . ASN A 1 130 ? 0.291   1.773   5.222   1.00 42.23 ? 191  ASN A OD1 1 
ATOM   997  N ND2 . ASN A 1 130 ? -1.249  3.362   5.613   1.00 40.57 ? 191  ASN A ND2 1 
ATOM   998  N N   . GLY A 1 131 ? -1.643  -0.879  7.270   1.00 44.07 ? 192  GLY A N   1 
ATOM   999  C CA  . GLY A 1 131 ? -2.879  -1.640  7.235   1.00 44.22 ? 192  GLY A CA  1 
ATOM   1000 C C   . GLY A 1 131 ? -3.685  -1.382  5.982   1.00 44.45 ? 192  GLY A C   1 
ATOM   1001 O O   . GLY A 1 131 ? -4.913  -1.295  6.035   1.00 44.49 ? 192  GLY A O   1 
ATOM   1002 N N   . LYS A 1 132 ? -2.989  -1.258  4.856   1.00 44.59 ? 193  LYS A N   1 
ATOM   1003 C CA  . LYS A 1 132 ? -3.626  -1.024  3.565   1.00 44.80 ? 193  LYS A CA  1 
ATOM   1004 C C   . LYS A 1 132 ? -2.957  -1.892  2.512   1.00 44.50 ? 193  LYS A C   1 
ATOM   1005 O O   . LYS A 1 132 ? -1.731  -1.928  2.427   1.00 44.53 ? 193  LYS A O   1 
ATOM   1006 C CB  . LYS A 1 132 ? -3.549  0.456   3.179   1.00 45.03 ? 193  LYS A CB  1 
ATOM   1007 C CG  . LYS A 1 132 ? -4.510  1.338   3.974   1.00 45.86 ? 193  LYS A CG  1 
ATOM   1008 C CD  . LYS A 1 132 ? -4.632  2.721   3.375   1.00 46.16 ? 193  LYS A CD  1 
ATOM   1009 C CE  . LYS A 1 132 ? -5.599  3.589   4.166   1.00 47.73 ? 193  LYS A CE  1 
ATOM   1010 N NZ  . LYS A 1 132 ? -7.029  3.279   3.826   1.00 50.49 ? 193  LYS A NZ  1 
ATOM   1011 N N   . ILE A 1 133 ? -3.765  -2.620  1.743   1.00 44.25 ? 194  ILE A N   1 
ATOM   1012 C CA  . ILE A 1 133 ? -3.265  -3.377  0.595   1.00 44.02 ? 194  ILE A CA  1 
ATOM   1013 C C   . ILE A 1 133 ? -3.824  -2.745  -0.666  1.00 43.63 ? 194  ILE A C   1 
ATOM   1014 O O   . ILE A 1 133 ? -5.010  -2.452  -0.744  1.00 43.33 ? 194  ILE A O   1 
ATOM   1015 C CB  . ILE A 1 133 ? -3.695  -4.860  0.629   1.00 44.04 ? 194  ILE A CB  1 
ATOM   1016 C CG1 . ILE A 1 133 ? -3.406  -5.486  2.001   1.00 44.72 ? 194  ILE A CG1 1 
ATOM   1017 C CG2 . ILE A 1 133 ? -3.000  -5.645  -0.490  1.00 44.08 ? 194  ILE A CG2 1 
ATOM   1018 C CD1 . ILE A 1 133 ? -1.978  -5.287  2.505   1.00 44.66 ? 194  ILE A CD1 1 
ATOM   1019 N N   . TRP A 1 134 ? -2.957  -2.526  -1.648  1.00 43.49 ? 195  TRP A N   1 
ATOM   1020 C CA  . TRP A 1 134 ? -3.373  -2.018  -2.945  1.00 43.11 ? 195  TRP A CA  1 
ATOM   1021 C C   . TRP A 1 134 ? -3.203  -3.118  -3.968  1.00 42.80 ? 195  TRP A C   1 
ATOM   1022 O O   . TRP A 1 134 ? -2.169  -3.768  -4.005  1.00 42.06 ? 195  TRP A O   1 
ATOM   1023 C CB  . TRP A 1 134 ? -2.519  -0.829  -3.330  1.00 42.97 ? 195  TRP A CB  1 
ATOM   1024 C CG  . TRP A 1 134 ? -2.820  -0.247  -4.661  1.00 43.09 ? 195  TRP A CG  1 
ATOM   1025 C CD1 . TRP A 1 134 ? -3.788  0.662   -4.948  1.00 42.83 ? 195  TRP A CD1 1 
ATOM   1026 C CD2 . TRP A 1 134 ? -2.128  -0.505  -5.892  1.00 42.85 ? 195  TRP A CD2 1 
ATOM   1027 N NE1 . TRP A 1 134 ? -3.749  0.986   -6.278  1.00 42.69 ? 195  TRP A NE1 1 
ATOM   1028 C CE2 . TRP A 1 134 ? -2.738  0.287   -6.883  1.00 42.70 ? 195  TRP A CE2 1 
ATOM   1029 C CE3 . TRP A 1 134 ? -1.053  -1.331  -6.253  1.00 43.32 ? 195  TRP A CE3 1 
ATOM   1030 C CZ2 . TRP A 1 134 ? -2.310  0.288   -8.214  1.00 42.67 ? 195  TRP A CZ2 1 
ATOM   1031 C CZ3 . TRP A 1 134 ? -0.621  -1.328  -7.573  1.00 42.61 ? 195  TRP A CZ3 1 
ATOM   1032 C CH2 . TRP A 1 134 ? -1.251  -0.522  -8.538  1.00 42.71 ? 195  TRP A CH2 1 
ATOM   1033 N N   . VAL A 1 135 ? -4.222  -3.318  -4.798  1.00 42.90 ? 196  VAL A N   1 
ATOM   1034 C CA  . VAL A 1 135 ? -4.165  -4.335  -5.841  1.00 43.11 ? 196  VAL A CA  1 
ATOM   1035 C C   . VAL A 1 135 ? -4.717  -3.791  -7.152  1.00 43.28 ? 196  VAL A C   1 
ATOM   1036 O O   . VAL A 1 135 ? -5.629  -2.960  -7.163  1.00 43.34 ? 196  VAL A O   1 
ATOM   1037 C CB  . VAL A 1 135 ? -4.909  -5.635  -5.414  1.00 43.05 ? 196  VAL A CB  1 
ATOM   1038 C CG1 . VAL A 1 135 ? -6.415  -5.415  -5.324  1.00 42.37 ? 196  VAL A CG1 1 
ATOM   1039 C CG2 . VAL A 1 135 ? -4.565  -6.802  -6.352  1.00 43.14 ? 196  VAL A CG2 1 
ATOM   1040 N N   . LYS A 1 136 ? -4.138  -4.253  -8.255  1.00 43.71 ? 197  LYS A N   1 
ATOM   1041 C CA  . LYS A 1 136 ? -4.576  -3.852  -9.584  1.00 43.82 ? 197  LYS A CA  1 
ATOM   1042 C C   . LYS A 1 136 ? -4.347  -4.974  -10.577 1.00 43.59 ? 197  LYS A C   1 
ATOM   1043 O O   . LYS A 1 136 ? -3.261  -5.549  -10.624 1.00 43.52 ? 197  LYS A O   1 
ATOM   1044 C CB  . LYS A 1 136 ? -3.822  -2.606  -10.051 1.00 44.06 ? 197  LYS A CB  1 
ATOM   1045 C CG  . LYS A 1 136 ? -4.170  -2.199  -11.476 1.00 44.70 ? 197  LYS A CG  1 
ATOM   1046 C CD  . LYS A 1 136 ? -3.744  -0.784  -11.808 1.00 45.79 ? 197  LYS A CD  1 
ATOM   1047 C CE  . LYS A 1 136 ? -2.304  -0.710  -12.288 1.00 47.80 ? 197  LYS A CE  1 
ATOM   1048 N NZ  . LYS A 1 136 ? -1.820  0.713   -12.439 1.00 48.05 ? 197  LYS A NZ  1 
ATOM   1049 N N   . CYS A 1 137 ? -5.382  -5.274  -11.360 1.00 43.57 ? 198  CYS A N   1 
ATOM   1050 C CA  . CYS A 1 137 ? -5.300  -6.202  -12.481 1.00 43.79 ? 198  CYS A CA  1 
ATOM   1051 C C   . CYS A 1 137 ? -5.610  -5.460  -13.772 1.00 44.00 ? 198  CYS A C   1 
ATOM   1052 O O   . CYS A 1 137 ? -6.127  -4.350  -13.748 1.00 43.62 ? 198  CYS A O   1 
ATOM   1053 C CB  . CYS A 1 137 ? -6.320  -7.330  -12.315 1.00 43.73 ? 198  CYS A CB  1 
ATOM   1054 S SG  . CYS A 1 137 ? -6.160  -8.228  -10.783 1.00 43.36 ? 198  CYS A SG  1 
ATOM   1055 N N   . GLU A 1 138 ? -5.305  -6.091  -14.900 1.00 44.58 ? 199  GLU A N   1 
ATOM   1056 C CA  . GLU A 1 138 ? -5.666  -5.547  -16.201 1.00 44.99 ? 199  GLU A CA  1 
ATOM   1057 C C   . GLU A 1 138 ? -7.185  -5.336  -16.318 1.00 45.14 ? 199  GLU A C   1 
ATOM   1058 O O   . GLU A 1 138 ? -7.632  -4.271  -16.737 1.00 45.18 ? 199  GLU A O   1 
ATOM   1059 C CB  . GLU A 1 138 ? -5.193  -6.486  -17.314 1.00 44.87 ? 199  GLU A CB  1 
ATOM   1060 C CG  . GLU A 1 138 ? -5.288  -5.889  -18.695 1.00 45.34 ? 199  GLU A CG  1 
ATOM   1061 C CD  . GLU A 1 138 ? -5.030  -6.894  -19.792 1.00 46.27 ? 199  GLU A CD  1 
ATOM   1062 O OE1 . GLU A 1 138 ? -4.875  -8.100  -19.497 1.00 49.22 ? 199  GLU A OE1 1 
ATOM   1063 O OE2 . GLU A 1 138 ? -4.983  -6.475  -20.964 1.00 49.65 ? 199  GLU A OE2 1 
ATOM   1064 N N   . GLU A 1 139 ? -7.961  -6.355  -15.952 1.00 45.44 ? 200  GLU A N   1 
ATOM   1065 C CA  . GLU A 1 139 ? -9.424  -6.301  -16.048 1.00 45.82 ? 200  GLU A CA  1 
ATOM   1066 C C   . GLU A 1 139 ? -10.046 -5.906  -14.706 1.00 45.56 ? 200  GLU A C   1 
ATOM   1067 O O   . GLU A 1 139 ? -9.644  -6.409  -13.657 1.00 45.10 ? 200  GLU A O   1 
ATOM   1068 C CB  . GLU A 1 139 ? -9.981  -7.655  -16.470 1.00 46.31 ? 200  GLU A CB  1 
ATOM   1069 C CG  . GLU A 1 139 ? -9.366  -8.257  -17.722 1.00 48.58 ? 200  GLU A CG  1 
ATOM   1070 C CD  . GLU A 1 139 ? -9.813  -7.571  -19.000 1.00 51.46 ? 200  GLU A CD  1 
ATOM   1071 O OE1 . GLU A 1 139 ? -9.544  -6.358  -19.157 1.00 53.66 ? 200  GLU A OE1 1 
ATOM   1072 O OE2 . GLU A 1 139 ? -10.417 -8.259  -19.858 1.00 53.25 ? 200  GLU A OE2 1 
ATOM   1073 N N   . LEU A 1 140 ? -11.036 -5.019  -14.755 1.00 45.66 ? 201  LEU A N   1 
ATOM   1074 C CA  . LEU A 1 140 ? -11.735 -4.552  -13.554 1.00 45.85 ? 201  LEU A CA  1 
ATOM   1075 C C   . LEU A 1 140 ? -12.326 -5.707  -12.744 1.00 45.44 ? 201  LEU A C   1 
ATOM   1076 O O   . LEU A 1 140 ? -12.215 -5.726  -11.525 1.00 45.38 ? 201  LEU A O   1 
ATOM   1077 C CB  . LEU A 1 140 ? -12.844 -3.559  -13.928 1.00 46.12 ? 201  LEU A CB  1 
ATOM   1078 C CG  . LEU A 1 140 ? -13.665 -2.977  -12.768 1.00 46.48 ? 201  LEU A CG  1 
ATOM   1079 C CD1 . LEU A 1 140 ? -12.788 -2.164  -11.840 1.00 47.78 ? 201  LEU A CD1 1 
ATOM   1080 C CD2 . LEU A 1 140 ? -14.812 -2.127  -13.302 1.00 46.73 ? 201  LEU A CD2 1 
ATOM   1081 N N   . SER A 1 141 ? -12.932 -6.671  -13.421 1.00 45.46 ? 202  SER A N   1 
ATOM   1082 C CA  . SER A 1 141 ? -13.520 -7.823  -12.751 1.00 45.60 ? 202  SER A CA  1 
ATOM   1083 C C   . SER A 1 141 ? -12.475 -8.574  -11.933 1.00 45.49 ? 202  SER A C   1 
ATOM   1084 O O   . SER A 1 141 ? -12.760 -9.028  -10.821 1.00 45.43 ? 202  SER A O   1 
ATOM   1085 C CB  . SER A 1 141 ? -14.161 -8.761  -13.770 1.00 45.92 ? 202  SER A CB  1 
ATOM   1086 O OG  . SER A 1 141 ? -13.179 -9.304  -14.636 1.00 47.62 ? 202  SER A OG  1 
ATOM   1087 N N   . ASN A 1 142 ? -11.262 -8.685  -12.478 1.00 45.12 ? 203  ASN A N   1 
ATOM   1088 C CA  . ASN A 1 142 ? -10.159 -9.358  -11.781 1.00 44.88 ? 203  ASN A CA  1 
ATOM   1089 C C   . ASN A 1 142 ? -9.683  -8.548  -10.577 1.00 44.42 ? 203  ASN A C   1 
ATOM   1090 O O   . ASN A 1 142 ? -9.437  -9.103  -9.510  1.00 44.55 ? 203  ASN A O   1 
ATOM   1091 C CB  . ASN A 1 142 ? -8.986  -9.637  -12.732 1.00 45.12 ? 203  ASN A CB  1 
ATOM   1092 C CG  . ASN A 1 142 ? -9.306  -10.716 -13.765 1.00 45.90 ? 203  ASN A CG  1 
ATOM   1093 O OD1 . ASN A 1 142 ? -8.521  -11.644 -13.974 1.00 46.72 ? 203  ASN A OD1 1 
ATOM   1094 N ND2 . ASN A 1 142 ? -10.462 -10.603 -14.405 1.00 46.88 ? 203  ASN A ND2 1 
ATOM   1095 N N   . THR A 1 143 ? -9.556  -7.236  -10.754 1.00 43.88 ? 204  THR A N   1 
ATOM   1096 C CA  . THR A 1 143 ? -9.201  -6.345  -9.656  1.00 43.88 ? 204  THR A CA  1 
ATOM   1097 C C   . THR A 1 143 ? -10.208 -6.465  -8.503  1.00 43.71 ? 204  THR A C   1 
ATOM   1098 O O   . THR A 1 143 ? -9.819  -6.544  -7.339  1.00 43.79 ? 204  THR A O   1 
ATOM   1099 C CB  . THR A 1 143 ? -9.125  -4.872  -10.133 1.00 43.71 ? 204  THR A CB  1 
ATOM   1100 O OG1 . THR A 1 143 ? -8.171  -4.754  -11.197 1.00 43.12 ? 204  THR A OG1 1 
ATOM   1101 C CG2 . THR A 1 143 ? -8.721  -3.951  -9.001  1.00 43.70 ? 204  THR A CG2 1 
ATOM   1102 N N   . LEU A 1 144 ? -11.493 -6.475  -8.849  1.00 43.53 ? 205  LEU A N   1 
ATOM   1103 C CA  . LEU A 1 144 ? -12.582 -6.608  -7.880  1.00 43.55 ? 205  LEU A CA  1 
ATOM   1104 C C   . LEU A 1 144 ? -12.571 -7.942  -7.140  1.00 42.85 ? 205  LEU A C   1 
ATOM   1105 O O   . LEU A 1 144 ? -12.785 -7.983  -5.936  1.00 42.43 ? 205  LEU A O   1 
ATOM   1106 C CB  . LEU A 1 144 ? -13.935 -6.427  -8.571  1.00 43.96 ? 205  LEU A CB  1 
ATOM   1107 C CG  . LEU A 1 144 ? -14.318 -4.963  -8.765  1.00 46.38 ? 205  LEU A CG  1 
ATOM   1108 C CD1 . LEU A 1 144 ? -15.418 -4.812  -9.805  1.00 47.70 ? 205  LEU A CD1 1 
ATOM   1109 C CD2 . LEU A 1 144 ? -14.767 -4.377  -7.426  1.00 48.99 ? 205  LEU A CD2 1 
ATOM   1110 N N   . ALA A 1 145 ? -12.337 -9.023  -7.873  1.00 42.33 ? 206  ALA A N   1 
ATOM   1111 C CA  . ALA A 1 145 ? -12.203 -10.336 -7.281  1.00 42.01 ? 206  ALA A CA  1 
ATOM   1112 C C   . ALA A 1 145 ? -11.037 -10.371 -6.295  1.00 41.76 ? 206  ALA A C   1 
ATOM   1113 O O   . ALA A 1 145 ? -11.164 -10.967 -5.231  1.00 41.75 ? 206  ALA A O   1 
ATOM   1114 C CB  . ALA A 1 145 ? -12.027 -11.391 -8.358  1.00 42.11 ? 206  ALA A CB  1 
ATOM   1115 N N   . CYS A 1 146 ? -9.912  -9.734  -6.644  1.00 41.29 ? 207  CYS A N   1 
ATOM   1116 C CA  . CYS A 1 146 ? -8.760  -9.653  -5.735  1.00 41.19 ? 207  CYS A CA  1 
ATOM   1117 C C   . CYS A 1 146 ? -9.115  -8.858  -4.496  1.00 40.76 ? 207  CYS A C   1 
ATOM   1118 O O   . CYS A 1 146 ? -8.772  -9.241  -3.385  1.00 41.23 ? 207  CYS A O   1 
ATOM   1119 C CB  . CYS A 1 146 ? -7.548  -9.001  -6.409  1.00 41.42 ? 207  CYS A CB  1 
ATOM   1120 S SG  . CYS A 1 146 ? -6.752  -9.999  -7.668  1.00 42.92 ? 207  CYS A SG  1 
ATOM   1121 N N   . TYR A 1 147 ? -9.801  -7.742  -4.705  1.00 40.21 ? 208  TYR A N   1 
ATOM   1122 C CA  . TYR A 1 147 ? -10.271 -6.872  -3.621  1.00 39.96 ? 208  TYR A CA  1 
ATOM   1123 C C   . TYR A 1 147 ? -11.149 -7.633  -2.614  1.00 39.90 ? 208  TYR A C   1 
ATOM   1124 O O   . TYR A 1 147 ? -10.870 -7.633  -1.412  1.00 39.79 ? 208  TYR A O   1 
ATOM   1125 C CB  . TYR A 1 147 ? -10.998 -5.673  -4.240  1.00 39.39 ? 208  TYR A CB  1 
ATOM   1126 C CG  . TYR A 1 147 ? -11.903 -4.872  -3.340  1.00 39.68 ? 208  TYR A CG  1 
ATOM   1127 C CD1 . TYR A 1 147 ? -11.391 -3.913  -2.474  1.00 39.12 ? 208  TYR A CD1 1 
ATOM   1128 C CD2 . TYR A 1 147 ? -13.288 -5.020  -3.407  1.00 38.59 ? 208  TYR A CD2 1 
ATOM   1129 C CE1 . TYR A 1 147 ? -12.236 -3.159  -1.664  1.00 38.14 ? 208  TYR A CE1 1 
ATOM   1130 C CE2 . TYR A 1 147 ? -14.122 -4.265  -2.611  1.00 38.17 ? 208  TYR A CE2 1 
ATOM   1131 C CZ  . TYR A 1 147 ? -13.582 -3.335  -1.744  1.00 37.92 ? 208  TYR A CZ  1 
ATOM   1132 O OH  . TYR A 1 147 ? -14.413 -2.584  -0.943  1.00 39.98 ? 208  TYR A OH  1 
ATOM   1133 N N   . ARG A 1 148 ? -12.198 -8.284  -3.107  1.00 39.77 ? 209  ARG A N   1 
ATOM   1134 C CA  A ARG A 1 148 ? -13.103 -9.052  -2.250  0.50 39.53 ? 209  ARG A CA  1 
ATOM   1135 C CA  B ARG A 1 148 ? -13.101 -9.054  -2.248  0.50 39.89 ? 209  ARG A CA  1 
ATOM   1136 C C   . ARG A 1 148 ? -12.381 -10.220 -1.572  1.00 39.74 ? 209  ARG A C   1 
ATOM   1137 O O   . ARG A 1 148 ? -12.601 -10.498 -0.390  1.00 40.02 ? 209  ARG A O   1 
ATOM   1138 C CB  A ARG A 1 148 ? -14.292 -9.572  -3.060  0.50 39.45 ? 209  ARG A CB  1 
ATOM   1139 C CB  B ARG A 1 148 ? -14.296 -9.576  -3.050  0.50 39.88 ? 209  ARG A CB  1 
ATOM   1140 C CG  A ARG A 1 148 ? -15.176 -8.473  -3.661  0.50 38.63 ? 209  ARG A CG  1 
ATOM   1141 C CG  B ARG A 1 148 ? -15.184 -8.479  -3.627  0.50 39.80 ? 209  ARG A CG  1 
ATOM   1142 C CD  A ARG A 1 148 ? -16.438 -9.042  -4.294  0.50 37.91 ? 209  ARG A CD  1 
ATOM   1143 C CD  B ARG A 1 148 ? -16.525 -9.024  -4.094  0.50 39.98 ? 209  ARG A CD  1 
ATOM   1144 N NE  A ARG A 1 148 ? -16.137 -10.168 -5.180  0.50 36.58 ? 209  ARG A NE  1 
ATOM   1145 N NE  B ARG A 1 148 ? -17.177 -8.139  -5.060  0.50 40.35 ? 209  ARG A NE  1 
ATOM   1146 C CZ  A ARG A 1 148 ? -16.072 -10.122 -6.510  0.50 35.16 ? 209  ARG A CZ  1 
ATOM   1147 C CZ  B ARG A 1 148 ? -17.796 -6.994  -4.768  0.50 40.81 ? 209  ARG A CZ  1 
ATOM   1148 N NH1 A ARG A 1 148 ? -16.329 -9.011  -7.187  0.50 33.87 ? 209  ARG A NH1 1 
ATOM   1149 N NH1 B ARG A 1 148 ? -17.866 -6.541  -3.517  0.50 39.60 ? 209  ARG A NH1 1 
ATOM   1150 N NH2 A ARG A 1 148 ? -15.768 -11.228 -7.169  0.50 35.39 ? 209  ARG A NH2 1 
ATOM   1151 N NH2 B ARG A 1 148 ? -18.350 -6.287  -5.747  0.50 41.38 ? 209  ARG A NH2 1 
ATOM   1152 N N   . THR A 1 149 ? -11.517 -10.900 -2.321  1.00 39.96 ? 210  THR A N   1 
ATOM   1153 C CA  . THR A 1 149 ? -10.752 -12.025 -1.787  1.00 40.39 ? 210  THR A CA  1 
ATOM   1154 C C   . THR A 1 149 ? -9.843  -11.599 -0.639  1.00 40.80 ? 210  THR A C   1 
ATOM   1155 O O   . THR A 1 149 ? -9.850  -12.211 0.427   1.00 40.88 ? 210  THR A O   1 
ATOM   1156 C CB  . THR A 1 149 ? -9.880  -12.680 -2.872  1.00 40.34 ? 210  THR A CB  1 
ATOM   1157 O OG1 . THR A 1 149 ? -10.718 -13.170 -3.923  1.00 40.27 ? 210  THR A OG1 1 
ATOM   1158 C CG2 . THR A 1 149 ? -9.060  -13.833 -2.291  1.00 40.25 ? 210  THR A CG2 1 
ATOM   1159 N N   . ILE A 1 150 ? -9.055  -10.557 -0.869  1.00 41.05 ? 211  ILE A N   1 
ATOM   1160 C CA  . ILE A 1 150 ? -8.145  -10.064 0.153   1.00 41.37 ? 211  ILE A CA  1 
ATOM   1161 C C   . ILE A 1 150 ? -8.924  -9.619  1.386   1.00 41.71 ? 211  ILE A C   1 
ATOM   1162 O O   . ILE A 1 150 ? -8.515  -9.915  2.517   1.00 41.94 ? 211  ILE A O   1 
ATOM   1163 C CB  . ILE A 1 150 ? -7.240  -8.924  -0.380  1.00 41.30 ? 211  ILE A CB  1 
ATOM   1164 C CG1 . ILE A 1 150 ? -6.251  -9.478  -1.407  1.00 41.28 ? 211  ILE A CG1 1 
ATOM   1165 C CG2 . ILE A 1 150 ? -6.463  -8.256  0.761   1.00 41.28 ? 211  ILE A CG2 1 
ATOM   1166 C CD1 . ILE A 1 150 ? -5.607  -8.429  -2.275  1.00 41.49 ? 211  ILE A CD1 1 
ATOM   1167 N N   . MET A 1 151 ? -10.050 -8.934  1.175   1.00 41.62 ? 212  MET A N   1 
ATOM   1168 C CA  . MET A 1 151 ? -10.869 -8.469  2.295   1.00 41.76 ? 212  MET A CA  1 
ATOM   1169 C C   . MET A 1 151 ? -11.429 -9.632  3.125   1.00 42.24 ? 212  MET A C   1 
ATOM   1170 O O   . MET A 1 151 ? -11.406 -9.595  4.356   1.00 41.93 ? 212  MET A O   1 
ATOM   1171 C CB  . MET A 1 151 ? -12.018 -7.576  1.815   1.00 41.83 ? 212  MET A CB  1 
ATOM   1172 C CG  . MET A 1 151 ? -12.752 -6.883  2.986   1.00 42.08 ? 212  MET A CG  1 
ATOM   1173 S SD  . MET A 1 151 ? -13.919 -5.587  2.550   1.00 39.32 ? 212  MET A SD  1 
ATOM   1174 C CE  . MET A 1 151 ? -12.898 -4.533  1.549   1.00 42.32 ? 212  MET A CE  1 
ATOM   1175 N N   . GLU A 1 152 ? -11.931 -10.658 2.451   1.00 42.78 ? 213  GLU A N   1 
ATOM   1176 C CA  . GLU A 1 152 ? -12.506 -11.802 3.146   1.00 43.33 ? 213  GLU A CA  1 
ATOM   1177 C C   . GLU A 1 152 ? -11.416 -12.611 3.864   1.00 43.69 ? 213  GLU A C   1 
ATOM   1178 O O   . GLU A 1 152 ? -11.614 -13.057 4.990   1.00 43.09 ? 213  GLU A O   1 
ATOM   1179 C CB  . GLU A 1 152 ? -13.289 -12.679 2.169   1.00 43.03 ? 213  GLU A CB  1 
ATOM   1180 C CG  . GLU A 1 152 ? -13.929 -13.880 2.828   1.00 43.60 ? 213  GLU A CG  1 
ATOM   1181 C CD  . GLU A 1 152 ? -14.924 -14.601 1.942   1.00 43.97 ? 213  GLU A CD  1 
ATOM   1182 O OE1 . GLU A 1 152 ? -15.163 -14.168 0.793   1.00 44.38 ? 213  GLU A OE1 1 
ATOM   1183 O OE2 . GLU A 1 152 ? -15.470 -15.616 2.412   1.00 46.18 ? 213  GLU A OE2 1 
ATOM   1184 N N   . CYS A 1 153 ? -10.267 -12.779 3.212   1.00 44.50 ? 214  CYS A N   1 
ATOM   1185 C CA  . CYS A 1 153 ? -9.129  -13.480 3.812   1.00 45.28 ? 214  CYS A CA  1 
ATOM   1186 C C   . CYS A 1 153 ? -8.648  -12.811 5.100   1.00 46.08 ? 214  CYS A C   1 
ATOM   1187 O O   . CYS A 1 153 ? -8.371  -13.483 6.094   1.00 46.14 ? 214  CYS A O   1 
ATOM   1188 C CB  . CYS A 1 153 ? -7.983  -13.590 2.806   1.00 45.30 ? 214  CYS A CB  1 
ATOM   1189 S SG  . CYS A 1 153 ? -8.286  -14.825 1.536   1.00 44.54 ? 214  CYS A SG  1 
ATOM   1190 N N   . CYS A 1 154 ? -8.579  -11.488 5.086   1.00 47.38 ? 215  CYS A N   1 
ATOM   1191 C CA  . CYS A 1 154 ? -8.192  -10.729 6.267   1.00 47.89 ? 215  CYS A CA  1 
ATOM   1192 C C   . CYS A 1 154 ? -9.169  -10.924 7.433   1.00 48.46 ? 215  CYS A C   1 
ATOM   1193 O O   . CYS A 1 154 ? -8.741  -11.129 8.569   1.00 48.79 ? 215  CYS A O   1 
ATOM   1194 C CB  . CYS A 1 154 ? -8.069  -9.241  5.933   1.00 47.88 ? 215  CYS A CB  1 
ATOM   1195 S SG  . CYS A 1 154 ? -7.711  -8.218  7.391   1.00 49.66 ? 215  CYS A SG  1 
ATOM   1196 N N   . GLN A 1 155 ? -10.472 -10.873 7.152   1.00 48.92 ? 216  GLN A N   1 
ATOM   1197 C CA  . GLN A 1 155 ? -11.485 -10.984 8.209   1.00 49.71 ? 216  GLN A CA  1 
ATOM   1198 C C   . GLN A 1 155 ? -11.505 -12.362 8.853   1.00 49.96 ? 216  GLN A C   1 
ATOM   1199 O O   . GLN A 1 155 ? -11.764 -12.488 10.045  1.00 50.05 ? 216  GLN A O   1 
ATOM   1200 C CB  . GLN A 1 155 ? -12.884 -10.660 7.681   1.00 49.87 ? 216  GLN A CB  1 
ATOM   1201 C CG  . GLN A 1 155 ? -13.019 -9.275  7.094   1.00 51.63 ? 216  GLN A CG  1 
ATOM   1202 C CD  . GLN A 1 155 ? -12.427 -8.183  7.973   1.00 53.56 ? 216  GLN A CD  1 
ATOM   1203 O OE1 . GLN A 1 155 ? -12.697 -8.122  9.174   1.00 55.31 ? 216  GLN A OE1 1 
ATOM   1204 N NE2 . GLN A 1 155 ? -11.616 -7.313  7.371   1.00 55.45 ? 216  GLN A NE2 1 
ATOM   1205 N N   . LYS A 1 156 ? -11.230 -13.385 8.053   1.00 50.44 ? 217  LYS A N   1 
ATOM   1206 C CA  . LYS A 1 156 ? -11.215 -14.759 8.529   1.00 50.83 ? 217  LYS A CA  1 
ATOM   1207 C C   . LYS A 1 156 ? -9.873  -15.195 9.128   1.00 50.93 ? 217  LYS A C   1 
ATOM   1208 O O   . LYS A 1 156 ? -9.851  -16.068 9.991   1.00 51.54 ? 217  LYS A O   1 
ATOM   1209 C CB  . LYS A 1 156 ? -11.639 -15.705 7.397   1.00 50.97 ? 217  LYS A CB  1 
ATOM   1210 C CG  . LYS A 1 156 ? -13.074 -15.451 6.950   1.00 51.47 ? 217  LYS A CG  1 
ATOM   1211 C CD  . LYS A 1 156 ? -13.600 -16.507 5.999   1.00 51.51 ? 217  LYS A CD  1 
ATOM   1212 C CE  . LYS A 1 156 ? -15.100 -16.342 5.799   1.00 52.04 ? 217  LYS A CE  1 
ATOM   1213 N NZ  . LYS A 1 156 ? -15.626 -17.174 4.683   1.00 52.57 ? 217  LYS A NZ  1 
ATOM   1214 N N   . ASN A 1 157 ? -8.773  -14.571 8.710   1.00 50.96 ? 218  ASN A N   1 
ATOM   1215 C CA  A ASN A 1 157 ? -7.424  -14.986 9.116   0.50 50.90 ? 218  ASN A CA  1 
ATOM   1216 C CA  B ASN A 1 157 ? -7.429  -14.984 9.140   0.50 50.91 ? 218  ASN A CA  1 
ATOM   1217 C C   . ASN A 1 157 ? -7.332  -16.488 9.421   1.00 50.87 ? 218  ASN A C   1 
ATOM   1218 O O   . ASN A 1 157 ? -6.971  -16.916 10.526  1.00 50.83 ? 218  ASN A O   1 
ATOM   1219 C CB  A ASN A 1 157 ? -6.897  -14.111 10.269  0.50 51.01 ? 218  ASN A CB  1 
ATOM   1220 C CB  B ASN A 1 157 ? -6.917  -14.142 10.334  0.50 51.02 ? 218  ASN A CB  1 
ATOM   1221 C CG  A ASN A 1 157 ? -6.089  -12.914 9.767   0.50 51.26 ? 218  ASN A CG  1 
ATOM   1222 C CG  B ASN A 1 157 ? -7.894  -14.092 11.502  0.50 51.29 ? 218  ASN A CG  1 
ATOM   1223 O OD1 A ASN A 1 157 ? -5.090  -13.080 9.066   0.50 51.63 ? 218  ASN A OD1 1 
ATOM   1224 O OD1 B ASN A 1 157 ? -8.047  -15.061 12.252  0.50 51.79 ? 218  ASN A OD1 1 
ATOM   1225 N ND2 A ASN A 1 157 ? -6.521  -11.707 10.126  0.50 51.19 ? 218  ASN A ND2 1 
ATOM   1226 N ND2 B ASN A 1 157 ? -8.536  -12.941 11.680  0.50 51.58 ? 218  ASN A ND2 1 
ATOM   1227 N N   . ASP A 1 158 ? -7.676  -17.278 8.404   1.00 50.74 ? 219  ASP A N   1 
ATOM   1228 C CA  . ASP A 1 158 ? -7.540  -18.732 8.422   1.00 50.46 ? 219  ASP A CA  1 
ATOM   1229 C C   . ASP A 1 158 ? -6.861  -19.090 7.114   1.00 49.87 ? 219  ASP A C   1 
ATOM   1230 O O   . ASP A 1 158 ? -7.535  -19.285 6.103   1.00 49.90 ? 219  ASP A O   1 
ATOM   1231 C CB  . ASP A 1 158 ? -8.907  -19.420 8.475   1.00 50.72 ? 219  ASP A CB  1 
ATOM   1232 C CG  . ASP A 1 158 ? -9.670  -19.116 9.734   1.00 51.75 ? 219  ASP A CG  1 
ATOM   1233 O OD1 . ASP A 1 158 ? -9.025  -18.869 10.774  1.00 53.19 ? 219  ASP A OD1 1 
ATOM   1234 O OD2 . ASP A 1 158 ? -10.920 -19.132 9.683   1.00 53.05 ? 219  ASP A OD2 1 
ATOM   1235 N N   . THR A 1 159 ? -5.536  -19.181 7.133   1.00 49.21 ? 220  THR A N   1 
ATOM   1236 C CA  . THR A 1 159 ? -4.758  -19.304 5.897   1.00 48.93 ? 220  THR A CA  1 
ATOM   1237 C C   . THR A 1 159 ? -5.166  -20.495 5.030   1.00 48.42 ? 220  THR A C   1 
ATOM   1238 O O   . THR A 1 159 ? -5.021  -20.452 3.809   1.00 48.61 ? 220  THR A O   1 
ATOM   1239 C CB  . THR A 1 159 ? -3.246  -19.378 6.182   1.00 48.86 ? 220  THR A CB  1 
ATOM   1240 O OG1 . THR A 1 159 ? -2.974  -20.469 7.070   1.00 49.10 ? 220  THR A OG1 1 
ATOM   1241 C CG2 . THR A 1 159 ? -2.758  -18.073 6.802   1.00 48.77 ? 220  THR A CG2 1 
ATOM   1242 N N   . ALA A 1 160 ? -5.694  -21.540 5.660   1.00 47.91 ? 221  ALA A N   1 
ATOM   1243 C CA  . ALA A 1 160 ? -6.156  -22.730 4.946   1.00 47.54 ? 221  ALA A CA  1 
ATOM   1244 C C   . ALA A 1 160 ? -7.455  -22.491 4.178   1.00 47.07 ? 221  ALA A C   1 
ATOM   1245 O O   . ALA A 1 160 ? -7.811  -23.281 3.304   1.00 47.00 ? 221  ALA A O   1 
ATOM   1246 C CB  . ALA A 1 160 ? -6.330  -23.895 5.919   1.00 47.54 ? 221  ALA A CB  1 
ATOM   1247 N N   . ALA A 1 161 ? -8.166  -21.418 4.518   1.00 46.45 ? 222  ALA A N   1 
ATOM   1248 C CA  . ALA A 1 161 ? -9.415  -21.071 3.842   1.00 45.98 ? 222  ALA A CA  1 
ATOM   1249 C C   . ALA A 1 161 ? -9.182  -20.162 2.630   1.00 45.42 ? 222  ALA A C   1 
ATOM   1250 O O   . ALA A 1 161 ? -10.071 -20.025 1.789   1.00 45.05 ? 222  ALA A O   1 
ATOM   1251 C CB  . ALA A 1 161 ? -10.375 -20.412 4.824   1.00 45.86 ? 222  ALA A CB  1 
ATOM   1252 N N   . PHE A 1 162 ? -7.992  -19.563 2.539   1.00 45.04 ? 223  PHE A N   1 
ATOM   1253 C CA  . PHE A 1 162 ? -7.657  -18.603 1.472   1.00 44.88 ? 223  PHE A CA  1 
ATOM   1254 C C   . PHE A 1 162 ? -7.958  -19.152 0.079   1.00 44.67 ? 223  PHE A C   1 
ATOM   1255 O O   . PHE A 1 162 ? -8.613  -18.487 -0.727  1.00 44.30 ? 223  PHE A O   1 
ATOM   1256 C CB  . PHE A 1 162 ? -6.175  -18.198 1.542   1.00 44.63 ? 223  PHE A CB  1 
ATOM   1257 C CG  . PHE A 1 162 ? -5.818  -17.293 2.708   1.00 44.60 ? 223  PHE A CG  1 
ATOM   1258 C CD1 . PHE A 1 162 ? -6.738  -16.966 3.710   1.00 45.04 ? 223  PHE A CD1 1 
ATOM   1259 C CD2 . PHE A 1 162 ? -4.522  -16.811 2.826   1.00 44.45 ? 223  PHE A CD2 1 
ATOM   1260 C CE1 . PHE A 1 162 ? -6.373  -16.143 4.777   1.00 44.70 ? 223  PHE A CE1 1 
ATOM   1261 C CE2 . PHE A 1 162 ? -4.154  -15.991 3.886   1.00 44.66 ? 223  PHE A CE2 1 
ATOM   1262 C CZ  . PHE A 1 162 ? -5.082  -15.659 4.864   1.00 44.74 ? 223  PHE A CZ  1 
ATOM   1263 N N   . LYS A 1 163 ? -7.484  -20.366 -0.192  1.00 44.76 ? 224  LYS A N   1 
ATOM   1264 C CA  . LYS A 1 163 ? -7.696  -21.025 -1.483  1.00 44.78 ? 224  LYS A CA  1 
ATOM   1265 C C   . LYS A 1 163 ? -9.179  -21.106 -1.844  1.00 44.49 ? 224  LYS A C   1 
ATOM   1266 O O   . LYS A 1 163 ? -9.565  -20.773 -2.964  1.00 44.22 ? 224  LYS A O   1 
ATOM   1267 C CB  . LYS A 1 163 ? -7.087  -22.429 -1.470  1.00 45.07 ? 224  LYS A CB  1 
ATOM   1268 C CG  . LYS A 1 163 ? -6.850  -23.016 -2.849  1.00 45.42 ? 224  LYS A CG  1 
ATOM   1269 C CD  . LYS A 1 163 ? -6.089  -24.336 -2.756  1.00 46.12 ? 224  LYS A CD  1 
ATOM   1270 C CE  . LYS A 1 163 ? -5.621  -24.837 -4.130  1.00 47.41 ? 224  LYS A CE  1 
ATOM   1271 N NZ  . LYS A 1 163 ? -6.617  -25.756 -4.760  1.00 48.88 ? 224  LYS A NZ  1 
ATOM   1272 N N   . ASP A 1 164 ? -10.005 -21.538 -0.892  1.00 44.15 ? 225  ASP A N   1 
ATOM   1273 C CA  . ASP A 1 164 ? -11.452 -21.646 -1.116  1.00 44.01 ? 225  ASP A CA  1 
ATOM   1274 C C   . ASP A 1 164 ? -12.128 -20.295 -1.287  1.00 43.79 ? 225  ASP A C   1 
ATOM   1275 O O   . ASP A 1 164 ? -13.069 -20.170 -2.070  1.00 43.64 ? 225  ASP A O   1 
ATOM   1276 C CB  . ASP A 1 164 ? -12.133 -22.390 0.034   1.00 43.98 ? 225  ASP A CB  1 
ATOM   1277 C CG  . ASP A 1 164 ? -12.156 -23.888 -0.170  1.00 44.06 ? 225  ASP A CG  1 
ATOM   1278 O OD1 . ASP A 1 164 ? -11.463 -24.390 -1.083  1.00 44.82 ? 225  ASP A OD1 1 
ATOM   1279 O OD2 . ASP A 1 164 ? -12.877 -24.561 0.589   1.00 43.47 ? 225  ASP A OD2 1 
ATOM   1280 N N   . ILE A 1 165 ? -11.667 -19.298 -0.536  1.00 43.64 ? 226  ILE A N   1 
ATOM   1281 C CA  . ILE A 1 165 ? -12.224 -17.950 -0.635  1.00 43.82 ? 226  ILE A CA  1 
ATOM   1282 C C   . ILE A 1 165 ? -11.990 -17.392 -2.039  1.00 43.76 ? 226  ILE A C   1 
ATOM   1283 O O   . ILE A 1 165 ? -12.911 -16.853 -2.649  1.00 43.26 ? 226  ILE A O   1 
ATOM   1284 C CB  . ILE A 1 165 ? -11.632 -17.002 0.436   1.00 43.48 ? 226  ILE A CB  1 
ATOM   1285 C CG1 . ILE A 1 165 ? -12.124 -17.405 1.828   1.00 43.60 ? 226  ILE A CG1 1 
ATOM   1286 C CG2 . ILE A 1 165 ? -12.011 -15.549 0.149   1.00 43.56 ? 226  ILE A CG2 1 
ATOM   1287 C CD1 . ILE A 1 165 ? -11.238 -16.925 2.959   1.00 43.75 ? 226  ILE A CD1 1 
ATOM   1288 N N   . ALA A 1 166 ? -10.765 -17.544 -2.541  1.00 44.11 ? 227  ALA A N   1 
ATOM   1289 C CA  . ALA A 1 166 ? -10.400 -17.072 -3.885  1.00 44.69 ? 227  ALA A CA  1 
ATOM   1290 C C   . ALA A 1 166 ? -11.166 -17.816 -4.971  1.00 45.08 ? 227  ALA A C   1 
ATOM   1291 O O   . ALA A 1 166 ? -11.640 -17.207 -5.925  1.00 44.92 ? 227  ALA A O   1 
ATOM   1292 C CB  . ALA A 1 166 ? -8.914  -17.221 -4.111  1.00 44.56 ? 227  ALA A CB  1 
ATOM   1293 N N   . LYS A 1 167 ? -11.284 -19.132 -4.816  1.00 45.88 ? 228  LYS A N   1 
ATOM   1294 C CA  . LYS A 1 167 ? -12.024 -19.977 -5.756  1.00 46.46 ? 228  LYS A CA  1 
ATOM   1295 C C   . LYS A 1 167 ? -13.458 -19.474 -5.929  1.00 46.90 ? 228  LYS A C   1 
ATOM   1296 O O   . LYS A 1 167 ? -13.936 -19.300 -7.049  1.00 46.88 ? 228  LYS A O   1 
ATOM   1297 C CB  . LYS A 1 167 ? -12.018 -21.426 -5.262  1.00 46.64 ? 228  LYS A CB  1 
ATOM   1298 C CG  . LYS A 1 167 ? -12.736 -22.432 -6.150  1.00 46.65 ? 228  LYS A CG  1 
ATOM   1299 C CD  . LYS A 1 167 ? -12.603 -23.838 -5.575  1.00 47.05 ? 228  LYS A CD  1 
ATOM   1300 C CE  . LYS A 1 167 ? -13.644 -24.795 -6.146  1.00 47.74 ? 228  LYS A CE  1 
ATOM   1301 N NZ  . LYS A 1 167 ? -13.594 -26.138 -5.492  1.00 47.83 ? 228  LYS A NZ  1 
ATOM   1302 N N   . ARG A 1 168 ? -14.129 -19.229 -4.810  1.00 47.42 ? 229  ARG A N   1 
ATOM   1303 C CA  . ARG A 1 168 ? -15.470 -18.666 -4.819  1.00 47.75 ? 229  ARG A CA  1 
ATOM   1304 C C   . ARG A 1 168 ? -15.501 -17.264 -5.439  1.00 47.90 ? 229  ARG A C   1 
ATOM   1305 O O   . ARG A 1 168 ? -16.298 -17.001 -6.337  1.00 47.64 ? 229  ARG A O   1 
ATOM   1306 C CB  . ARG A 1 168 ? -16.028 -18.640 -3.393  1.00 47.80 ? 229  ARG A CB  1 
ATOM   1307 C CG  . ARG A 1 168 ? -17.419 -18.054 -3.270  1.00 47.83 ? 229  ARG A CG  1 
ATOM   1308 C CD  . ARG A 1 168 ? -18.123 -18.511 -1.999  1.00 49.05 ? 229  ARG A CD  1 
ATOM   1309 N NE  . ARG A 1 168 ? -17.202 -18.757 -0.889  1.00 50.30 ? 229  ARG A NE  1 
ATOM   1310 C CZ  . ARG A 1 168 ? -16.573 -17.813 -0.185  1.00 51.35 ? 229  ARG A CZ  1 
ATOM   1311 N NH1 . ARG A 1 168 ? -16.744 -16.518 -0.462  1.00 50.96 ? 229  ARG A NH1 1 
ATOM   1312 N NH2 . ARG A 1 168 ? -15.759 -18.174 0.804   1.00 51.74 ? 229  ARG A NH2 1 
ATOM   1313 N N   . GLN A 1 169 ? -14.626 -16.376 -4.972  1.00 48.29 ? 230  GLN A N   1 
ATOM   1314 C CA  . GLN A 1 169 ? -14.622 -14.981 -5.436  1.00 48.80 ? 230  GLN A CA  1 
ATOM   1315 C C   . GLN A 1 169 ? -14.296 -14.845 -6.935  1.00 49.31 ? 230  GLN A C   1 
ATOM   1316 O O   . GLN A 1 169 ? -14.815 -13.955 -7.599  1.00 49.18 ? 230  GLN A O   1 
ATOM   1317 C CB  . GLN A 1 169 ? -13.655 -14.130 -4.602  1.00 48.29 ? 230  GLN A CB  1 
ATOM   1318 C CG  . GLN A 1 169 ? -14.023 -13.971 -3.120  1.00 47.65 ? 230  GLN A CG  1 
ATOM   1319 C CD  . GLN A 1 169 ? -15.252 -13.117 -2.884  1.00 46.92 ? 230  GLN A CD  1 
ATOM   1320 O OE1 . GLN A 1 169 ? -15.882 -12.649 -3.824  1.00 45.80 ? 230  GLN A OE1 1 
ATOM   1321 N NE2 . GLN A 1 169 ? -15.607 -12.922 -1.618  1.00 46.73 ? 230  GLN A NE2 1 
ATOM   1322 N N   . PHE A 1 170 ? -13.452 -15.730 -7.459  1.00 50.28 ? 231  PHE A N   1 
ATOM   1323 C CA  . PHE A 1 170 ? -13.137 -15.762 -8.893  1.00 51.62 ? 231  PHE A CA  1 
ATOM   1324 C C   . PHE A 1 170 ? -14.032 -16.710 -9.722  1.00 52.92 ? 231  PHE A C   1 
ATOM   1325 O O   . PHE A 1 170 ? -13.698 -17.021 -10.867 1.00 53.43 ? 231  PHE A O   1 
ATOM   1326 C CB  . PHE A 1 170 ? -11.669 -16.162 -9.099  1.00 51.02 ? 231  PHE A CB  1 
ATOM   1327 C CG  . PHE A 1 170 ? -10.686 -15.056 -8.824  1.00 50.66 ? 231  PHE A CG  1 
ATOM   1328 C CD1 . PHE A 1 170 ? -10.222 -14.252 -9.861  1.00 50.34 ? 231  PHE A CD1 1 
ATOM   1329 C CD2 . PHE A 1 170 ? -10.210 -14.829 -7.539  1.00 49.84 ? 231  PHE A CD2 1 
ATOM   1330 C CE1 . PHE A 1 170 ? -9.311  -13.236 -9.614  1.00 49.95 ? 231  PHE A CE1 1 
ATOM   1331 C CE2 . PHE A 1 170 ? -9.292  -13.820 -7.289  1.00 50.11 ? 231  PHE A CE2 1 
ATOM   1332 C CZ  . PHE A 1 170 ? -8.847  -13.022 -8.327  1.00 50.05 ? 231  PHE A CZ  1 
ATOM   1333 N N   . LYS A 1 171 ? -15.172 -17.144 -9.205  1.00 20.00 ? 232  LYS A N   1 
ATOM   1334 C CA  . LYS A 1 171 ? -15.998 -18.176 -9.819  1.00 20.00 ? 232  LYS A CA  1 
ATOM   1335 C C   . LYS A 1 171 ? -16.325 -17.831 -11.269 1.00 20.00 ? 232  LYS A C   1 
ATOM   1336 O O   . LYS A 1 171 ? -16.272 -18.738 -12.137 1.00 56.76 ? 232  LYS A O   1 
ATOM   1337 C CB  . LYS A 1 171 ? -17.288 -18.372 -9.021  1.00 20.00 ? 232  LYS A CB  1 
ATOM   1338 N N   . GLU A 1 172 ? -16.690 -16.596 -11.556 1.00 20.00 ? 233  GLU A N   1 
ATOM   1339 C CA  . GLU A 1 172 ? -17.174 -16.189 -12.870 1.00 20.00 ? 233  GLU A CA  1 
ATOM   1340 C C   . GLU A 1 172 ? -16.064 -15.546 -13.692 1.00 20.00 ? 233  GLU A C   1 
ATOM   1341 O O   . GLU A 1 172 ? -16.354 -14.654 -14.524 1.00 60.61 ? 233  GLU A O   1 
ATOM   1342 C CB  . GLU A 1 172 ? -18.353 -15.224 -12.730 1.00 20.00 ? 233  GLU A CB  1 
ATOM   1343 N N   . ILE A 1 173 ? -14.827 -15.983 -13.539 1.00 61.46 ? 234  ILE A N   1 
ATOM   1344 C CA  . ILE A 1 173 ? -13.680 -15.390 -14.235 1.00 62.13 ? 234  ILE A CA  1 
ATOM   1345 C C   . ILE A 1 173 ? -12.829 -16.473 -14.894 1.00 63.03 ? 234  ILE A C   1 
ATOM   1346 O O   . ILE A 1 173 ? -12.426 -17.436 -14.239 1.00 63.18 ? 234  ILE A O   1 
ATOM   1347 C CB  . ILE A 1 173 ? -12.813 -14.534 -13.262 1.00 62.17 ? 234  ILE A CB  1 
ATOM   1348 C CG1 . ILE A 1 173 ? -13.500 -13.191 -12.991 1.00 62.21 ? 234  ILE A CG1 1 
ATOM   1349 C CG2 . ILE A 1 173 ? -11.405 -14.292 -13.824 1.00 61.93 ? 234  ILE A CG2 1 
ATOM   1350 C CD1 . ILE A 1 173 ? -13.027 -12.495 -11.746 1.00 61.87 ? 234  ILE A CD1 1 
ATOM   1351 N N   . LEU A 1 174 ? -12.559 -16.310 -16.185 1.00 20.00 ? 235  LEU A N   1 
ATOM   1352 C CA  . LEU A 1 174 ? -11.819 -17.309 -16.945 1.00 20.00 ? 235  LEU A CA  1 
ATOM   1353 C C   . LEU A 1 174 ? -10.328 -17.246 -16.634 1.00 20.00 ? 235  LEU A C   1 
ATOM   1354 O O   . LEU A 1 174 ? -9.592  -16.462 -17.233 1.00 65.72 ? 235  LEU A O   1 
ATOM   1355 C CB  . LEU A 1 174 ? -12.052 -17.121 -18.446 1.00 20.00 ? 235  LEU A CB  1 
ATOM   1356 N N   . THR A 1 175 ? -9.889  -18.078 -15.694 1.00 20.00 ? 236  THR A N   1 
ATOM   1357 C CA  . THR A 1 175 ? -8.472  -18.186 -15.369 1.00 20.00 ? 236  THR A CA  1 
ATOM   1358 C C   . THR A 1 175 ? -8.247  -19.137 -14.199 1.00 20.00 ? 236  THR A C   1 
ATOM   1359 O O   . THR A 1 175 ? -7.755  -20.252 -14.378 1.00 66.64 ? 236  THR A O   1 
ATOM   1360 C CB  . THR A 1 175 ? -7.865  -16.813 -15.026 1.00 20.00 ? 236  THR A CB  1 
ATOM   1361 O OG1 . THR A 1 175 ? -8.825  -16.029 -14.306 1.00 20.00 ? 236  THR A OG1 1 
ATOM   1362 C CG2 . THR A 1 175 ? -7.464  -16.076 -16.295 1.00 20.00 ? 236  THR A CG2 1 
HETATM 1363 O O   . HOH B 2 .   ? 2.468   -0.239  14.161  1.00 58.91 ? 2001 HOH A O   1 
HETATM 1364 O O   . HOH B 2 .   ? 11.644  3.817   13.955  1.00 59.86 ? 2002 HOH A O   1 
HETATM 1365 O O   . HOH B 2 .   ? 9.179   -2.381  5.319   1.00 52.02 ? 2003 HOH A O   1 
HETATM 1366 O O   . HOH B 2 .   ? -5.547  20.330  1.664   1.00 45.37 ? 2004 HOH A O   1 
HETATM 1367 O O   . HOH B 2 .   ? -3.666  21.496  -0.319  1.00 45.23 ? 2005 HOH A O   1 
HETATM 1368 O O   . HOH B 2 .   ? -4.040  21.285  -3.147  1.00 63.46 ? 2006 HOH A O   1 
HETATM 1369 O O   . HOH B 2 .   ? 2.898   24.109  -3.934  1.00 61.82 ? 2007 HOH A O   1 
HETATM 1370 O O   . HOH B 2 .   ? 6.253   22.105  3.011   1.00 55.17 ? 2008 HOH A O   1 
HETATM 1371 O O   . HOH B 2 .   ? -1.242  6.315   12.074  1.00 66.59 ? 2009 HOH A O   1 
HETATM 1372 O O   . HOH B 2 .   ? -3.743  11.388  8.920   1.00 52.26 ? 2010 HOH A O   1 
HETATM 1373 O O   . HOH B 2 .   ? -1.340  9.333   9.217   1.00 48.53 ? 2011 HOH A O   1 
HETATM 1374 O O   . HOH B 2 .   ? 3.474   11.875  11.993  1.00 53.66 ? 2012 HOH A O   1 
HETATM 1375 O O   . HOH B 2 .   ? 1.350   15.809  11.617  1.00 72.78 ? 2013 HOH A O   1 
HETATM 1376 O O   . HOH B 2 .   ? -1.985  15.640  11.444  1.00 63.19 ? 2014 HOH A O   1 
HETATM 1377 O O   . HOH B 2 .   ? 0.397   7.522   10.712  1.00 59.28 ? 2015 HOH A O   1 
HETATM 1378 O O   . HOH B 2 .   ? 11.357  12.061  -9.675  1.00 42.79 ? 2016 HOH A O   1 
HETATM 1379 O O   . HOH B 2 .   ? 16.346  12.150  -14.160 1.00 55.80 ? 2017 HOH A O   1 
HETATM 1380 O O   . HOH B 2 .   ? 18.643  15.702  -9.131  1.00 46.76 ? 2018 HOH A O   1 
HETATM 1381 O O   . HOH B 2 .   ? -16.405 -5.485  -12.904 1.00 65.38 ? 2019 HOH A O   1 
HETATM 1382 O O   . HOH B 2 .   ? 9.995   14.385  -8.768  1.00 71.58 ? 2020 HOH A O   1 
HETATM 1383 O O   . HOH B 2 .   ? 5.698   12.943  -9.059  1.00 56.62 ? 2021 HOH A O   1 
HETATM 1384 O O   . HOH B 2 .   ? -5.842  18.980  -7.192  1.00 60.69 ? 2022 HOH A O   1 
HETATM 1385 O O   . HOH B 2 .   ? 14.378  0.124   -8.657  1.00 58.61 ? 2023 HOH A O   1 
HETATM 1386 O O   . HOH B 2 .   ? -4.135  19.085  -5.243  1.00 52.47 ? 2024 HOH A O   1 
HETATM 1387 O O   . HOH B 2 .   ? -1.752  13.224  -9.994  1.00 51.80 ? 2025 HOH A O   1 
HETATM 1388 O O   . HOH B 2 .   ? -4.683  9.182   -8.707  1.00 43.94 ? 2026 HOH A O   1 
HETATM 1389 O O   . HOH B 2 .   ? 4.776   -4.207  -1.529  1.00 50.03 ? 2027 HOH A O   1 
HETATM 1390 O O   . HOH B 2 .   ? 2.436   17.570  6.588   1.00 62.28 ? 2028 HOH A O   1 
HETATM 1391 O O   . HOH B 2 .   ? 7.201   18.398  13.129  1.00 69.35 ? 2029 HOH A O   1 
HETATM 1392 O O   . HOH B 2 .   ? 9.495   15.368  4.973   1.00 50.32 ? 2030 HOH A O   1 
HETATM 1393 O O   . HOH B 2 .   ? 10.046  13.491  3.226   1.00 38.56 ? 2031 HOH A O   1 
HETATM 1394 O O   . HOH B 2 .   ? 12.739  13.347  3.006   1.00 48.39 ? 2032 HOH A O   1 
HETATM 1395 O O   . HOH B 2 .   ? -7.447  -10.774 -17.717 1.00 58.27 ? 2033 HOH A O   1 
HETATM 1396 O O   . HOH B 2 .   ? -16.976 -7.898  -11.846 1.00 53.88 ? 2034 HOH A O   1 
HETATM 1397 O O   . HOH B 2 .   ? -16.299 -11.801 -11.230 1.00 58.86 ? 2035 HOH A O   1 
HETATM 1398 O O   . HOH B 2 .   ? 8.758   7.625   -6.995  1.00 39.18 ? 2036 HOH A O   1 
HETATM 1399 O O   . HOH B 2 .   ? 21.275  2.377   0.761   1.00 72.81 ? 2037 HOH A O   1 
HETATM 1400 O O   . HOH B 2 .   ? 17.556  9.394   -7.423  1.00 33.68 ? 2038 HOH A O   1 
HETATM 1401 O O   . HOH B 2 .   ? 12.916  5.580   -11.224 1.00 35.95 ? 2039 HOH A O   1 
HETATM 1402 O O   . HOH B 2 .   ? 12.176  2.788   -11.946 1.00 52.21 ? 2040 HOH A O   1 
HETATM 1403 O O   . HOH B 2 .   ? 12.564  1.379   -9.967  1.00 45.24 ? 2041 HOH A O   1 
HETATM 1404 O O   . HOH B 2 .   ? 3.967   3.322   -7.421  1.00 48.40 ? 2042 HOH A O   1 
HETATM 1405 O O   . HOH B 2 .   ? 4.742   9.154   -8.447  1.00 39.28 ? 2043 HOH A O   1 
HETATM 1406 O O   . HOH B 2 .   ? -5.207  3.363   -7.325  1.00 31.84 ? 2044 HOH A O   1 
HETATM 1407 O O   . HOH B 2 .   ? -4.017  7.543   -6.815  1.00 27.70 ? 2045 HOH A O   1 
HETATM 1408 O O   . HOH B 2 .   ? 0.132   2.840   -10.371 1.00 42.92 ? 2046 HOH A O   1 
HETATM 1409 O O   . HOH B 2 .   ? 0.299   9.743   -12.920 1.00 73.18 ? 2047 HOH A O   1 
HETATM 1410 O O   . HOH B 2 .   ? -3.405  11.265  -11.505 1.00 71.71 ? 2048 HOH A O   1 
HETATM 1411 O O   . HOH B 2 .   ? -6.982  -1.191  -13.794 1.00 69.31 ? 2049 HOH A O   1 
HETATM 1412 O O   . HOH B 2 .   ? -6.649  5.812   -9.514  1.00 40.84 ? 2050 HOH A O   1 
HETATM 1413 O O   . HOH B 2 .   ? -9.569  -0.734  -10.694 1.00 53.10 ? 2051 HOH A O   1 
HETATM 1414 O O   . HOH B 2 .   ? -7.661  3.521   -5.776  1.00 52.70 ? 2052 HOH A O   1 
HETATM 1415 O O   . HOH B 2 .   ? -10.297 1.443   -3.374  1.00 47.75 ? 2053 HOH A O   1 
HETATM 1416 O O   . HOH B 2 .   ? -11.139 0.719   -0.994  1.00 63.19 ? 2054 HOH A O   1 
HETATM 1417 O O   . HOH B 2 .   ? -9.697  2.558   2.383   1.00 61.44 ? 2055 HOH A O   1 
HETATM 1418 O O   . HOH B 2 .   ? -11.529 -1.624  2.840   1.00 52.70 ? 2056 HOH A O   1 
HETATM 1419 O O   . HOH B 2 .   ? -4.492  -4.072  13.593  1.00 47.89 ? 2057 HOH A O   1 
HETATM 1420 O O   . HOH B 2 .   ? -3.043  -6.183  14.081  1.00 63.10 ? 2058 HOH A O   1 
HETATM 1421 O O   . HOH B 2 .   ? -3.739  -11.020 11.034  1.00 64.40 ? 2059 HOH A O   1 
HETATM 1422 O O   . HOH B 2 .   ? 10.901  -7.624  9.659   1.00 70.14 ? 2060 HOH A O   1 
HETATM 1423 O O   . HOH B 2 .   ? 5.494   -9.896  -0.410  1.00 66.02 ? 2061 HOH A O   1 
HETATM 1424 O O   . HOH B 2 .   ? 10.236  -6.195  1.754   1.00 67.08 ? 2062 HOH A O   1 
HETATM 1425 O O   . HOH B 2 .   ? 9.529   -15.531 5.359   1.00 65.97 ? 2063 HOH A O   1 
HETATM 1426 O O   . HOH B 2 .   ? 3.538   -13.097 1.800   1.00 49.54 ? 2064 HOH A O   1 
HETATM 1427 O O   . HOH B 2 .   ? 1.933   -16.731 -1.182  1.00 46.92 ? 2065 HOH A O   1 
HETATM 1428 O O   . HOH B 2 .   ? 1.096   -14.218 0.639   1.00 46.67 ? 2066 HOH A O   1 
HETATM 1429 O O   . HOH B 2 .   ? 0.225   -19.525 -7.504  1.00 53.62 ? 2067 HOH A O   1 
HETATM 1430 O O   . HOH B 2 .   ? -5.656  -20.491 -5.678  1.00 46.63 ? 2068 HOH A O   1 
HETATM 1431 O O   . HOH B 2 .   ? -0.179  -14.701 -11.596 1.00 64.39 ? 2069 HOH A O   1 
HETATM 1432 O O   . HOH B 2 .   ? -2.491  -16.744 -14.129 1.00 63.17 ? 2070 HOH A O   1 
HETATM 1433 O O   . HOH B 2 .   ? 3.450   -11.023 -16.122 1.00 49.34 ? 2071 HOH A O   1 
HETATM 1434 O O   . HOH B 2 .   ? -4.165  -8.751  -14.731 1.00 40.36 ? 2072 HOH A O   1 
HETATM 1435 O O   . HOH B 2 .   ? 1.206   -11.422 -10.659 1.00 49.48 ? 2073 HOH A O   1 
HETATM 1436 O O   . HOH B 2 .   ? 1.225   0.454   -11.271 1.00 56.64 ? 2074 HOH A O   1 
HETATM 1437 O O   . HOH B 2 .   ? -0.109  -2.782  -15.338 1.00 66.93 ? 2075 HOH A O   1 
HETATM 1438 O O   . HOH B 2 .   ? 4.927   -3.190  -4.341  1.00 55.36 ? 2076 HOH A O   1 
HETATM 1439 O O   . HOH B 2 .   ? -6.997  4.658   1.436   1.00 58.87 ? 2077 HOH A O   1 
HETATM 1440 O O   . HOH B 2 .   ? -6.869  -9.056  -15.330 1.00 40.08 ? 2078 HOH A O   1 
HETATM 1441 O O   . HOH B 2 .   ? -11.659 -3.887  -17.392 1.00 53.90 ? 2079 HOH A O   1 
HETATM 1442 O O   . HOH B 2 .   ? -15.382 -9.488  -10.135 1.00 39.48 ? 2080 HOH A O   1 
HETATM 1443 O O   . HOH B 2 .   ? -11.676 -11.143 -16.743 1.00 58.22 ? 2081 HOH A O   1 
HETATM 1444 O O   . HOH B 2 .   ? -8.723  -2.686  -12.640 1.00 47.46 ? 2082 HOH A O   1 
HETATM 1445 O O   . HOH B 2 .   ? -13.227 -0.693  0.951   1.00 56.01 ? 2083 HOH A O   1 
HETATM 1446 O O   . HOH B 2 .   ? -10.407 -22.373 8.110   1.00 64.70 ? 2084 HOH A O   1 
HETATM 1447 O O   . HOH B 2 .   ? -5.377  -21.744 1.554   1.00 59.44 ? 2085 HOH A O   1 
HETATM 1448 O O   . HOH B 2 .   ? -6.772  -21.991 8.499   1.00 69.87 ? 2086 HOH A O   1 
HETATM 1449 O O   . HOH B 2 .   ? -9.208  -23.334 1.201   1.00 48.17 ? 2087 HOH A O   1 
HETATM 1450 O O   . HOH B 2 .   ? -8.208  -20.812 -5.221  1.00 44.04 ? 2088 HOH A O   1 
HETATM 1451 O O   . HOH B 2 .   ? -14.709 -22.441 -2.765  1.00 54.86 ? 2089 HOH A O   1 
HETATM 1452 O O   . HOH B 2 .   ? -14.431 -23.333 2.435   1.00 55.98 ? 2090 HOH A O   1 
HETATM 1453 O O   . HOH B 2 .   ? -9.050  -25.764 0.047   1.00 63.59 ? 2091 HOH A O   1 
HETATM 1454 O O   . HOH B 2 .   ? -12.815 -20.057 -9.352  1.00 56.38 ? 2092 HOH A O   1 
HETATM 1455 O O   . HOH B 2 .   ? -18.884 -15.074 -2.476  1.00 55.71 ? 2093 HOH A O   1 
HETATM 1456 O O   . HOH B 2 .   ? -16.145 -14.068 -10.053 1.00 55.30 ? 2094 HOH A O   1 
HETATM 1457 O O   . HOH B 2 .   ? -12.100 -18.926 -11.683 1.00 80.95 ? 2095 HOH A O   1 
HETATM 1458 O O   . HOH B 2 .   ? -7.660  -14.520 -15.368 1.00 64.40 ? 2096 HOH A O   1 
# 
